data_9MF6
#
_entry.id   9MF6
#
_cell.length_a   86.960
_cell.length_b   86.960
_cell.length_c   473.874
_cell.angle_alpha   90.00
_cell.angle_beta   90.00
_cell.angle_gamma   90.00
#
_symmetry.space_group_name_H-M   'P 43 21 2'
#
loop_
_entity.id
_entity.type
_entity.pdbx_description
1 polymer 'Pyrophosphate--fructose 6-phosphate 1-phosphotransferase 1'
2 non-polymer 5-O-phosphono-alpha-D-ribofuranose
3 non-polymer 'ADENOSINE MONOPHOSPHATE'
4 non-polymer 'MAGNESIUM ION'
5 non-polymer PYROPHOSPHATE
6 water water
#
_entity_poly.entity_id   1
_entity_poly.type   'polypeptide(L)'
_entity_poly.pdbx_seq_one_letter_code
;MAHHHHHHMSTEAPVLGILCGGGPAPGLNGVIAGATLYALRLGWKVIGFMEGFKYLCTGDVDVVKAHTIDLTYDIVSRIH
FQGGTIIQTSRANPRKSPELQENVRKCLRALKVRYFLTIGGDDTASSAVSVASGMNGNEISVISCPKTIDNDLPLPADQS
TFGFHTARSLGMEIIRNLMVDSKSAPRWFLVEAMGRSAGHLALGMAEASGAHLCLIPEEFKQDEIEFEDVVELVEATILK
RLAYGKNYGVCVLAEGLVSKMSKKALYKLFGNREPPTDPHGHILLDDAELARSLSEELLKRLGNLGIRITPKKIGYELRC
ADPVAFDAVYTRELGYGAIDAFLNGHSAALIVRENGQVKPVQFKDLLDPATGRVRTRLVDVTSQSFKVARVYMWRMSKKD
YENKDLVARVAAAGKMTPEAFTEKFAHLTDVVVE
;
_entity_poly.pdbx_strand_id   A,B,C,D
#
# COMPACT_ATOMS: atom_id res chain seq x y z
N ALA A 13 16.03 -9.77 40.35
CA ALA A 13 15.43 -9.57 39.03
C ALA A 13 16.49 -9.10 38.03
N PRO A 14 16.94 -9.98 37.13
CA PRO A 14 18.00 -9.59 36.19
C PRO A 14 17.53 -8.50 35.25
N VAL A 15 18.48 -7.68 34.81
CA VAL A 15 18.21 -6.50 34.00
C VAL A 15 18.69 -6.76 32.58
N LEU A 16 17.82 -6.49 31.61
CA LEU A 16 18.13 -6.57 30.19
C LEU A 16 18.17 -5.15 29.65
N GLY A 17 19.29 -4.78 29.04
CA GLY A 17 19.43 -3.46 28.45
C GLY A 17 19.58 -3.54 26.95
N ILE A 18 18.74 -2.80 26.22
CA ILE A 18 18.65 -2.92 24.76
C ILE A 18 18.92 -1.55 24.16
N LEU A 19 19.77 -1.51 23.13
CA LEU A 19 19.99 -0.30 22.34
C LEU A 19 19.96 -0.66 20.87
N CYS A 20 19.95 0.38 20.02
CA CYS A 20 20.04 0.23 18.58
C CYS A 20 21.21 1.06 18.07
N GLY A 21 21.92 0.53 17.09
CA GLY A 21 23.06 1.22 16.52
C GLY A 21 22.98 1.26 15.01
N GLY A 22 23.59 2.31 14.44
CA GLY A 22 23.59 2.48 13.01
C GLY A 22 22.28 3.06 12.49
N GLY A 23 22.20 3.13 11.16
CA GLY A 23 21.00 3.59 10.51
C GLY A 23 19.83 2.66 10.78
N PRO A 24 18.62 3.22 10.90
CA PRO A 24 17.46 2.37 11.17
C PRO A 24 17.19 1.39 10.04
N ALA A 25 16.50 0.30 10.38
CA ALA A 25 16.06 -0.69 9.40
C ALA A 25 14.71 -1.22 9.86
N PRO A 26 13.79 -1.52 8.94
CA PRO A 26 12.49 -2.06 9.36
C PRO A 26 12.66 -3.35 10.16
N GLY A 27 11.92 -3.44 11.26
CA GLY A 27 11.95 -4.61 12.12
C GLY A 27 12.69 -4.41 13.42
N LEU A 28 13.36 -3.27 13.61
CA LEU A 28 14.00 -3.00 14.89
C LEU A 28 13.01 -3.15 16.04
N ASN A 29 11.84 -2.54 15.90
CA ASN A 29 10.79 -2.69 16.91
C ASN A 29 10.38 -4.15 17.06
N GLY A 30 10.48 -4.93 15.98
CA GLY A 30 10.17 -6.35 16.08
C GLY A 30 11.17 -7.09 16.97
N VAL A 31 12.45 -6.75 16.84
CA VAL A 31 13.45 -7.35 17.71
C VAL A 31 13.24 -6.93 19.15
N ILE A 32 12.96 -5.63 19.37
CA ILE A 32 12.77 -5.13 20.72
C ILE A 32 11.55 -5.77 21.36
N ALA A 33 10.47 -5.94 20.58
CA ALA A 33 9.25 -6.51 21.14
C ALA A 33 9.41 -8.00 21.41
N GLY A 34 10.08 -8.73 20.50
CA GLY A 34 10.29 -10.14 20.73
C GLY A 34 11.18 -10.41 21.93
N ALA A 35 12.25 -9.63 22.07
CA ALA A 35 13.16 -9.81 23.20
C ALA A 35 12.52 -9.34 24.51
N THR A 36 11.86 -8.19 24.47
CA THR A 36 11.28 -7.64 25.69
C THR A 36 10.11 -8.48 26.18
N LEU A 37 9.24 -8.91 25.27
CA LEU A 37 8.06 -9.66 25.68
C LEU A 37 8.44 -11.00 26.31
N TYR A 38 9.40 -11.71 25.72
CA TYR A 38 9.85 -12.97 26.30
C TYR A 38 10.51 -12.72 27.66
N ALA A 39 11.44 -11.77 27.71
CA ALA A 39 12.09 -11.43 28.98
C ALA A 39 11.07 -11.05 30.04
N LEU A 40 9.97 -10.42 29.65
CA LEU A 40 8.92 -10.10 30.60
C LEU A 40 8.28 -11.35 31.18
N ARG A 41 8.07 -12.37 30.34
CA ARG A 41 7.50 -13.62 30.84
C ARG A 41 8.43 -14.32 31.82
N LEU A 42 9.75 -14.24 31.58
CA LEU A 42 10.72 -14.81 32.52
C LEU A 42 10.84 -13.99 33.80
N GLY A 43 10.15 -12.86 33.91
CA GLY A 43 10.23 -12.01 35.08
C GLY A 43 11.36 -11.01 35.07
N TRP A 44 12.07 -10.87 33.95
CA TRP A 44 13.16 -9.91 33.87
C TRP A 44 12.62 -8.49 33.81
N LYS A 45 13.46 -7.55 34.23
CA LYS A 45 13.21 -6.13 34.05
C LYS A 45 13.98 -5.67 32.81
N VAL A 46 13.30 -4.97 31.92
CA VAL A 46 13.87 -4.57 30.64
C VAL A 46 13.94 -3.06 30.58
N ILE A 47 15.06 -2.54 30.05
CA ILE A 47 15.28 -1.12 29.86
C ILE A 47 15.83 -0.90 28.46
N GLY A 48 15.73 0.33 27.99
CA GLY A 48 16.23 0.68 26.66
C GLY A 48 17.01 1.98 26.66
N PHE A 49 18.18 1.96 26.04
CA PHE A 49 19.03 3.14 25.96
C PHE A 49 18.71 3.93 24.70
N MET A 50 18.46 5.23 24.87
CA MET A 50 18.11 6.08 23.74
C MET A 50 19.35 6.39 22.91
N GLU A 51 19.14 6.53 21.60
CA GLU A 51 20.18 6.95 20.66
C GLU A 51 21.40 6.03 20.71
N GLY A 52 21.21 4.77 21.10
CA GLY A 52 22.27 3.78 21.00
C GLY A 52 23.46 4.01 21.91
N PHE A 53 24.64 4.12 21.31
CA PHE A 53 25.88 4.33 22.05
C PHE A 53 26.21 5.80 22.27
N LYS A 54 25.36 6.72 21.81
CA LYS A 54 25.70 8.14 21.86
C LYS A 54 26.06 8.56 23.28
N TYR A 55 25.29 8.09 24.27
CA TYR A 55 25.47 8.52 25.65
C TYR A 55 26.14 7.49 26.54
N LEU A 56 26.09 6.21 26.19
CA LEU A 56 26.92 5.24 26.91
C LEU A 56 28.40 5.47 26.65
N CYS A 57 28.74 6.08 25.51
CA CYS A 57 30.13 6.40 25.22
C CYS A 57 30.65 7.56 26.05
N THR A 58 29.78 8.37 26.63
CA THR A 58 30.22 9.59 27.31
C THR A 58 30.84 9.30 28.67
N GLY A 59 30.35 8.28 29.38
CA GLY A 59 30.81 7.98 30.71
C GLY A 59 30.12 8.75 31.81
N ASP A 60 29.43 9.84 31.47
CA ASP A 60 28.65 10.59 32.45
C ASP A 60 27.39 9.80 32.79
N VAL A 61 27.47 8.96 33.83
CA VAL A 61 26.37 8.06 34.15
C VAL A 61 25.11 8.84 34.51
N ASP A 62 25.25 10.07 35.00
CA ASP A 62 24.07 10.89 35.25
C ASP A 62 23.32 11.17 33.96
N VAL A 63 24.04 11.52 32.88
CA VAL A 63 23.39 11.79 31.61
C VAL A 63 22.79 10.51 31.03
N VAL A 64 23.47 9.38 31.22
CA VAL A 64 22.99 8.12 30.67
C VAL A 64 21.62 7.76 31.25
N LYS A 65 21.48 7.88 32.56
CA LYS A 65 20.24 7.51 33.22
C LYS A 65 19.06 8.35 32.75
N ALA A 66 19.31 9.62 32.42
CA ALA A 66 18.23 10.48 31.95
C ALA A 66 17.62 9.93 30.66
N HIS A 67 18.46 9.51 29.73
CA HIS A 67 17.99 8.98 28.44
C HIS A 67 17.96 7.46 28.47
N THR A 68 17.15 6.93 29.38
CA THR A 68 16.85 5.51 29.48
C THR A 68 15.37 5.37 29.82
N ILE A 69 14.75 4.29 29.33
CA ILE A 69 13.33 4.05 29.56
C ILE A 69 13.11 2.59 29.94
N ASP A 70 12.00 2.35 30.62
CA ASP A 70 11.60 1.00 31.01
C ASP A 70 10.73 0.42 29.90
N LEU A 71 11.15 -0.70 29.33
CA LEU A 71 10.40 -1.37 28.28
C LEU A 71 9.39 -2.31 28.92
N THR A 72 8.12 -1.93 28.87
CA THR A 72 7.03 -2.64 29.51
C THR A 72 6.17 -3.33 28.46
N TYR A 73 5.21 -4.13 28.94
CA TYR A 73 4.32 -4.84 28.03
C TYR A 73 3.52 -3.85 27.18
N ASP A 74 2.98 -2.81 27.81
CA ASP A 74 2.17 -1.84 27.07
C ASP A 74 3.01 -1.14 26.01
N ILE A 75 4.28 -0.88 26.31
CA ILE A 75 5.14 -0.15 25.39
C ILE A 75 5.35 -0.95 24.11
N VAL A 76 5.60 -2.25 24.23
CA VAL A 76 6.13 -3.04 23.12
C VAL A 76 5.13 -4.03 22.52
N SER A 77 3.94 -4.19 23.11
CA SER A 77 3.04 -5.24 22.66
C SER A 77 2.57 -5.04 21.23
N ARG A 78 2.62 -3.82 20.69
CA ARG A 78 2.11 -3.56 19.35
C ARG A 78 3.10 -2.82 18.46
N ILE A 79 4.37 -2.70 18.86
CA ILE A 79 5.35 -2.05 18.01
C ILE A 79 5.86 -2.95 16.90
N HIS A 80 5.47 -4.23 16.89
CA HIS A 80 5.86 -5.09 15.78
C HIS A 80 5.21 -4.65 14.47
N PHE A 81 4.17 -3.81 14.55
CA PHE A 81 3.57 -3.23 13.35
C PHE A 81 4.36 -2.04 12.80
N GLN A 82 5.25 -1.45 13.59
CA GLN A 82 5.80 -0.13 13.29
C GLN A 82 7.27 -0.20 12.89
N GLY A 83 7.61 0.52 11.81
CA GLY A 83 8.99 0.75 11.46
C GLY A 83 9.62 1.82 12.33
N GLY A 84 10.92 1.97 12.18
CA GLY A 84 11.67 2.85 13.07
C GLY A 84 12.06 2.13 14.35
N THR A 85 12.44 2.92 15.35
CA THR A 85 12.81 2.36 16.65
C THR A 85 12.33 3.31 17.76
N ILE A 86 11.66 2.74 18.76
CA ILE A 86 11.12 3.56 19.84
C ILE A 86 12.21 4.06 20.77
N ILE A 87 13.40 3.46 20.72
CA ILE A 87 14.54 3.90 21.52
C ILE A 87 15.59 4.59 20.65
N GLN A 88 15.24 4.95 19.41
CA GLN A 88 16.12 5.70 18.54
C GLN A 88 17.44 4.97 18.31
N THR A 89 18.38 5.63 17.62
CA THR A 89 19.66 5.01 17.31
C THR A 89 20.67 6.12 16.97
N SER A 90 21.95 5.79 17.12
CA SER A 90 23.03 6.67 16.70
C SER A 90 24.14 5.82 16.11
N ARG A 91 25.10 6.49 15.46
CA ARG A 91 26.25 5.83 14.85
C ARG A 91 27.50 5.92 15.71
N ALA A 92 27.36 6.32 16.97
CA ALA A 92 28.53 6.44 17.85
C ALA A 92 29.27 5.13 17.91
N ASN A 93 30.61 5.21 17.86
CA ASN A 93 31.48 4.04 17.73
C ASN A 93 32.44 3.96 18.91
N PRO A 94 32.08 3.23 19.97
CA PRO A 94 33.05 3.04 21.06
C PRO A 94 34.30 2.27 20.66
N ARG A 95 34.26 1.54 19.56
CA ARG A 95 35.43 0.80 19.10
C ARG A 95 36.50 1.70 18.50
N LYS A 96 36.30 3.01 18.49
CA LYS A 96 37.28 3.91 17.91
C LYS A 96 38.50 4.09 18.80
N SER A 97 38.31 4.12 20.11
CA SER A 97 39.39 4.38 21.04
C SER A 97 39.29 3.42 22.22
N PRO A 98 40.37 3.26 23.00
CA PRO A 98 40.34 2.27 24.08
C PRO A 98 39.40 2.63 25.23
N GLU A 99 39.22 3.91 25.59
CA GLU A 99 38.22 4.22 26.62
C GLU A 99 36.83 4.37 26.03
N LEU A 100 36.70 4.63 24.74
CA LEU A 100 35.36 4.63 24.19
C LEU A 100 34.66 3.33 24.56
N GLN A 101 35.41 2.23 24.68
CA GLN A 101 34.87 1.01 25.23
C GLN A 101 34.76 1.09 26.75
N GLU A 102 35.69 1.79 27.38
CA GLU A 102 35.71 1.84 28.84
C GLU A 102 34.49 2.57 29.39
N ASN A 103 34.09 3.70 28.77
CA ASN A 103 32.93 4.43 29.26
C ASN A 103 31.70 3.54 29.24
N VAL A 104 31.51 2.80 28.14
CA VAL A 104 30.36 1.90 28.03
C VAL A 104 30.39 0.87 29.14
N ARG A 105 31.57 0.28 29.39
CA ARG A 105 31.68 -0.71 30.45
C ARG A 105 31.33 -0.12 31.81
N LYS A 106 31.75 1.13 32.06
CA LYS A 106 31.50 1.76 33.34
C LYS A 106 30.02 2.04 33.54
N CYS A 107 29.37 2.61 32.51
CA CYS A 107 27.95 2.92 32.63
C CYS A 107 27.10 1.67 32.77
N LEU A 108 27.42 0.61 32.00
CA LEU A 108 26.67 -0.63 32.11
C LEU A 108 26.78 -1.23 33.51
N ARG A 109 27.99 -1.23 34.08
CA ARG A 109 28.16 -1.76 35.42
C ARG A 109 27.37 -0.94 36.44
N ALA A 110 27.36 0.38 36.28
CA ALA A 110 26.63 1.23 37.21
C ALA A 110 25.14 0.92 37.21
N LEU A 111 24.56 0.68 36.02
CA LEU A 111 23.16 0.31 35.93
C LEU A 111 22.92 -1.15 36.30
N LYS A 112 23.98 -1.95 36.46
CA LYS A 112 23.85 -3.35 36.85
C LYS A 112 22.96 -4.11 35.88
N VAL A 113 23.32 -4.03 34.60
CA VAL A 113 22.60 -4.74 33.54
C VAL A 113 23.33 -6.06 33.29
N ARG A 114 22.62 -7.17 33.51
CA ARG A 114 23.21 -8.49 33.31
C ARG A 114 23.33 -8.83 31.83
N TYR A 115 22.28 -8.58 31.05
CA TYR A 115 22.23 -8.97 29.65
C TYR A 115 22.17 -7.71 28.79
N PHE A 116 23.13 -7.57 27.87
CA PHE A 116 23.24 -6.40 27.01
C PHE A 116 23.03 -6.83 25.57
N LEU A 117 22.01 -6.25 24.93
CA LEU A 117 21.58 -6.64 23.59
C LEU A 117 21.71 -5.43 22.68
N THR A 118 22.62 -5.52 21.70
CA THR A 118 22.76 -4.50 20.68
C THR A 118 22.05 -4.96 19.41
N ILE A 119 21.41 -4.01 18.72
CA ILE A 119 20.66 -4.29 17.50
C ILE A 119 21.24 -3.37 16.43
N GLY A 120 22.14 -3.89 15.62
CA GLY A 120 22.81 -3.08 14.61
C GLY A 120 23.54 -3.95 13.61
N GLY A 121 24.22 -3.28 12.68
CA GLY A 121 24.86 -3.92 11.54
C GLY A 121 26.34 -4.16 11.76
N ASP A 122 27.12 -4.03 10.68
CA ASP A 122 28.55 -4.34 10.75
C ASP A 122 29.28 -3.40 11.71
N ASP A 123 29.00 -2.10 11.64
CA ASP A 123 29.67 -1.14 12.52
C ASP A 123 29.25 -1.33 13.97
N THR A 124 27.97 -1.67 14.20
CA THR A 124 27.48 -1.83 15.56
C THR A 124 28.05 -3.09 16.22
N ALA A 125 28.14 -4.18 15.47
CA ALA A 125 28.66 -5.42 16.03
C ALA A 125 30.13 -5.28 16.41
N SER A 126 30.92 -4.61 15.57
CA SER A 126 32.33 -4.39 15.90
C SER A 126 32.45 -3.56 17.17
N SER A 127 31.57 -2.57 17.34
CA SER A 127 31.53 -1.82 18.60
C SER A 127 31.20 -2.74 19.76
N ALA A 128 30.27 -3.67 19.56
CA ALA A 128 29.88 -4.59 20.64
C ALA A 128 31.04 -5.49 21.03
N VAL A 129 31.85 -5.92 20.06
CA VAL A 129 33.01 -6.74 20.37
C VAL A 129 34.07 -5.92 21.10
N SER A 130 34.24 -4.65 20.70
CA SER A 130 35.21 -3.79 21.35
C SER A 130 34.89 -3.58 22.82
N VAL A 131 33.63 -3.74 23.22
CA VAL A 131 33.24 -3.62 24.62
C VAL A 131 33.16 -4.99 25.31
N ALA A 132 33.06 -6.07 24.55
CA ALA A 132 32.94 -7.42 25.12
C ALA A 132 34.35 -7.97 25.35
N SER A 133 34.99 -7.47 26.41
CA SER A 133 36.30 -7.98 26.82
C SER A 133 36.42 -8.10 28.34
N GLY A 134 35.35 -7.88 29.09
CA GLY A 134 35.40 -7.95 30.54
C GLY A 134 34.26 -8.77 31.11
N GLU A 139 29.94 -11.32 34.16
CA GLU A 139 29.17 -10.30 34.87
C GLU A 139 28.15 -9.66 33.92
N ILE A 140 28.52 -9.52 32.65
CA ILE A 140 27.62 -8.95 31.65
C ILE A 140 27.87 -9.65 30.31
N SER A 141 26.85 -10.33 29.80
CA SER A 141 26.92 -10.98 28.50
C SER A 141 26.45 -10.02 27.41
N VAL A 142 26.98 -10.21 26.21
CA VAL A 142 26.75 -9.30 25.09
C VAL A 142 26.32 -10.11 23.88
N ILE A 143 25.13 -9.82 23.36
CA ILE A 143 24.61 -10.46 22.15
C ILE A 143 24.14 -9.36 21.21
N SER A 144 24.35 -9.55 19.92
CA SER A 144 23.93 -8.61 18.90
C SER A 144 22.92 -9.27 17.97
N CYS A 145 22.26 -8.44 17.16
CA CYS A 145 21.33 -8.93 16.14
C CYS A 145 21.66 -8.29 14.80
N PRO A 146 21.42 -9.02 13.69
CA PRO A 146 21.84 -8.55 12.36
C PRO A 146 20.89 -7.57 11.67
N LYS A 147 21.03 -6.30 12.03
CA LYS A 147 20.26 -5.23 11.40
C LYS A 147 21.07 -4.66 10.24
N THR A 148 20.50 -4.74 9.04
CA THR A 148 20.98 -3.92 7.93
C THR A 148 20.06 -4.06 6.71
N ILE A 149 19.70 -2.95 6.08
CA ILE A 149 19.00 -3.03 4.81
C ILE A 149 19.95 -3.30 3.65
N ASP A 150 21.26 -3.29 3.91
CA ASP A 150 22.29 -3.57 2.91
C ASP A 150 22.59 -5.05 2.75
N ASN A 151 22.05 -5.90 3.64
CA ASN A 151 22.18 -7.35 3.50
C ASN A 151 23.63 -7.80 3.50
N ASP A 152 24.51 -7.02 4.15
CA ASP A 152 25.95 -7.18 4.03
C ASP A 152 26.62 -7.75 5.27
N LEU A 153 25.86 -8.33 6.20
CA LEU A 153 26.47 -9.06 7.29
C LEU A 153 26.77 -10.50 6.85
N PRO A 154 27.74 -11.16 7.50
CA PRO A 154 28.18 -12.49 7.07
C PRO A 154 27.29 -13.64 7.53
N LEU A 155 25.98 -13.52 7.28
CA LEU A 155 25.05 -14.59 7.58
C LEU A 155 25.22 -15.72 6.56
N PRO A 156 24.73 -16.92 6.87
CA PRO A 156 24.79 -18.04 5.91
C PRO A 156 24.27 -17.65 4.54
N ALA A 157 24.67 -18.42 3.52
CA ALA A 157 24.33 -18.06 2.14
C ALA A 157 22.82 -18.11 1.91
N ASP A 158 22.34 -17.21 1.07
CA ASP A 158 20.93 -17.09 0.69
C ASP A 158 20.05 -16.69 1.86
N GLN A 159 20.63 -16.31 3.00
CA GLN A 159 19.90 -15.93 4.19
C GLN A 159 20.08 -14.43 4.41
N SER A 160 18.96 -13.71 4.49
CA SER A 160 18.98 -12.26 4.52
C SER A 160 19.04 -11.72 5.94
N THR A 161 19.65 -10.54 6.09
CA THR A 161 19.53 -9.77 7.31
C THR A 161 18.17 -9.07 7.34
N PHE A 162 17.63 -8.88 8.53
CA PHE A 162 16.28 -8.34 8.60
C PHE A 162 16.28 -6.86 8.20
N GLY A 163 15.14 -6.44 7.65
CA GLY A 163 15.00 -5.13 7.05
C GLY A 163 15.31 -5.10 5.58
N PHE A 164 16.06 -6.09 5.07
CA PHE A 164 16.42 -6.08 3.65
C PHE A 164 15.22 -6.40 2.77
N HIS A 165 14.38 -7.36 3.18
CA HIS A 165 13.19 -7.67 2.41
C HIS A 165 12.28 -6.45 2.30
N THR A 166 12.06 -5.75 3.42
CA THR A 166 11.17 -4.59 3.40
C THR A 166 11.74 -3.48 2.53
N ALA A 167 13.03 -3.20 2.65
CA ALA A 167 13.64 -2.14 1.86
C ALA A 167 13.59 -2.47 0.37
N ARG A 168 13.82 -3.74 0.03
CA ARG A 168 13.76 -4.15 -1.37
C ARG A 168 12.33 -4.05 -1.91
N SER A 169 11.35 -4.45 -1.10
CA SER A 169 9.97 -4.44 -1.56
C SER A 169 9.49 -3.01 -1.83
N LEU A 170 9.72 -2.11 -0.88
CA LEU A 170 9.30 -0.72 -1.09
C LEU A 170 10.11 -0.07 -2.20
N GLY A 171 11.37 -0.43 -2.34
CA GLY A 171 12.15 0.08 -3.45
C GLY A 171 11.61 -0.38 -4.77
N MET A 172 11.15 -1.64 -4.84
CA MET A 172 10.55 -2.14 -6.07
C MET A 172 9.31 -1.33 -6.42
N GLU A 173 8.49 -1.00 -5.42
CA GLU A 173 7.26 -0.25 -5.68
C GLU A 173 7.57 1.16 -6.16
N ILE A 174 8.60 1.80 -5.59
CA ILE A 174 8.99 3.13 -6.06
C ILE A 174 9.45 3.07 -7.50
N ILE A 175 10.29 2.07 -7.83
CA ILE A 175 10.80 1.97 -9.19
C ILE A 175 9.68 1.61 -10.15
N ARG A 176 8.67 0.86 -9.70
CA ARG A 176 7.54 0.57 -10.57
C ARG A 176 6.91 1.87 -11.06
N ASN A 177 6.69 2.82 -10.15
CA ASN A 177 6.14 4.11 -10.55
C ASN A 177 7.06 4.82 -11.53
N LEU A 178 8.37 4.77 -11.28
CA LEU A 178 9.33 5.33 -12.22
C LEU A 178 9.35 4.57 -13.55
N MET A 179 8.96 3.30 -13.54
CA MET A 179 8.91 2.54 -14.80
C MET A 179 7.72 2.96 -15.63
N VAL A 180 6.55 3.13 -15.00
CA VAL A 180 5.38 3.57 -15.73
C VAL A 180 5.60 4.98 -16.28
N ASP A 181 6.30 5.82 -15.52
CA ASP A 181 6.52 7.19 -15.97
C ASP A 181 7.55 7.24 -17.11
N SER A 182 8.60 6.43 -17.02
CA SER A 182 9.63 6.44 -18.07
C SER A 182 9.07 5.97 -19.40
N LYS A 183 8.03 5.14 -19.39
CA LYS A 183 7.43 4.67 -20.62
C LYS A 183 6.30 5.60 -21.09
N SER A 184 5.46 6.06 -20.17
CA SER A 184 4.35 6.92 -20.55
C SER A 184 4.86 8.23 -21.14
N ALA A 185 5.88 8.82 -20.53
CA ALA A 185 6.57 10.01 -21.05
C ALA A 185 8.02 9.61 -21.27
N PRO A 186 8.40 9.19 -22.48
CA PRO A 186 9.72 8.59 -22.68
C PRO A 186 10.85 9.35 -22.00
N ARG A 187 11.50 8.66 -21.06
CA ARG A 187 12.57 9.23 -20.27
C ARG A 187 13.38 8.08 -19.71
N TRP A 188 14.61 8.39 -19.31
CA TRP A 188 15.48 7.46 -18.60
C TRP A 188 15.63 7.97 -17.17
N PHE A 189 15.44 7.09 -16.20
CA PHE A 189 15.68 7.39 -14.80
C PHE A 189 16.97 6.70 -14.37
N LEU A 190 17.86 7.45 -13.74
CA LEU A 190 19.06 6.90 -13.10
C LEU A 190 18.78 6.89 -11.60
N VAL A 191 18.45 5.73 -11.08
CA VAL A 191 18.14 5.55 -9.66
C VAL A 191 19.43 5.25 -8.92
N GLU A 192 19.74 6.06 -7.92
CA GLU A 192 20.87 5.84 -7.02
C GLU A 192 20.34 5.24 -5.73
N ALA A 193 20.71 3.99 -5.45
CA ALA A 193 20.29 3.29 -4.24
C ALA A 193 21.32 3.50 -3.14
N MET A 194 20.84 3.97 -1.98
CA MET A 194 21.73 4.30 -0.88
C MET A 194 22.42 3.05 -0.33
N GLY A 195 23.66 3.21 0.09
CA GLY A 195 24.48 2.12 0.57
C GLY A 195 25.76 1.95 -0.23
N ARG A 196 26.90 2.05 0.44
CA ARG A 196 28.20 2.00 -0.23
C ARG A 196 28.98 0.72 0.04
N SER A 197 28.44 -0.21 0.84
CA SER A 197 29.21 -1.40 1.21
C SER A 197 29.01 -2.57 0.25
N ALA A 198 27.79 -2.77 -0.24
CA ALA A 198 27.49 -3.92 -1.07
C ALA A 198 26.36 -3.56 -2.03
N GLY A 199 26.15 -4.44 -3.02
CA GLY A 199 25.17 -4.22 -4.05
C GLY A 199 23.89 -5.01 -3.87
N HIS A 200 23.68 -5.63 -2.71
CA HIS A 200 22.49 -6.46 -2.53
C HIS A 200 21.22 -5.64 -2.76
N LEU A 201 21.11 -4.49 -2.09
CA LEU A 201 19.88 -3.71 -2.17
C LEU A 201 19.62 -3.23 -3.59
N ALA A 202 20.66 -2.70 -4.26
CA ALA A 202 20.48 -2.21 -5.62
C ALA A 202 20.07 -3.34 -6.56
N LEU A 203 20.72 -4.50 -6.43
CA LEU A 203 20.41 -5.62 -7.31
C LEU A 203 19.03 -6.17 -7.06
N GLY A 204 18.60 -6.21 -5.79
CA GLY A 204 17.29 -6.73 -5.47
C GLY A 204 16.18 -5.85 -6.00
N MET A 205 16.32 -4.53 -5.80
CA MET A 205 15.34 -3.59 -6.33
C MET A 205 15.25 -3.69 -7.85
N ALA A 206 16.40 -3.75 -8.52
CA ALA A 206 16.41 -3.71 -9.99
C ALA A 206 15.83 -4.99 -10.58
N GLU A 207 16.24 -6.14 -10.04
CA GLU A 207 15.74 -7.40 -10.57
C GLU A 207 14.23 -7.52 -10.37
N ALA A 208 13.75 -7.16 -9.17
CA ALA A 208 12.32 -7.30 -8.87
C ALA A 208 11.47 -6.34 -9.67
N SER A 209 11.96 -5.14 -9.94
CA SER A 209 11.22 -4.15 -10.69
C SER A 209 11.42 -4.24 -12.20
N GLY A 210 12.28 -5.16 -12.66
CA GLY A 210 12.58 -5.25 -14.08
C GLY A 210 13.32 -4.06 -14.64
N ALA A 211 14.19 -3.43 -13.84
CA ALA A 211 15.02 -2.36 -14.35
C ALA A 211 15.96 -2.87 -15.44
N HIS A 212 16.22 -2.02 -16.42
CA HIS A 212 16.97 -2.45 -17.60
C HIS A 212 18.45 -2.63 -17.31
N LEU A 213 19.01 -1.86 -16.39
CA LEU A 213 20.42 -2.00 -16.07
C LEU A 213 20.61 -1.91 -14.57
N CYS A 214 21.61 -2.63 -14.07
CA CYS A 214 22.06 -2.47 -12.71
C CYS A 214 23.57 -2.50 -12.67
N LEU A 215 24.17 -1.59 -11.92
CA LEU A 215 25.62 -1.52 -11.76
C LEU A 215 25.94 -1.57 -10.27
N ILE A 216 26.75 -2.53 -9.86
CA ILE A 216 27.16 -2.68 -8.47
C ILE A 216 28.67 -2.83 -8.45
N PRO A 217 29.37 -2.38 -7.40
CA PRO A 217 30.83 -2.48 -7.40
C PRO A 217 31.33 -3.91 -7.48
N GLU A 218 30.53 -4.91 -7.09
CA GLU A 218 30.99 -6.29 -7.10
C GLU A 218 31.29 -6.80 -8.50
N GLU A 219 30.76 -6.15 -9.53
CA GLU A 219 30.91 -6.66 -10.89
C GLU A 219 32.10 -6.06 -11.62
N PHE A 220 32.83 -5.12 -11.03
CA PHE A 220 34.00 -4.52 -11.67
C PHE A 220 35.25 -5.29 -11.28
N LYS A 221 36.05 -5.66 -12.27
CA LYS A 221 37.22 -6.50 -12.03
C LYS A 221 38.32 -5.73 -11.31
N GLN A 222 38.78 -4.63 -11.92
CA GLN A 222 39.79 -3.81 -11.27
C GLN A 222 39.21 -3.22 -9.99
N ASP A 223 40.08 -3.08 -8.98
CA ASP A 223 39.61 -2.60 -7.68
C ASP A 223 39.40 -1.10 -7.63
N GLU A 224 39.79 -0.37 -8.68
CA GLU A 224 39.48 1.05 -8.81
C GLU A 224 38.73 1.29 -10.11
N ILE A 225 37.69 2.11 -10.03
CA ILE A 225 36.76 2.34 -11.14
C ILE A 225 37.02 3.71 -11.72
N GLU A 226 36.86 3.83 -13.03
CA GLU A 226 37.01 5.10 -13.72
C GLU A 226 35.66 5.69 -14.07
N PHE A 227 35.53 7.01 -13.92
CA PHE A 227 34.26 7.68 -14.20
C PHE A 227 33.83 7.44 -15.64
N GLU A 228 34.78 7.47 -16.58
CA GLU A 228 34.44 7.29 -17.98
C GLU A 228 33.80 5.93 -18.22
N ASP A 229 34.31 4.88 -17.58
CA ASP A 229 33.74 3.55 -17.77
C ASP A 229 32.30 3.48 -17.27
N VAL A 230 32.01 4.10 -16.13
CA VAL A 230 30.66 4.08 -15.59
C VAL A 230 29.71 4.78 -16.55
N VAL A 231 30.12 5.94 -17.07
CA VAL A 231 29.28 6.67 -18.02
C VAL A 231 29.01 5.80 -19.25
N GLU A 232 30.06 5.16 -19.77
CA GLU A 232 29.91 4.39 -21.00
C GLU A 232 29.07 3.13 -20.79
N LEU A 233 29.09 2.56 -19.58
CA LEU A 233 28.27 1.37 -19.33
C LEU A 233 26.78 1.70 -19.47
N VAL A 234 26.36 2.84 -18.90
CA VAL A 234 24.98 3.27 -19.09
C VAL A 234 24.75 3.64 -20.54
N GLU A 235 25.75 4.27 -21.18
CA GLU A 235 25.60 4.69 -22.57
C GLU A 235 25.32 3.51 -23.48
N ALA A 236 26.04 2.40 -23.28
CA ALA A 236 25.82 1.22 -24.11
C ALA A 236 24.40 0.71 -23.98
N THR A 237 23.86 0.69 -22.75
CA THR A 237 22.49 0.23 -22.54
C THR A 237 21.48 1.15 -23.23
N ILE A 238 21.67 2.47 -23.09
CA ILE A 238 20.73 3.41 -23.70
C ILE A 238 20.76 3.29 -25.22
N LEU A 239 21.96 3.20 -25.80
CA LEU A 239 22.05 3.05 -27.25
C LEU A 239 21.39 1.75 -27.70
N LYS A 240 21.63 0.65 -26.98
CA LYS A 240 21.06 -0.64 -27.39
C LYS A 240 19.54 -0.59 -27.36
N ARG A 241 18.97 0.05 -26.34
CA ARG A 241 17.53 0.22 -26.28
C ARG A 241 17.03 1.02 -27.48
N LEU A 242 17.76 2.07 -27.86
CA LEU A 242 17.39 2.83 -29.05
C LEU A 242 17.39 1.95 -30.30
N ALA A 243 18.40 1.09 -30.42
CA ALA A 243 18.47 0.19 -31.56
C ALA A 243 17.21 -0.66 -31.68
N TYR A 244 16.55 -0.95 -30.55
CA TYR A 244 15.35 -1.77 -30.54
C TYR A 244 14.07 -0.96 -30.37
N GLY A 245 14.13 0.33 -30.69
CA GLY A 245 12.93 1.15 -30.75
C GLY A 245 12.52 1.83 -29.46
N LYS A 246 13.18 1.55 -28.34
CA LYS A 246 12.82 2.14 -27.06
C LYS A 246 13.80 3.25 -26.72
N ASN A 247 13.26 4.44 -26.42
CA ASN A 247 14.05 5.59 -26.00
C ASN A 247 13.81 5.92 -24.53
N TYR A 248 13.65 4.89 -23.71
CA TYR A 248 13.36 5.08 -22.29
C TYR A 248 13.81 3.84 -21.52
N GLY A 249 13.97 4.03 -20.21
CA GLY A 249 14.33 2.92 -19.35
C GLY A 249 14.59 3.40 -17.93
N VAL A 250 15.04 2.47 -17.11
CA VAL A 250 15.43 2.72 -15.73
C VAL A 250 16.73 1.98 -15.46
N CYS A 251 17.68 2.66 -14.85
CA CYS A 251 18.99 2.10 -14.53
C CYS A 251 19.25 2.31 -13.05
N VAL A 252 19.55 1.24 -12.34
CA VAL A 252 19.81 1.30 -10.90
C VAL A 252 21.31 1.22 -10.67
N LEU A 253 21.83 2.14 -9.87
CA LEU A 253 23.25 2.22 -9.54
C LEU A 253 23.39 2.13 -8.04
N ALA A 254 24.13 1.13 -7.56
CA ALA A 254 24.55 1.13 -6.18
C ALA A 254 25.48 2.33 -5.95
N GLU A 255 25.25 3.07 -4.86
CA GLU A 255 26.10 4.23 -4.63
C GLU A 255 27.50 3.84 -4.20
N GLY A 256 27.75 2.54 -3.97
CA GLY A 256 29.08 2.06 -3.66
C GLY A 256 30.06 2.13 -4.82
N LEU A 257 29.59 2.50 -6.01
CA LEU A 257 30.52 2.74 -7.11
C LEU A 257 31.44 3.92 -6.82
N VAL A 258 31.00 4.87 -5.98
CA VAL A 258 31.83 6.02 -5.66
C VAL A 258 33.01 5.62 -4.79
N SER A 259 32.77 4.72 -3.82
CA SER A 259 33.85 4.31 -2.93
C SER A 259 34.85 3.39 -3.65
N LYS A 260 34.48 2.83 -4.80
CA LYS A 260 35.40 2.06 -5.61
C LYS A 260 36.11 2.88 -6.66
N MET A 261 35.84 4.18 -6.73
CA MET A 261 36.38 5.03 -7.79
C MET A 261 37.80 5.47 -7.47
N SER A 262 38.58 5.70 -8.52
CA SER A 262 39.94 6.18 -8.40
C SER A 262 39.95 7.65 -8.02
N LYS A 263 41.13 8.15 -7.65
CA LYS A 263 41.25 9.55 -7.29
C LYS A 263 40.91 10.45 -8.48
N LYS A 264 41.37 10.08 -9.68
CA LYS A 264 41.02 10.85 -10.86
C LYS A 264 39.53 10.81 -11.13
N ALA A 265 38.89 9.65 -10.92
CA ALA A 265 37.45 9.55 -11.12
C ALA A 265 36.70 10.46 -10.15
N LEU A 266 37.12 10.48 -8.88
CA LEU A 266 36.47 11.32 -7.89
C LEU A 266 36.61 12.80 -8.24
N TYR A 267 37.71 13.17 -8.89
CA TYR A 267 37.89 14.55 -9.32
C TYR A 267 36.83 14.95 -10.34
N LYS A 268 36.57 14.09 -11.33
CA LYS A 268 35.52 14.36 -12.31
C LYS A 268 34.15 14.29 -11.66
N LEU A 269 33.96 13.37 -10.72
CA LEU A 269 32.64 13.17 -10.13
C LEU A 269 32.15 14.43 -9.43
N PHE A 270 33.03 15.10 -8.70
CA PHE A 270 32.69 16.31 -7.96
C PHE A 270 32.77 17.56 -8.81
N GLY A 271 32.71 17.42 -10.14
CA GLY A 271 32.71 18.59 -11.03
C GLY A 271 34.09 19.11 -11.34
N ASN A 272 35.05 18.22 -11.54
CA ASN A 272 36.43 18.58 -11.81
C ASN A 272 36.98 19.49 -10.71
N ARG A 273 36.75 19.08 -9.47
CA ARG A 273 37.29 19.76 -8.31
C ARG A 273 37.82 18.72 -7.33
N GLU A 274 38.61 19.19 -6.38
CA GLU A 274 39.12 18.29 -5.34
C GLU A 274 37.96 17.89 -4.43
N PRO A 275 37.75 16.60 -4.19
CA PRO A 275 36.60 16.19 -3.37
C PRO A 275 36.66 16.79 -1.98
N PRO A 276 35.51 17.12 -1.40
CA PRO A 276 35.52 17.59 0.00
C PRO A 276 36.08 16.53 0.94
N THR A 277 36.70 16.98 2.02
CA THR A 277 37.37 16.09 2.96
C THR A 277 37.10 16.55 4.38
N ASP A 278 37.17 15.60 5.31
CA ASP A 278 37.00 15.88 6.73
C ASP A 278 38.30 16.43 7.32
N PRO A 279 38.26 16.92 8.56
CA PRO A 279 39.50 17.41 9.18
C PRO A 279 40.58 16.34 9.36
N HIS A 280 40.30 15.08 9.09
CA HIS A 280 41.29 14.01 9.24
C HIS A 280 41.88 13.55 7.92
N GLY A 281 41.39 14.05 6.78
CA GLY A 281 41.92 13.73 5.48
C GLY A 281 41.09 12.75 4.68
N HIS A 282 40.17 12.03 5.32
CA HIS A 282 39.32 11.09 4.60
C HIS A 282 38.29 11.84 3.75
N ILE A 283 37.82 11.19 2.71
CA ILE A 283 37.00 11.81 1.66
C ILE A 283 35.54 11.71 2.04
N LEU A 284 34.78 12.78 1.76
CA LEU A 284 33.36 12.88 2.16
C LEU A 284 32.48 12.48 0.98
N LEU A 285 32.27 11.17 0.84
CA LEU A 285 31.50 10.64 -0.29
C LEU A 285 30.00 10.95 -0.18
N ASP A 286 29.54 11.43 0.98
CA ASP A 286 28.12 11.79 1.11
C ASP A 286 27.76 12.99 0.25
N ASP A 287 28.71 13.88 0.01
CA ASP A 287 28.48 15.05 -0.83
C ASP A 287 28.44 14.70 -2.31
N ALA A 288 28.86 13.50 -2.69
CA ALA A 288 28.83 13.10 -4.08
C ALA A 288 27.39 12.87 -4.53
N GLU A 289 27.14 13.18 -5.80
CA GLU A 289 25.85 12.89 -6.44
C GLU A 289 26.13 12.06 -7.69
N LEU A 290 26.26 10.75 -7.51
CA LEU A 290 26.62 9.89 -8.64
C LEU A 290 25.60 10.00 -9.75
N ALA A 291 24.31 9.79 -9.42
CA ALA A 291 23.28 9.78 -10.45
C ALA A 291 23.19 11.13 -11.16
N ARG A 292 23.30 12.22 -10.41
CA ARG A 292 23.21 13.55 -11.02
C ARG A 292 24.36 13.79 -11.99
N SER A 293 25.58 13.42 -11.59
CA SER A 293 26.74 13.66 -12.46
C SER A 293 26.63 12.85 -13.75
N LEU A 294 26.26 11.57 -13.63
CA LEU A 294 26.11 10.74 -14.82
C LEU A 294 25.02 11.28 -15.72
N SER A 295 23.90 11.74 -15.13
CA SER A 295 22.82 12.28 -15.93
C SER A 295 23.27 13.49 -16.74
N GLU A 296 24.01 14.40 -16.10
CA GLU A 296 24.46 15.59 -16.82
C GLU A 296 25.37 15.22 -17.98
N GLU A 297 26.30 14.29 -17.75
CA GLU A 297 27.22 13.88 -18.81
C GLU A 297 26.47 13.16 -19.93
N LEU A 298 25.54 12.26 -19.57
CA LEU A 298 24.86 11.48 -20.59
C LEU A 298 23.88 12.31 -21.40
N LEU A 299 23.28 13.33 -20.79
CA LEU A 299 22.43 14.24 -21.55
C LEU A 299 23.25 15.01 -22.58
N LYS A 300 24.48 15.39 -22.22
CA LYS A 300 25.35 16.06 -23.19
C LYS A 300 25.64 15.15 -24.38
N ARG A 301 25.71 13.83 -24.15
CA ARG A 301 26.10 12.90 -25.19
C ARG A 301 24.93 12.36 -25.99
N LEU A 302 23.73 12.32 -25.40
CA LEU A 302 22.61 11.61 -26.00
C LEU A 302 21.33 12.43 -26.12
N GLY A 303 21.31 13.67 -25.60
CA GLY A 303 20.10 14.47 -25.68
C GLY A 303 19.65 14.70 -27.10
N ASN A 304 20.59 14.85 -28.03
CA ASN A 304 20.25 15.02 -29.44
C ASN A 304 19.46 13.83 -29.98
N LEU A 305 19.75 12.62 -29.49
CA LEU A 305 19.06 11.44 -30.00
C LEU A 305 17.60 11.40 -29.59
N GLY A 306 17.17 12.31 -28.71
CA GLY A 306 15.83 12.28 -28.17
C GLY A 306 15.74 11.68 -26.78
N ILE A 307 16.86 11.55 -26.08
CA ILE A 307 16.92 10.91 -24.78
C ILE A 307 16.87 11.98 -23.70
N ARG A 308 15.85 11.91 -22.85
CA ARG A 308 15.80 12.69 -21.62
C ARG A 308 16.26 11.80 -20.46
N ILE A 309 17.04 12.37 -19.54
CA ILE A 309 17.62 11.64 -18.44
C ILE A 309 17.41 12.43 -17.15
N THR A 310 17.10 11.72 -16.07
CA THR A 310 16.71 12.33 -14.81
C THR A 310 17.19 11.44 -13.67
N PRO A 311 17.93 11.96 -12.70
CA PRO A 311 18.35 11.14 -11.56
C PRO A 311 17.30 11.12 -10.47
N LYS A 312 17.34 10.05 -9.67
CA LYS A 312 16.44 9.91 -8.53
C LYS A 312 17.14 9.10 -7.46
N LYS A 313 17.10 9.59 -6.22
CA LYS A 313 17.68 8.89 -5.08
C LYS A 313 16.59 8.10 -4.36
N ILE A 314 16.95 6.91 -3.90
CA ILE A 314 16.08 6.08 -3.07
C ILE A 314 16.89 5.56 -1.90
N GLY A 315 16.29 5.58 -0.71
CA GLY A 315 16.87 4.91 0.43
C GLY A 315 16.62 5.48 1.81
N TYR A 316 16.43 6.80 1.96
CA TYR A 316 16.07 7.32 3.28
C TYR A 316 14.61 7.02 3.61
N GLU A 317 13.77 6.88 2.60
CA GLU A 317 12.38 6.52 2.78
C GLU A 317 12.18 5.02 2.94
N LEU A 318 13.24 4.22 2.81
CA LEU A 318 13.16 2.77 3.02
C LEU A 318 13.51 2.35 4.44
N ARG A 319 14.31 3.16 5.16
CA ARG A 319 14.88 2.70 6.42
C ARG A 319 13.81 2.45 7.48
N CYS A 320 12.68 3.16 7.42
CA CYS A 320 11.69 3.12 8.51
C CYS A 320 10.29 2.82 8.01
N ALA A 321 10.15 2.16 6.87
CA ALA A 321 8.86 1.64 6.46
C ALA A 321 8.41 0.53 7.41
N ASP A 322 7.10 0.40 7.58
CA ASP A 322 6.57 -0.68 8.40
C ASP A 322 7.08 -2.02 7.87
N PRO A 323 7.54 -2.93 8.72
CA PRO A 323 8.12 -4.18 8.22
C PRO A 323 7.12 -5.05 7.49
N VAL A 324 7.60 -5.76 6.47
CA VAL A 324 6.80 -6.74 5.74
C VAL A 324 6.69 -8.01 6.56
N ALA A 325 5.79 -8.91 6.17
CA ALA A 325 5.55 -10.11 6.96
C ALA A 325 6.83 -10.92 7.18
N PHE A 326 7.70 -10.94 6.16
CA PHE A 326 8.95 -11.68 6.32
C PHE A 326 9.79 -11.11 7.45
N ASP A 327 9.90 -9.78 7.52
CA ASP A 327 10.71 -9.18 8.57
C ASP A 327 10.00 -9.21 9.91
N ALA A 328 8.67 -9.22 9.92
CA ALA A 328 7.96 -9.33 11.19
C ALA A 328 8.22 -10.68 11.85
N VAL A 329 8.05 -11.77 11.08
CA VAL A 329 8.35 -13.09 11.60
C VAL A 329 9.82 -13.23 11.92
N TYR A 330 10.69 -12.68 11.06
CA TYR A 330 12.13 -12.83 11.23
C TYR A 330 12.58 -12.19 12.55
N THR A 331 12.14 -10.96 12.81
CA THR A 331 12.60 -10.23 13.97
C THR A 331 11.98 -10.74 15.26
N ARG A 332 10.78 -11.32 15.18
CA ARG A 332 10.19 -11.96 16.36
CA ARG A 332 10.20 -11.94 16.38
C ARG A 332 11.04 -13.14 16.81
N GLU A 333 11.52 -13.94 15.85
CA GLU A 333 12.34 -15.10 16.18
C GLU A 333 13.75 -14.70 16.59
N LEU A 334 14.31 -13.67 15.96
CA LEU A 334 15.63 -13.18 16.38
C LEU A 334 15.58 -12.64 17.81
N GLY A 335 14.54 -11.89 18.14
CA GLY A 335 14.40 -11.37 19.48
C GLY A 335 14.25 -12.47 20.51
N TYR A 336 13.48 -13.51 20.17
CA TYR A 336 13.39 -14.69 21.03
C TYR A 336 14.75 -15.33 21.23
N GLY A 337 15.50 -15.50 20.13
CA GLY A 337 16.79 -16.15 20.21
C GLY A 337 17.81 -15.38 21.01
N ALA A 338 17.65 -14.06 21.11
CA ALA A 338 18.53 -13.26 21.95
C ALA A 338 18.31 -13.58 23.42
N ILE A 339 17.06 -13.69 23.86
CA ILE A 339 16.78 -14.06 25.23
C ILE A 339 17.18 -15.50 25.48
N ASP A 340 17.11 -16.35 24.46
CA ASP A 340 17.49 -17.75 24.62
C ASP A 340 18.99 -17.90 24.71
N ALA A 341 19.75 -17.09 23.96
CA ALA A 341 21.20 -17.07 24.11
C ALA A 341 21.60 -16.56 25.48
N PHE A 342 20.92 -15.52 25.96
CA PHE A 342 21.15 -15.06 27.33
C PHE A 342 20.84 -16.17 28.33
N LEU A 343 19.72 -16.87 28.12
CA LEU A 343 19.30 -17.90 29.06
C LEU A 343 20.27 -19.06 29.10
N ASN A 344 21.00 -19.29 28.01
CA ASN A 344 21.96 -20.38 27.91
C ASN A 344 23.38 -19.97 28.29
N GLY A 345 23.59 -18.73 28.71
CA GLY A 345 24.92 -18.29 29.13
C GLY A 345 25.83 -17.86 28.02
N HIS A 346 25.33 -17.71 26.79
CA HIS A 346 26.16 -17.29 25.67
C HIS A 346 26.54 -15.82 25.80
N SER A 347 27.68 -15.47 25.21
CA SER A 347 28.14 -14.10 25.17
C SER A 347 29.06 -13.91 23.98
N ALA A 348 29.23 -12.64 23.59
CA ALA A 348 30.05 -12.28 22.43
C ALA A 348 29.65 -13.08 21.20
N ALA A 349 28.36 -13.03 20.86
CA ALA A 349 27.86 -13.72 19.70
C ALA A 349 26.73 -12.91 19.08
N LEU A 350 26.50 -13.15 17.80
CA LEU A 350 25.39 -12.54 17.06
C LEU A 350 24.36 -13.61 16.73
N ILE A 351 23.09 -13.28 16.93
CA ILE A 351 22.02 -14.20 16.60
C ILE A 351 21.91 -14.35 15.09
N VAL A 352 21.81 -15.60 14.63
CA VAL A 352 21.64 -15.90 13.21
C VAL A 352 20.51 -16.91 13.06
N ARG A 353 19.96 -16.98 11.86
CA ARG A 353 18.97 -17.98 11.52
C ARG A 353 19.42 -18.74 10.28
N GLU A 354 19.45 -20.07 10.39
CA GLU A 354 19.79 -20.93 9.26
C GLU A 354 18.90 -22.16 9.31
N ASN A 355 18.29 -22.49 8.16
CA ASN A 355 17.38 -23.63 8.06
C ASN A 355 16.22 -23.50 9.06
N GLY A 356 15.77 -22.26 9.26
CA GLY A 356 14.65 -22.04 10.16
C GLY A 356 14.96 -22.24 11.62
N GLN A 357 16.22 -22.12 12.02
CA GLN A 357 16.63 -22.27 13.41
C GLN A 357 17.49 -21.08 13.81
N VAL A 358 17.16 -20.47 14.94
CA VAL A 358 17.94 -19.37 15.50
C VAL A 358 19.00 -19.95 16.42
N LYS A 359 20.25 -19.51 16.25
CA LYS A 359 21.37 -20.01 17.02
C LYS A 359 22.37 -18.88 17.21
N PRO A 360 23.16 -18.91 18.28
CA PRO A 360 24.26 -17.93 18.41
C PRO A 360 25.48 -18.36 17.61
N VAL A 361 26.16 -17.37 17.03
CA VAL A 361 27.42 -17.57 16.34
C VAL A 361 28.43 -16.59 16.91
N GLN A 362 29.54 -17.10 17.44
CA GLN A 362 30.49 -16.25 18.14
C GLN A 362 31.08 -15.22 17.20
N PHE A 363 31.34 -14.02 17.72
CA PHE A 363 31.92 -12.96 16.90
C PHE A 363 33.30 -13.35 16.38
N LYS A 364 34.03 -14.18 17.14
CA LYS A 364 35.36 -14.60 16.70
C LYS A 364 35.30 -15.28 15.34
N ASP A 365 34.25 -16.06 15.10
CA ASP A 365 34.13 -16.78 13.83
C ASP A 365 33.84 -15.85 12.66
N LEU A 366 33.31 -14.65 12.93
CA LEU A 366 32.84 -13.75 11.88
C LEU A 366 33.83 -12.63 11.55
N LEU A 367 34.97 -12.57 12.23
CA LEU A 367 35.92 -11.48 12.04
C LEU A 367 36.83 -11.78 10.87
N ASP A 368 36.98 -10.81 9.97
CA ASP A 368 37.96 -10.93 8.89
C ASP A 368 39.36 -10.66 9.45
N PRO A 369 40.35 -11.51 9.16
CA PRO A 369 41.66 -11.33 9.82
C PRO A 369 42.29 -9.97 9.55
N ALA A 370 42.17 -9.45 8.33
CA ALA A 370 42.84 -8.20 7.98
C ALA A 370 42.13 -7.01 8.64
N THR A 371 40.81 -6.95 8.55
CA THR A 371 40.09 -5.79 9.06
C THR A 371 40.07 -5.77 10.58
N GLY A 372 39.86 -6.93 11.20
CA GLY A 372 39.61 -7.01 12.62
C GLY A 372 38.17 -6.81 13.01
N ARG A 373 37.34 -6.26 12.12
CA ARG A 373 35.93 -6.05 12.35
C ARG A 373 35.12 -7.12 11.63
N VAL A 374 33.80 -7.07 11.81
CA VAL A 374 32.94 -8.08 11.22
C VAL A 374 33.11 -8.06 9.70
N ARG A 375 33.07 -9.24 9.09
CA ARG A 375 33.31 -9.38 7.67
C ARG A 375 32.09 -8.96 6.87
N THR A 376 32.33 -8.20 5.80
CA THR A 376 31.25 -7.71 4.94
C THR A 376 30.98 -8.73 3.84
N ARG A 377 29.72 -9.16 3.73
CA ARG A 377 29.30 -10.10 2.70
C ARG A 377 28.86 -9.31 1.48
N LEU A 378 29.59 -9.45 0.37
CA LEU A 378 29.23 -8.81 -0.88
C LEU A 378 28.38 -9.76 -1.72
N VAL A 379 27.89 -9.23 -2.85
CA VAL A 379 27.17 -10.06 -3.80
C VAL A 379 28.16 -10.99 -4.50
N ASP A 380 27.76 -12.25 -4.68
CA ASP A 380 28.59 -13.23 -5.39
C ASP A 380 28.27 -13.14 -6.88
N VAL A 381 29.10 -12.42 -7.63
CA VAL A 381 28.83 -12.22 -9.05
C VAL A 381 29.14 -13.43 -9.90
N THR A 382 29.60 -14.53 -9.29
CA THR A 382 29.77 -15.80 -9.99
C THR A 382 28.59 -16.74 -9.80
N SER A 383 27.60 -16.35 -9.00
CA SER A 383 26.49 -17.23 -8.67
C SER A 383 25.46 -17.29 -9.79
N GLN A 384 24.61 -18.32 -9.74
CA GLN A 384 23.54 -18.44 -10.71
C GLN A 384 22.53 -17.31 -10.57
N SER A 385 22.23 -16.90 -9.34
CA SER A 385 21.28 -15.81 -9.14
C SER A 385 21.72 -14.57 -9.89
N PHE A 386 23.01 -14.23 -9.82
CA PHE A 386 23.49 -13.03 -10.48
C PHE A 386 23.48 -13.18 -12.00
N LYS A 387 23.88 -14.35 -12.50
CA LYS A 387 23.90 -14.56 -13.94
C LYS A 387 22.51 -14.44 -14.53
N VAL A 388 21.52 -15.03 -13.87
CA VAL A 388 20.15 -14.94 -14.35
C VAL A 388 19.68 -13.49 -14.36
N ALA A 389 19.98 -12.74 -13.30
CA ALA A 389 19.61 -11.34 -13.26
C ALA A 389 20.20 -10.57 -14.44
N ARG A 390 21.42 -10.93 -14.85
CA ARG A 390 22.04 -10.26 -15.99
C ARG A 390 21.36 -10.59 -17.29
N VAL A 391 20.80 -11.80 -17.41
CA VAL A 391 20.18 -12.19 -18.68
C VAL A 391 19.03 -11.27 -19.04
N TYR A 392 18.36 -10.70 -18.04
CA TYR A 392 17.20 -9.85 -18.28
C TYR A 392 17.56 -8.37 -18.37
N MET A 393 18.83 -8.03 -18.18
CA MET A 393 19.28 -6.67 -18.36
C MET A 393 19.51 -6.38 -19.84
N TRP A 394 19.40 -5.10 -20.20
CA TRP A 394 19.79 -4.61 -21.51
C TRP A 394 21.22 -4.12 -21.43
N ARG A 395 22.15 -4.91 -21.97
CA ARG A 395 23.57 -4.59 -21.94
C ARG A 395 24.24 -5.20 -23.15
N MET A 396 25.47 -4.76 -23.41
CA MET A 396 26.28 -5.29 -24.50
C MET A 396 27.24 -6.32 -23.93
N SER A 397 26.98 -7.59 -24.22
CA SER A 397 27.85 -8.66 -23.76
C SER A 397 29.07 -8.78 -24.67
N LYS A 398 30.03 -9.60 -24.25
CA LYS A 398 31.22 -9.84 -25.07
C LYS A 398 30.82 -10.36 -26.45
N LYS A 399 29.91 -11.33 -26.50
CA LYS A 399 29.44 -11.82 -27.80
C LYS A 399 28.74 -10.73 -28.58
N ASP A 400 27.94 -9.89 -27.91
CA ASP A 400 27.23 -8.82 -28.61
C ASP A 400 28.20 -7.91 -29.35
N TYR A 401 29.34 -7.61 -28.74
CA TYR A 401 30.35 -6.78 -29.40
C TYR A 401 30.97 -7.49 -30.60
N GLU A 402 30.96 -8.83 -30.61
CA GLU A 402 31.45 -9.61 -31.74
C GLU A 402 30.38 -9.85 -32.80
N ASN A 403 29.16 -9.38 -32.58
CA ASN A 403 28.09 -9.50 -33.56
C ASN A 403 28.14 -8.27 -34.46
N LYS A 404 28.73 -8.42 -35.65
CA LYS A 404 28.88 -7.28 -36.55
C LYS A 404 27.52 -6.69 -36.92
N ASP A 405 26.48 -7.52 -36.98
CA ASP A 405 25.16 -7.02 -37.35
C ASP A 405 24.55 -6.21 -36.22
N LEU A 406 24.60 -6.72 -34.99
CA LEU A 406 24.07 -5.98 -33.85
C LEU A 406 24.85 -4.69 -33.64
N VAL A 407 26.18 -4.76 -33.78
CA VAL A 407 27.01 -3.57 -33.55
C VAL A 407 26.63 -2.47 -34.52
N ALA A 408 26.30 -2.84 -35.76
CA ALA A 408 25.93 -1.84 -36.75
C ALA A 408 24.64 -1.13 -36.39
N ARG A 409 23.68 -1.87 -35.82
CA ARG A 409 22.40 -1.27 -35.45
C ARG A 409 22.56 -0.33 -34.27
N VAL A 410 23.27 -0.76 -33.23
CA VAL A 410 23.49 0.09 -32.07
C VAL A 410 24.29 1.33 -32.46
N ALA A 411 25.33 1.15 -33.28
CA ALA A 411 26.14 2.29 -33.69
C ALA A 411 25.32 3.30 -34.46
N ALA A 412 24.44 2.83 -35.34
CA ALA A 412 23.57 3.74 -36.08
C ALA A 412 22.61 4.45 -35.13
N ALA A 413 22.14 3.75 -34.10
CA ALA A 413 21.29 4.39 -33.10
C ALA A 413 22.03 5.52 -32.41
N GLY A 414 23.33 5.35 -32.18
CA GLY A 414 24.17 6.36 -31.57
C GLY A 414 24.71 7.39 -32.53
N LYS A 415 24.31 7.34 -33.81
CA LYS A 415 24.78 8.28 -34.82
C LYS A 415 26.30 8.27 -34.91
N MET A 416 26.87 7.08 -35.07
CA MET A 416 28.30 6.91 -35.22
C MET A 416 28.56 5.69 -36.10
N THR A 417 29.80 5.59 -36.59
CA THR A 417 30.20 4.44 -37.37
C THR A 417 30.37 3.22 -36.47
N PRO A 418 30.30 2.01 -37.04
CA PRO A 418 30.62 0.82 -36.24
C PRO A 418 32.04 0.86 -35.68
N GLU A 419 32.99 1.42 -36.45
CA GLU A 419 34.37 1.52 -35.97
C GLU A 419 34.46 2.40 -34.73
N ALA A 420 33.78 3.55 -34.75
CA ALA A 420 33.81 4.44 -33.59
C ALA A 420 33.15 3.79 -32.38
N PHE A 421 32.04 3.09 -32.60
CA PHE A 421 31.36 2.42 -31.48
C PHE A 421 32.26 1.35 -30.86
N THR A 422 32.92 0.55 -31.69
CA THR A 422 33.79 -0.51 -31.17
C THR A 422 34.96 0.08 -30.40
N GLU A 423 35.52 1.19 -30.90
CA GLU A 423 36.65 1.82 -30.23
C GLU A 423 36.26 2.33 -28.85
N LYS A 424 35.06 2.93 -28.73
CA LYS A 424 34.66 3.56 -27.48
C LYS A 424 34.19 2.55 -26.44
N PHE A 425 33.49 1.48 -26.87
CA PHE A 425 32.74 0.65 -25.95
C PHE A 425 33.28 -0.76 -25.80
N ALA A 426 34.01 -1.30 -26.78
CA ALA A 426 34.35 -2.72 -26.74
C ALA A 426 35.23 -3.06 -25.54
N HIS A 427 36.02 -2.12 -25.05
CA HIS A 427 36.89 -2.38 -23.91
C HIS A 427 36.13 -2.65 -22.63
N LEU A 428 34.83 -2.33 -22.59
CA LEU A 428 34.06 -2.49 -21.36
C LEU A 428 33.95 -3.94 -20.92
N THR A 429 34.20 -4.89 -21.83
CA THR A 429 34.15 -6.30 -21.45
C THR A 429 35.28 -6.69 -20.49
N ASP A 430 36.35 -5.89 -20.44
CA ASP A 430 37.42 -6.08 -19.47
C ASP A 430 37.25 -5.22 -18.23
N VAL A 431 36.15 -4.48 -18.12
CA VAL A 431 35.95 -3.58 -16.99
C VAL A 431 35.01 -4.26 -15.99
N VAL A 432 34.07 -5.05 -16.49
CA VAL A 432 33.09 -5.73 -15.64
C VAL A 432 33.03 -7.21 -16.02
N VAL A 433 32.61 -8.02 -15.06
CA VAL A 433 32.52 -9.46 -15.25
C VAL A 433 31.47 -9.77 -16.31
N GLU A 434 31.72 -10.82 -17.07
CA GLU A 434 30.79 -11.26 -18.11
C GLU A 434 29.75 -12.21 -17.52
N GLU B 12 -6.69 26.94 38.40
CA GLU B 12 -5.83 26.15 37.52
C GLU B 12 -6.26 26.29 36.06
N ALA B 13 -5.62 25.51 35.18
CA ALA B 13 -5.91 25.62 33.76
C ALA B 13 -7.23 24.92 33.41
N PRO B 14 -7.94 25.42 32.40
CA PRO B 14 -9.20 24.78 32.00
C PRO B 14 -8.95 23.38 31.46
N VAL B 15 -9.92 22.50 31.67
CA VAL B 15 -9.77 21.08 31.38
C VAL B 15 -10.65 20.72 30.19
N LEU B 16 -10.05 20.17 29.14
CA LEU B 16 -10.76 19.63 27.99
C LEU B 16 -10.80 18.12 28.09
N GLY B 17 -11.99 17.55 28.20
CA GLY B 17 -12.17 16.10 28.22
C GLY B 17 -12.73 15.62 26.88
N ILE B 18 -12.14 14.53 26.38
CA ILE B 18 -12.45 14.00 25.05
C ILE B 18 -12.84 12.54 25.19
N LEU B 19 -13.91 12.15 24.49
CA LEU B 19 -14.29 10.75 24.40
C LEU B 19 -14.74 10.45 22.97
N CYS B 20 -14.71 9.16 22.63
CA CYS B 20 -15.16 8.65 21.34
C CYS B 20 -16.32 7.68 21.56
N GLY B 21 -17.36 7.82 20.74
CA GLY B 21 -18.50 6.92 20.80
C GLY B 21 -18.86 6.38 19.42
N GLY B 22 -19.52 5.23 19.43
CA GLY B 22 -19.86 4.57 18.19
C GLY B 22 -18.73 3.69 17.69
N GLY B 23 -18.92 3.17 16.49
CA GLY B 23 -17.91 2.36 15.85
C GLY B 23 -16.77 3.21 15.34
N PRO B 24 -15.54 2.67 15.35
CA PRO B 24 -14.40 3.46 14.91
C PRO B 24 -14.47 3.77 13.43
N ALA B 25 -13.86 4.88 13.04
CA ALA B 25 -13.68 5.26 11.64
C ALA B 25 -12.30 5.88 11.48
N PRO B 26 -11.68 5.73 10.31
CA PRO B 26 -10.36 6.34 10.10
C PRO B 26 -10.40 7.84 10.34
N GLY B 27 -9.35 8.35 10.96
CA GLY B 27 -9.24 9.75 11.27
C GLY B 27 -9.68 10.14 12.66
N LEU B 28 -10.22 9.19 13.45
CA LEU B 28 -10.55 9.52 14.83
C LEU B 28 -9.35 10.11 15.55
N ASN B 29 -8.20 9.44 15.45
CA ASN B 29 -6.99 9.97 16.07
C ASN B 29 -6.67 11.36 15.53
N GLY B 30 -6.95 11.60 14.25
CA GLY B 30 -6.68 12.91 13.68
C GLY B 30 -7.49 14.00 14.34
N VAL B 31 -8.77 13.73 14.63
CA VAL B 31 -9.60 14.68 15.38
C VAL B 31 -9.03 14.87 16.78
N ILE B 32 -8.64 13.78 17.44
CA ILE B 32 -8.11 13.87 18.80
C ILE B 32 -6.84 14.70 18.82
N ALA B 33 -5.97 14.50 17.82
CA ALA B 33 -4.69 15.20 17.81
C ALA B 33 -4.86 16.68 17.48
N GLY B 34 -5.82 17.01 16.60
CA GLY B 34 -6.06 18.40 16.29
C GLY B 34 -6.55 19.16 17.51
N ALA B 35 -7.52 18.60 18.22
CA ALA B 35 -8.06 19.27 19.40
C ALA B 35 -7.02 19.35 20.51
N THR B 36 -6.28 18.26 20.73
CA THR B 36 -5.35 18.23 21.86
C THR B 36 -4.14 19.11 21.63
N LEU B 37 -3.56 19.07 20.42
CA LEU B 37 -2.37 19.86 20.15
C LEU B 37 -2.69 21.36 20.18
N TYR B 38 -3.81 21.77 19.60
CA TYR B 38 -4.19 23.18 19.66
C TYR B 38 -4.43 23.60 21.10
N ALA B 39 -5.16 22.77 21.86
CA ALA B 39 -5.46 23.11 23.25
C ALA B 39 -4.17 23.24 24.06
N LEU B 40 -3.23 22.32 23.85
CA LEU B 40 -1.98 22.38 24.61
C LEU B 40 -1.24 23.68 24.34
N ARG B 41 -1.29 24.19 23.10
CA ARG B 41 -0.68 25.47 22.81
C ARG B 41 -1.36 26.60 23.57
N LEU B 42 -2.67 26.47 23.83
CA LEU B 42 -3.40 27.44 24.62
C LEU B 42 -3.22 27.24 26.12
N GLY B 43 -2.47 26.22 26.53
CA GLY B 43 -2.25 25.95 27.94
C GLY B 43 -3.30 25.11 28.61
N TRP B 44 -4.24 24.54 27.85
CA TRP B 44 -5.29 23.73 28.43
C TRP B 44 -4.71 22.40 28.94
N LYS B 45 -5.46 21.79 29.86
CA LYS B 45 -5.17 20.44 30.35
C LYS B 45 -6.13 19.48 29.64
N VAL B 46 -5.59 18.58 28.83
CA VAL B 46 -6.39 17.70 27.99
C VAL B 46 -6.36 16.30 28.57
N ILE B 47 -7.53 15.77 28.90
CA ILE B 47 -7.69 14.40 29.37
C ILE B 47 -8.63 13.69 28.41
N GLY B 48 -8.52 12.37 28.38
CA GLY B 48 -9.36 11.55 27.51
C GLY B 48 -9.98 10.37 28.23
N PHE B 49 -11.29 10.23 28.14
CA PHE B 49 -12.00 9.13 28.76
C PHE B 49 -11.94 7.90 27.86
N MET B 50 -11.60 6.75 28.45
CA MET B 50 -11.51 5.50 27.71
C MET B 50 -12.91 4.92 27.50
N GLU B 51 -13.12 4.36 26.30
CA GLU B 51 -14.34 3.64 25.97
C GLU B 51 -15.59 4.51 26.16
N GLY B 52 -15.48 5.77 25.75
CA GLY B 52 -16.66 6.61 25.63
C GLY B 52 -17.36 6.84 26.95
N PHE B 53 -18.70 6.80 26.90
CA PHE B 53 -19.54 7.01 28.08
C PHE B 53 -19.62 5.78 28.98
N LYS B 54 -18.84 4.74 28.71
CA LYS B 54 -19.01 3.48 29.44
C LYS B 54 -18.89 3.69 30.94
N TYR B 55 -17.81 4.33 31.38
CA TYR B 55 -17.57 4.52 32.81
C TYR B 55 -18.17 5.81 33.35
N LEU B 56 -18.29 6.84 32.51
CA LEU B 56 -19.01 8.04 32.93
C LEU B 56 -20.45 7.72 33.32
N CYS B 57 -21.02 6.66 32.73
CA CYS B 57 -22.40 6.30 33.03
C CYS B 57 -22.54 5.72 34.44
N THR B 58 -21.47 5.12 34.98
CA THR B 58 -21.57 4.50 36.29
C THR B 58 -21.85 5.52 37.38
N GLY B 59 -21.23 6.70 37.29
CA GLY B 59 -21.30 7.69 38.34
C GLY B 59 -20.27 7.53 39.44
N ASP B 60 -19.40 6.53 39.35
CA ASP B 60 -18.35 6.29 40.32
C ASP B 60 -17.11 7.09 39.90
N VAL B 61 -16.77 8.11 40.70
CA VAL B 61 -15.64 8.97 40.35
C VAL B 61 -14.34 8.18 40.26
N ASP B 62 -14.13 7.26 41.20
CA ASP B 62 -12.89 6.49 41.19
C ASP B 62 -12.78 5.60 39.95
N VAL B 63 -13.89 4.97 39.55
CA VAL B 63 -13.86 4.12 38.36
C VAL B 63 -13.50 4.95 37.14
N VAL B 64 -14.13 6.12 36.99
CA VAL B 64 -13.82 6.98 35.86
C VAL B 64 -12.36 7.38 35.87
N LYS B 65 -11.81 7.70 37.05
CA LYS B 65 -10.40 8.01 37.16
C LYS B 65 -9.53 6.83 36.75
N ALA B 66 -10.01 5.61 36.98
CA ALA B 66 -9.26 4.42 36.58
C ALA B 66 -9.29 4.18 35.07
N HIS B 67 -10.14 4.90 34.35
CA HIS B 67 -10.26 4.77 32.90
C HIS B 67 -10.24 6.16 32.25
N THR B 68 -9.40 7.04 32.77
CA THR B 68 -9.11 8.33 32.16
C THR B 68 -7.61 8.49 32.11
N ILE B 69 -7.10 9.05 31.00
CA ILE B 69 -5.68 9.22 30.82
C ILE B 69 -5.39 10.67 30.46
N ASP B 70 -4.15 11.09 30.69
CA ASP B 70 -3.72 12.44 30.40
C ASP B 70 -3.20 12.49 28.96
N LEU B 71 -3.89 13.25 28.11
CA LEU B 71 -3.49 13.41 26.71
C LEU B 71 -2.43 14.50 26.63
N THR B 72 -1.19 14.11 26.39
CA THR B 72 -0.04 14.99 26.38
C THR B 72 0.48 15.12 24.95
N TYR B 73 1.47 16.00 24.77
CA TYR B 73 2.02 16.22 23.44
C TYR B 73 2.57 14.93 22.84
N ASP B 74 3.45 14.25 23.56
CA ASP B 74 4.13 13.09 23.00
C ASP B 74 3.14 11.97 22.68
N ILE B 75 2.03 11.90 23.40
CA ILE B 75 1.05 10.84 23.15
C ILE B 75 0.33 11.07 21.83
N VAL B 76 -0.04 12.32 21.54
CA VAL B 76 -0.86 12.62 20.36
C VAL B 76 -0.07 13.21 19.21
N SER B 77 1.24 13.45 19.39
CA SER B 77 2.00 14.15 18.37
C SER B 77 2.04 13.41 17.05
N ARG B 78 1.83 12.08 17.05
CA ARG B 78 2.00 11.29 15.84
C ARG B 78 0.84 10.34 15.56
N ILE B 79 -0.29 10.46 16.28
CA ILE B 79 -1.41 9.57 16.03
C ILE B 79 -2.20 9.94 14.79
N HIS B 80 -1.91 11.09 14.17
CA HIS B 80 -2.56 11.43 12.90
C HIS B 80 -2.19 10.45 11.80
N PHE B 81 -1.14 9.66 11.99
CA PHE B 81 -0.77 8.62 11.03
C PHE B 81 -1.62 7.35 11.17
N GLN B 82 -2.33 7.18 12.28
CA GLN B 82 -2.83 5.87 12.69
C GLN B 82 -4.35 5.83 12.74
N GLY B 83 -4.91 4.72 12.25
CA GLY B 83 -6.33 4.47 12.39
C GLY B 83 -6.70 4.05 13.79
N GLY B 84 -8.00 3.91 14.02
CA GLY B 84 -8.49 3.60 15.35
C GLY B 84 -8.48 4.81 16.25
N THR B 85 -8.78 4.56 17.51
CA THR B 85 -8.79 5.60 18.54
C THR B 85 -7.95 5.14 19.72
N ILE B 86 -6.97 5.97 20.11
CA ILE B 86 -6.11 5.63 21.23
C ILE B 86 -6.83 5.64 22.57
N ILE B 87 -8.03 6.21 22.63
CA ILE B 87 -8.85 6.19 23.83
C ILE B 87 -10.00 5.22 23.70
N GLN B 88 -9.99 4.37 22.67
CA GLN B 88 -11.04 3.38 22.47
C GLN B 88 -12.41 4.04 22.31
N THR B 89 -13.46 3.23 22.24
CA THR B 89 -14.81 3.75 22.05
C THR B 89 -15.81 2.73 22.55
N SER B 90 -17.02 3.20 22.82
CA SER B 90 -18.12 2.35 23.25
C SER B 90 -19.42 2.93 22.69
N ARG B 91 -20.45 2.08 22.68
CA ARG B 91 -21.79 2.53 22.30
C ARG B 91 -22.69 2.78 23.51
N ALA B 92 -22.24 2.43 24.71
CA ALA B 92 -23.02 2.70 25.91
C ALA B 92 -23.34 4.18 26.00
N ASN B 93 -24.63 4.52 25.98
CA ASN B 93 -25.04 5.90 25.96
C ASN B 93 -26.08 6.16 27.05
N PRO B 94 -26.00 7.28 27.74
CA PRO B 94 -26.94 7.57 28.84
C PRO B 94 -28.21 8.32 28.45
N ARG B 95 -28.46 8.52 27.15
CA ARG B 95 -29.52 9.43 26.74
C ARG B 95 -30.88 9.01 27.30
N LYS B 96 -31.21 7.72 27.22
CA LYS B 96 -32.52 7.25 27.66
C LYS B 96 -32.52 6.82 29.13
N SER B 97 -31.94 7.64 30.00
CA SER B 97 -31.96 7.37 31.44
C SER B 97 -31.65 8.63 32.24
N PRO B 98 -32.65 9.29 32.83
CA PRO B 98 -32.35 10.49 33.62
C PRO B 98 -31.30 10.27 34.69
N GLU B 99 -31.27 9.08 35.32
CA GLU B 99 -30.24 8.81 36.31
C GLU B 99 -28.85 8.77 35.68
N LEU B 100 -28.73 8.10 34.53
CA LEU B 100 -27.41 8.01 33.88
C LEU B 100 -26.91 9.38 33.47
N GLN B 101 -27.79 10.23 32.92
CA GLN B 101 -27.37 11.55 32.50
C GLN B 101 -26.79 12.34 33.67
N GLU B 102 -27.43 12.25 34.84
CA GLU B 102 -26.89 12.90 36.03
C GLU B 102 -25.54 12.32 36.40
N ASN B 103 -25.39 10.99 36.27
CA ASN B 103 -24.11 10.35 36.61
C ASN B 103 -22.97 10.92 35.79
N VAL B 104 -23.20 11.14 34.49
CA VAL B 104 -22.17 11.76 33.66
C VAL B 104 -21.89 13.17 34.15
N ARG B 105 -22.94 13.89 34.55
CA ARG B 105 -22.76 15.24 35.07
C ARG B 105 -21.92 15.24 36.33
N LYS B 106 -22.15 14.28 37.23
CA LYS B 106 -21.42 14.25 38.49
C LYS B 106 -19.94 13.98 38.25
N CYS B 107 -19.62 13.06 37.32
CA CYS B 107 -18.22 12.75 37.04
C CYS B 107 -17.53 13.90 36.34
N LEU B 108 -18.22 14.56 35.40
CA LEU B 108 -17.62 15.70 34.71
C LEU B 108 -17.34 16.84 35.68
N ARG B 109 -18.29 17.12 36.58
CA ARG B 109 -18.06 18.15 37.58
C ARG B 109 -16.92 17.77 38.52
N ALA B 110 -16.81 16.48 38.84
CA ALA B 110 -15.75 16.02 39.74
C ALA B 110 -14.38 16.26 39.15
N LEU B 111 -14.22 16.03 37.86
CA LEU B 111 -12.95 16.22 37.18
C LEU B 111 -12.74 17.65 36.71
N LYS B 112 -13.62 18.57 37.09
CA LYS B 112 -13.48 19.99 36.73
C LYS B 112 -13.35 20.16 35.21
N VAL B 113 -14.17 19.42 34.47
CA VAL B 113 -14.16 19.47 33.01
C VAL B 113 -14.87 20.74 32.56
N ARG B 114 -14.14 21.63 31.89
CA ARG B 114 -14.71 22.88 31.40
C ARG B 114 -15.19 22.77 29.95
N TYR B 115 -14.46 22.06 29.10
CA TYR B 115 -14.85 21.83 27.72
C TYR B 115 -14.94 20.33 27.48
N PHE B 116 -16.08 19.88 26.96
CA PHE B 116 -16.37 18.46 26.77
C PHE B 116 -16.59 18.19 25.29
N LEU B 117 -15.71 17.39 24.69
CA LEU B 117 -15.75 17.08 23.28
C LEU B 117 -16.03 15.60 23.09
N THR B 118 -17.05 15.28 22.30
CA THR B 118 -17.38 13.91 21.93
C THR B 118 -17.16 13.72 20.43
N ILE B 119 -16.66 12.56 20.05
CA ILE B 119 -16.42 12.21 18.66
C ILE B 119 -17.20 10.92 18.41
N GLY B 120 -18.34 11.03 17.75
CA GLY B 120 -19.13 9.84 17.50
C GLY B 120 -20.30 10.15 16.59
N GLY B 121 -21.22 9.19 16.54
CA GLY B 121 -22.38 9.26 15.66
C GLY B 121 -23.56 9.96 16.30
N ASP B 122 -24.74 9.64 15.78
CA ASP B 122 -25.95 10.33 16.23
C ASP B 122 -26.21 10.09 17.70
N ASP B 123 -26.06 8.86 18.17
CA ASP B 123 -26.34 8.56 19.57
C ASP B 123 -25.39 9.30 20.50
N THR B 124 -24.11 9.37 20.14
CA THR B 124 -23.14 10.05 20.98
C THR B 124 -23.46 11.54 21.09
N ALA B 125 -23.72 12.19 19.95
CA ALA B 125 -24.01 13.62 19.98
C ALA B 125 -25.27 13.92 20.77
N SER B 126 -26.32 13.10 20.57
CA SER B 126 -27.57 13.32 21.31
C SER B 126 -27.35 13.14 22.81
N SER B 127 -26.51 12.18 23.19
CA SER B 127 -26.18 12.03 24.61
C SER B 127 -25.43 13.23 25.14
N ALA B 128 -24.54 13.80 24.32
CA ALA B 128 -23.75 14.94 24.77
C ALA B 128 -24.63 16.14 25.08
N VAL B 129 -25.59 16.44 24.22
CA VAL B 129 -26.47 17.59 24.47
C VAL B 129 -27.38 17.29 25.66
N SER B 130 -27.83 16.05 25.80
CA SER B 130 -28.69 15.70 26.93
C SER B 130 -27.97 15.93 28.25
N VAL B 131 -26.68 15.60 28.30
CA VAL B 131 -25.88 15.90 29.48
C VAL B 131 -25.81 17.40 29.71
N ALA B 132 -25.80 18.20 28.63
CA ALA B 132 -25.72 19.64 28.74
C ALA B 132 -27.04 20.29 29.14
N SER B 133 -28.17 19.62 28.93
CA SER B 133 -29.46 20.23 29.22
C SER B 133 -29.65 20.52 30.70
N GLY B 134 -28.86 19.89 31.57
CA GLY B 134 -28.99 20.08 33.01
C GLY B 134 -27.73 20.63 33.64
N MET B 135 -26.93 21.36 32.87
CA MET B 135 -25.70 21.96 33.35
C MET B 135 -25.66 23.44 33.00
N ASN B 136 -25.16 24.25 33.91
CA ASN B 136 -25.01 25.67 33.64
C ASN B 136 -24.14 25.88 32.40
N GLY B 137 -24.58 26.77 31.53
CA GLY B 137 -23.88 27.01 30.28
C GLY B 137 -22.55 27.73 30.42
N ASN B 138 -22.21 28.17 31.63
CA ASN B 138 -20.94 28.85 31.89
C ASN B 138 -19.93 27.98 32.62
N GLU B 139 -20.34 26.82 33.15
CA GLU B 139 -19.42 25.91 33.79
C GLU B 139 -18.90 24.82 32.86
N ILE B 140 -19.65 24.50 31.80
CA ILE B 140 -19.23 23.49 30.83
C ILE B 140 -19.82 23.85 29.48
N SER B 141 -19.04 23.62 28.43
CA SER B 141 -19.49 23.70 27.05
C SER B 141 -19.35 22.33 26.41
N VAL B 142 -20.33 21.92 25.62
CA VAL B 142 -20.36 20.60 24.99
C VAL B 142 -20.31 20.78 23.47
N ILE B 143 -19.37 20.10 22.82
CA ILE B 143 -19.20 20.13 21.37
C ILE B 143 -19.06 18.70 20.89
N SER B 144 -19.72 18.38 19.78
CA SER B 144 -19.65 17.04 19.20
C SER B 144 -19.13 17.10 17.77
N CYS B 145 -18.36 16.08 17.39
CA CYS B 145 -17.80 16.00 16.04
C CYS B 145 -18.40 14.79 15.34
N PRO B 146 -19.38 14.98 14.45
CA PRO B 146 -20.05 13.82 13.85
C PRO B 146 -19.07 12.95 13.06
N LYS B 147 -19.30 11.64 13.15
CA LYS B 147 -18.41 10.64 12.59
C LYS B 147 -19.25 9.54 11.96
N THR B 148 -19.03 9.26 10.68
CA THR B 148 -19.63 8.12 10.00
C THR B 148 -18.76 7.76 8.81
N ILE B 149 -18.40 6.48 8.68
CA ILE B 149 -17.84 6.01 7.41
C ILE B 149 -18.91 5.84 6.35
N ASP B 150 -20.19 5.83 6.76
CA ASP B 150 -21.31 5.65 5.85
C ASP B 150 -21.64 6.91 5.07
N ASN B 151 -21.06 8.06 5.43
CA ASN B 151 -21.23 9.29 4.67
C ASN B 151 -22.68 9.76 4.67
N ASP B 152 -23.44 9.41 5.71
CA ASP B 152 -24.86 9.68 5.77
C ASP B 152 -25.21 10.97 6.51
N LEU B 153 -24.23 11.83 6.78
CA LEU B 153 -24.54 13.14 7.33
C LEU B 153 -25.17 14.03 6.26
N PRO B 154 -26.08 14.95 6.67
CA PRO B 154 -26.69 15.89 5.71
C PRO B 154 -25.80 17.09 5.40
N LEU B 155 -24.54 16.83 5.09
CA LEU B 155 -23.65 17.87 4.58
C LEU B 155 -24.09 18.25 3.18
N PRO B 156 -23.68 19.42 2.70
CA PRO B 156 -23.92 19.76 1.29
C PRO B 156 -23.43 18.63 0.39
N ALA B 157 -24.33 18.15 -0.47
CA ALA B 157 -24.09 16.91 -1.19
C ALA B 157 -22.78 16.97 -1.98
N ASP B 158 -22.17 15.80 -2.15
CA ASP B 158 -20.88 15.58 -2.79
C ASP B 158 -19.73 15.90 -1.84
N GLN B 159 -20.01 16.38 -0.62
CA GLN B 159 -18.98 16.64 0.38
C GLN B 159 -19.00 15.51 1.40
N SER B 160 -17.87 14.84 1.57
CA SER B 160 -17.83 13.61 2.34
C SER B 160 -17.64 13.90 3.83
N THR B 161 -17.99 12.91 4.65
CA THR B 161 -17.69 12.90 6.07
C THR B 161 -16.34 12.22 6.29
N PHE B 162 -15.68 12.59 7.37
CA PHE B 162 -14.33 12.08 7.58
C PHE B 162 -14.36 10.58 7.84
N GLY B 163 -13.38 9.88 7.27
CA GLY B 163 -13.31 8.44 7.29
C GLY B 163 -13.87 7.77 6.05
N PHE B 164 -14.74 8.47 5.32
CA PHE B 164 -15.38 7.87 4.15
C PHE B 164 -14.37 7.65 3.03
N HIS B 165 -13.52 8.64 2.76
CA HIS B 165 -12.54 8.51 1.69
C HIS B 165 -11.61 7.33 1.94
N THR B 166 -11.16 7.16 3.18
CA THR B 166 -10.29 6.03 3.50
C THR B 166 -11.00 4.71 3.30
N ALA B 167 -12.23 4.59 3.79
CA ALA B 167 -12.95 3.33 3.67
C ALA B 167 -13.21 2.99 2.22
N ARG B 168 -13.47 4.00 1.39
CA ARG B 168 -13.75 3.76 -0.02
C ARG B 168 -12.49 3.42 -0.80
N SER B 169 -11.35 3.98 -0.43
CA SER B 169 -10.12 3.69 -1.17
C SER B 169 -9.61 2.29 -0.86
N LEU B 170 -9.58 1.92 0.43
CA LEU B 170 -9.22 0.56 0.78
C LEU B 170 -10.23 -0.43 0.21
N GLY B 171 -11.52 -0.09 0.30
CA GLY B 171 -12.53 -0.94 -0.31
C GLY B 171 -12.32 -1.09 -1.81
N MET B 172 -11.82 -0.05 -2.47
CA MET B 172 -11.52 -0.14 -3.89
C MET B 172 -10.42 -1.14 -4.17
N GLU B 173 -9.37 -1.15 -3.34
CA GLU B 173 -8.22 -2.00 -3.61
C GLU B 173 -8.52 -3.47 -3.35
N ILE B 174 -9.38 -3.76 -2.37
CA ILE B 174 -9.81 -5.14 -2.16
C ILE B 174 -10.54 -5.65 -3.39
N ILE B 175 -11.51 -4.87 -3.88
CA ILE B 175 -12.28 -5.30 -5.04
C ILE B 175 -11.39 -5.35 -6.28
N ARG B 176 -10.33 -4.54 -6.32
CA ARG B 176 -9.38 -4.64 -7.42
C ARG B 176 -8.82 -6.06 -7.51
N ASN B 177 -8.37 -6.59 -6.37
CA ASN B 177 -7.86 -7.96 -6.36
C ASN B 177 -8.95 -8.97 -6.73
N LEU B 178 -10.19 -8.69 -6.34
CA LEU B 178 -11.29 -9.58 -6.71
C LEU B 178 -11.64 -9.47 -8.18
N MET B 179 -11.38 -8.30 -8.80
CA MET B 179 -11.66 -8.16 -10.22
C MET B 179 -10.61 -8.90 -11.05
N VAL B 180 -9.34 -8.77 -10.67
CA VAL B 180 -8.29 -9.54 -11.34
C VAL B 180 -8.51 -11.02 -11.15
N ASP B 181 -8.87 -11.43 -9.94
CA ASP B 181 -9.09 -12.85 -9.65
C ASP B 181 -10.31 -13.38 -10.39
N SER B 182 -11.38 -12.59 -10.46
CA SER B 182 -12.58 -13.06 -11.14
C SER B 182 -12.34 -13.28 -12.61
N LYS B 183 -11.44 -12.49 -13.22
CA LYS B 183 -11.14 -12.64 -14.64
C LYS B 183 -10.11 -13.74 -14.87
N SER B 184 -9.08 -13.81 -14.02
CA SER B 184 -8.04 -14.82 -14.20
C SER B 184 -8.64 -16.21 -14.09
N ALA B 185 -9.48 -16.44 -13.09
CA ALA B 185 -10.22 -17.69 -12.92
C ALA B 185 -11.69 -17.32 -13.02
N PRO B 186 -12.30 -17.40 -14.22
CA PRO B 186 -13.68 -16.92 -14.40
C PRO B 186 -14.62 -17.27 -13.25
N ARG B 187 -15.18 -16.23 -12.64
CA ARG B 187 -15.96 -16.33 -11.43
C ARG B 187 -16.69 -15.02 -11.23
N TRP B 188 -17.79 -15.07 -10.49
CA TRP B 188 -18.53 -13.89 -10.08
C TRP B 188 -18.43 -13.76 -8.57
N PHE B 189 -18.05 -12.58 -8.10
CA PHE B 189 -18.02 -12.28 -6.68
C PHE B 189 -19.22 -11.43 -6.32
N LEU B 190 -19.95 -11.82 -5.29
CA LEU B 190 -20.94 -10.96 -4.66
C LEU B 190 -20.25 -10.33 -3.46
N VAL B 191 -19.90 -9.06 -3.60
CA VAL B 191 -19.24 -8.30 -2.56
C VAL B 191 -20.31 -7.54 -1.78
N GLU B 192 -20.41 -7.82 -0.48
CA GLU B 192 -21.33 -7.13 0.40
C GLU B 192 -20.57 -6.06 1.17
N ALA B 193 -20.97 -4.80 1.01
CA ALA B 193 -20.37 -3.69 1.72
C ALA B 193 -21.11 -3.50 3.03
N MET B 194 -20.41 -3.75 4.14
CA MET B 194 -21.01 -3.67 5.47
C MET B 194 -21.62 -2.29 5.69
N GLY B 195 -22.71 -2.27 6.46
CA GLY B 195 -23.37 -1.03 6.80
C GLY B 195 -24.71 -0.87 6.10
N ARG B 196 -25.76 -0.67 6.89
CA ARG B 196 -27.11 -0.53 6.36
C ARG B 196 -27.62 0.90 6.37
N SER B 197 -26.79 1.88 6.75
CA SER B 197 -27.26 3.26 6.82
C SER B 197 -27.64 3.78 5.45
N ALA B 198 -26.76 3.62 4.46
CA ALA B 198 -26.98 4.17 3.13
C ALA B 198 -26.12 3.39 2.14
N GLY B 199 -26.30 3.72 0.86
CA GLY B 199 -25.56 3.10 -0.22
C GLY B 199 -24.33 3.85 -0.68
N HIS B 200 -23.86 4.83 0.09
CA HIS B 200 -22.70 5.61 -0.33
C HIS B 200 -21.45 4.76 -0.45
N LEU B 201 -21.22 3.88 0.54
CA LEU B 201 -20.01 3.07 0.53
C LEU B 201 -20.01 2.05 -0.59
N ALA B 202 -21.14 1.37 -0.82
CA ALA B 202 -21.21 0.39 -1.88
C ALA B 202 -20.99 1.04 -3.23
N LEU B 203 -21.73 2.12 -3.51
CA LEU B 203 -21.64 2.77 -4.81
C LEU B 203 -20.26 3.38 -5.03
N GLY B 204 -19.65 3.93 -3.97
CA GLY B 204 -18.33 4.51 -4.12
C GLY B 204 -17.26 3.48 -4.44
N MET B 205 -17.29 2.35 -3.74
CA MET B 205 -16.33 1.28 -4.02
C MET B 205 -16.56 0.68 -5.41
N ALA B 206 -17.83 0.49 -5.78
CA ALA B 206 -18.13 -0.14 -7.06
C ALA B 206 -17.76 0.75 -8.23
N GLU B 207 -18.07 2.04 -8.15
CA GLU B 207 -17.75 2.96 -9.25
C GLU B 207 -16.25 3.09 -9.41
N ALA B 208 -15.52 3.21 -8.30
CA ALA B 208 -14.07 3.37 -8.39
C ALA B 208 -13.40 2.12 -8.95
N SER B 209 -13.84 0.94 -8.52
CA SER B 209 -13.23 -0.31 -8.93
C SER B 209 -13.81 -0.84 -10.24
N GLY B 210 -14.76 -0.12 -10.84
CA GLY B 210 -15.33 -0.56 -12.09
C GLY B 210 -16.09 -1.87 -11.99
N ALA B 211 -16.73 -2.12 -10.85
CA ALA B 211 -17.58 -3.30 -10.73
C ALA B 211 -18.71 -3.25 -11.74
N HIS B 212 -19.20 -4.43 -12.11
CA HIS B 212 -20.19 -4.53 -13.17
C HIS B 212 -21.61 -4.25 -12.70
N LEU B 213 -21.82 -4.05 -11.40
CA LEU B 213 -23.16 -3.78 -10.89
C LEU B 213 -23.05 -3.36 -9.44
N CYS B 214 -23.87 -2.38 -9.05
CA CYS B 214 -24.00 -1.99 -7.65
C CYS B 214 -25.47 -1.85 -7.33
N LEU B 215 -25.92 -2.62 -6.33
CA LEU B 215 -27.31 -2.58 -5.87
C LEU B 215 -27.33 -1.92 -4.50
N ILE B 216 -28.08 -0.82 -4.39
CA ILE B 216 -28.18 -0.08 -3.13
C ILE B 216 -29.65 0.16 -2.84
N PRO B 217 -30.05 0.32 -1.58
CA PRO B 217 -31.48 0.47 -1.27
C PRO B 217 -32.12 1.70 -1.91
N GLU B 218 -31.33 2.71 -2.28
CA GLU B 218 -31.92 3.97 -2.75
C GLU B 218 -32.58 3.82 -4.11
N GLU B 219 -32.14 2.87 -4.92
CA GLU B 219 -32.61 2.75 -6.30
C GLU B 219 -33.86 1.91 -6.44
N PHE B 220 -34.35 1.29 -5.36
CA PHE B 220 -35.55 0.47 -5.43
C PHE B 220 -36.78 1.35 -5.21
N LYS B 221 -37.62 1.44 -6.24
CA LYS B 221 -38.79 2.31 -6.18
C LYS B 221 -39.78 1.86 -5.10
N GLN B 222 -40.00 0.55 -4.97
CA GLN B 222 -40.93 0.06 -3.97
C GLN B 222 -40.43 0.39 -2.57
N ASP B 223 -41.37 0.66 -1.66
CA ASP B 223 -41.01 0.90 -0.27
C ASP B 223 -40.42 -0.33 0.40
N GLU B 224 -40.72 -1.52 -0.11
CA GLU B 224 -40.15 -2.76 0.39
C GLU B 224 -39.59 -3.57 -0.78
N ILE B 225 -38.64 -4.45 -0.48
CA ILE B 225 -37.89 -5.19 -1.47
C ILE B 225 -38.20 -6.67 -1.31
N GLU B 226 -38.26 -7.38 -2.44
CA GLU B 226 -38.48 -8.82 -2.42
C GLU B 226 -37.20 -9.56 -2.80
N PHE B 227 -36.91 -10.63 -2.05
CA PHE B 227 -35.71 -11.41 -2.29
C PHE B 227 -35.62 -11.84 -3.75
N GLU B 228 -36.77 -12.14 -4.35
CA GLU B 228 -36.78 -12.58 -5.74
C GLU B 228 -36.26 -11.49 -6.68
N ASP B 229 -36.65 -10.24 -6.44
CA ASP B 229 -36.25 -9.15 -7.33
C ASP B 229 -34.75 -8.88 -7.24
N VAL B 230 -34.15 -9.07 -6.07
CA VAL B 230 -32.70 -8.92 -5.96
C VAL B 230 -31.99 -10.05 -6.70
N VAL B 231 -32.50 -11.28 -6.57
CA VAL B 231 -31.89 -12.40 -7.29
C VAL B 231 -31.91 -12.14 -8.78
N GLU B 232 -33.02 -11.62 -9.29
CA GLU B 232 -33.19 -11.46 -10.74
C GLU B 232 -32.45 -10.24 -11.28
N LEU B 233 -32.25 -9.20 -10.46
CA LEU B 233 -31.45 -8.07 -10.91
C LEU B 233 -30.00 -8.48 -11.14
N VAL B 234 -29.44 -9.28 -10.21
CA VAL B 234 -28.11 -9.83 -10.41
C VAL B 234 -28.13 -10.85 -11.54
N GLU B 235 -29.19 -11.64 -11.62
CA GLU B 235 -29.26 -12.72 -12.60
C GLU B 235 -29.22 -12.17 -14.03
N ALA B 236 -29.99 -11.10 -14.29
CA ALA B 236 -30.03 -10.53 -15.63
C ALA B 236 -28.71 -9.87 -15.99
N THR B 237 -28.02 -9.29 -15.00
CA THR B 237 -26.69 -8.75 -15.25
C THR B 237 -25.72 -9.86 -15.64
N ILE B 238 -25.75 -10.98 -14.92
CA ILE B 238 -24.86 -12.10 -15.25
C ILE B 238 -25.15 -12.62 -16.65
N LEU B 239 -26.44 -12.76 -16.99
CA LEU B 239 -26.80 -13.27 -18.31
C LEU B 239 -26.34 -12.32 -19.41
N LYS B 240 -26.54 -11.01 -19.23
CA LYS B 240 -26.10 -10.07 -20.25
C LYS B 240 -24.60 -10.15 -20.47
N ARG B 241 -23.84 -10.28 -19.39
CA ARG B 241 -22.40 -10.49 -19.51
C ARG B 241 -22.10 -11.80 -20.24
N LEU B 242 -22.89 -12.84 -19.97
CA LEU B 242 -22.68 -14.12 -20.63
C LEU B 242 -22.93 -14.01 -22.13
N ALA B 243 -23.84 -13.13 -22.54
CA ALA B 243 -24.13 -12.94 -23.95
C ALA B 243 -23.00 -12.24 -24.69
N TYR B 244 -21.98 -11.75 -23.98
CA TYR B 244 -20.81 -11.14 -24.60
C TYR B 244 -19.53 -11.94 -24.33
N GLY B 245 -19.67 -13.22 -23.99
CA GLY B 245 -18.51 -14.09 -23.85
C GLY B 245 -17.78 -13.97 -22.54
N LYS B 246 -18.33 -13.27 -21.56
CA LYS B 246 -17.66 -13.03 -20.28
C LYS B 246 -18.47 -13.68 -19.17
N ASN B 247 -18.00 -14.82 -18.68
CA ASN B 247 -18.65 -15.54 -17.58
C ASN B 247 -18.01 -15.18 -16.24
N TYR B 248 -17.89 -13.89 -15.94
CA TYR B 248 -17.25 -13.43 -14.71
C TYR B 248 -17.57 -11.97 -14.48
N GLY B 249 -17.34 -11.51 -13.26
CA GLY B 249 -17.61 -10.14 -12.90
C GLY B 249 -17.64 -9.95 -11.39
N VAL B 250 -17.98 -8.73 -10.99
CA VAL B 250 -18.15 -8.38 -9.59
C VAL B 250 -19.41 -7.54 -9.42
N CYS B 251 -20.24 -7.90 -8.45
CA CYS B 251 -21.44 -7.16 -8.10
C CYS B 251 -21.32 -6.73 -6.64
N VAL B 252 -21.55 -5.45 -6.38
CA VAL B 252 -21.41 -4.88 -5.04
C VAL B 252 -22.80 -4.63 -4.49
N LEU B 253 -23.16 -5.34 -3.43
CA LEU B 253 -24.44 -5.18 -2.75
C LEU B 253 -24.22 -4.36 -1.48
N ALA B 254 -24.96 -3.27 -1.35
CA ALA B 254 -25.02 -2.56 -0.09
C ALA B 254 -25.82 -3.39 0.92
N GLU B 255 -25.30 -3.50 2.14
CA GLU B 255 -25.98 -4.31 3.15
C GLU B 255 -27.36 -3.75 3.48
N GLY B 256 -27.60 -2.46 3.22
CA GLY B 256 -28.88 -1.85 3.51
C GLY B 256 -30.04 -2.45 2.75
N LEU B 257 -29.78 -3.23 1.70
CA LEU B 257 -30.86 -3.92 1.00
C LEU B 257 -31.66 -4.80 1.96
N VAL B 258 -31.00 -5.40 2.95
CA VAL B 258 -31.68 -6.27 3.88
C VAL B 258 -32.75 -5.50 4.64
N SER B 259 -32.41 -4.31 5.13
CA SER B 259 -33.32 -3.56 5.97
C SER B 259 -34.46 -2.92 5.18
N LYS B 260 -34.45 -3.02 3.85
CA LYS B 260 -35.56 -2.58 3.02
C LYS B 260 -36.45 -3.72 2.56
N MET B 261 -36.11 -4.96 2.91
CA MET B 261 -36.87 -6.12 2.47
C MET B 261 -38.18 -6.26 3.24
N SER B 262 -39.14 -6.91 2.60
CA SER B 262 -40.39 -7.30 3.25
C SER B 262 -40.17 -8.57 4.08
N LYS B 263 -41.16 -8.88 4.92
CA LYS B 263 -41.02 -10.05 5.78
C LYS B 263 -41.02 -11.35 4.99
N LYS B 264 -41.72 -11.40 3.86
CA LYS B 264 -41.61 -12.56 2.99
C LYS B 264 -40.18 -12.69 2.48
N ALA B 265 -39.55 -11.56 2.15
CA ALA B 265 -38.15 -11.59 1.74
C ALA B 265 -37.21 -11.93 2.89
N LEU B 266 -37.55 -11.51 4.11
CA LEU B 266 -36.70 -11.83 5.26
C LEU B 266 -36.73 -13.32 5.58
N TYR B 267 -37.92 -13.92 5.56
CA TYR B 267 -38.02 -15.35 5.83
C TYR B 267 -37.23 -16.16 4.80
N LYS B 268 -37.35 -15.79 3.52
CA LYS B 268 -36.56 -16.44 2.49
C LYS B 268 -35.07 -16.18 2.68
N LEU B 269 -34.71 -14.96 3.07
CA LEU B 269 -33.31 -14.61 3.23
C LEU B 269 -32.66 -15.46 4.31
N PHE B 270 -33.38 -15.74 5.40
CA PHE B 270 -32.86 -16.53 6.50
C PHE B 270 -33.06 -18.02 6.30
N GLY B 271 -33.38 -18.46 5.08
CA GLY B 271 -33.43 -19.88 4.77
C GLY B 271 -34.82 -20.47 4.89
N ASN B 272 -35.82 -19.82 4.31
CA ASN B 272 -37.21 -20.24 4.41
C ASN B 272 -37.52 -20.63 5.85
N ARG B 273 -37.30 -19.67 6.74
CA ARG B 273 -37.37 -19.90 8.18
C ARG B 273 -37.88 -18.61 8.82
N GLU B 274 -37.69 -18.50 10.13
CA GLU B 274 -38.17 -17.35 10.89
C GLU B 274 -37.00 -16.44 11.23
N PRO B 275 -37.01 -15.17 10.85
CA PRO B 275 -35.91 -14.27 11.20
C PRO B 275 -35.63 -14.30 12.70
N PRO B 276 -34.38 -14.51 13.10
CA PRO B 276 -34.04 -14.47 14.53
C PRO B 276 -34.31 -13.10 15.12
N THR B 277 -34.59 -13.09 16.42
CA THR B 277 -34.93 -11.87 17.14
C THR B 277 -34.31 -11.91 18.53
N ASP B 278 -33.97 -10.74 19.04
CA ASP B 278 -33.42 -10.60 20.39
C ASP B 278 -34.56 -10.66 21.39
N PRO B 279 -34.26 -10.58 22.69
CA PRO B 279 -35.34 -10.59 23.69
C PRO B 279 -35.95 -9.21 23.90
N HIS B 280 -36.19 -8.51 22.79
CA HIS B 280 -36.93 -7.25 22.83
C HIS B 280 -37.88 -7.10 21.64
N GLY B 281 -37.90 -8.05 20.71
CA GLY B 281 -38.77 -7.96 19.55
C GLY B 281 -38.15 -7.34 18.33
N HIS B 282 -36.82 -7.27 18.23
CA HIS B 282 -36.12 -6.64 17.12
C HIS B 282 -35.44 -7.71 16.28
N ILE B 283 -35.63 -7.65 14.96
CA ILE B 283 -35.02 -8.62 14.07
C ILE B 283 -33.52 -8.40 14.03
N LEU B 284 -32.75 -9.46 14.28
CA LEU B 284 -31.29 -9.38 14.30
C LEU B 284 -30.77 -9.48 12.87
N LEU B 285 -30.63 -8.32 12.22
CA LEU B 285 -30.21 -8.28 10.83
C LEU B 285 -28.72 -8.54 10.67
N ASP B 286 -27.92 -8.41 11.73
CA ASP B 286 -26.51 -8.76 11.65
C ASP B 286 -26.30 -10.24 11.37
N ASP B 287 -27.30 -11.07 11.67
CA ASP B 287 -27.22 -12.50 11.40
C ASP B 287 -27.62 -12.85 9.97
N ALA B 288 -28.14 -11.90 9.21
CA ALA B 288 -28.40 -12.14 7.80
C ALA B 288 -27.09 -12.25 7.02
N GLU B 289 -27.12 -13.04 5.97
CA GLU B 289 -25.96 -13.34 5.12
C GLU B 289 -26.29 -13.03 3.67
N LEU B 290 -26.76 -11.80 3.43
CA LEU B 290 -27.27 -11.39 2.12
C LEU B 290 -26.43 -11.93 0.95
N ALA B 291 -25.14 -11.60 0.90
CA ALA B 291 -24.34 -12.02 -0.24
C ALA B 291 -24.31 -13.53 -0.37
N ARG B 292 -24.23 -14.25 0.75
CA ARG B 292 -24.17 -15.70 0.70
C ARG B 292 -25.48 -16.30 0.21
N SER B 293 -26.61 -15.76 0.67
CA SER B 293 -27.90 -16.32 0.28
C SER B 293 -28.16 -16.12 -1.21
N LEU B 294 -27.75 -14.97 -1.75
CA LEU B 294 -28.04 -14.69 -3.15
C LEU B 294 -27.15 -15.52 -4.07
N SER B 295 -25.88 -15.72 -3.70
CA SER B 295 -25.03 -16.58 -4.51
C SER B 295 -25.48 -18.03 -4.43
N GLU B 296 -25.97 -18.46 -3.26
CA GLU B 296 -26.51 -19.80 -3.12
C GLU B 296 -27.68 -20.03 -4.07
N GLU B 297 -28.60 -19.06 -4.13
CA GLU B 297 -29.75 -19.18 -5.02
C GLU B 297 -29.33 -19.01 -6.47
N LEU B 298 -28.41 -18.10 -6.74
CA LEU B 298 -27.98 -17.84 -8.12
C LEU B 298 -27.24 -19.03 -8.71
N LEU B 299 -26.60 -19.85 -7.87
CA LEU B 299 -25.94 -21.05 -8.38
C LEU B 299 -26.94 -22.11 -8.79
N LYS B 300 -28.11 -22.16 -8.15
CA LYS B 300 -29.13 -23.12 -8.55
C LYS B 300 -29.65 -22.81 -9.95
N ARG B 301 -29.77 -21.54 -10.30
CA ARG B 301 -30.33 -21.11 -11.58
C ARG B 301 -29.30 -21.05 -12.69
N LEU B 302 -28.16 -20.41 -12.42
CA LEU B 302 -27.16 -20.14 -13.44
C LEU B 302 -25.94 -21.04 -13.32
N GLY B 303 -25.86 -21.88 -12.29
CA GLY B 303 -24.68 -22.70 -12.10
C GLY B 303 -24.42 -23.66 -13.25
N ASN B 304 -25.48 -24.21 -13.82
CA ASN B 304 -25.33 -25.18 -14.90
C ASN B 304 -24.86 -24.55 -16.21
N LEU B 305 -24.83 -23.22 -16.30
CA LEU B 305 -24.26 -22.54 -17.45
C LEU B 305 -22.76 -22.34 -17.32
N GLY B 306 -22.10 -23.11 -16.47
CA GLY B 306 -20.68 -22.93 -16.22
C GLY B 306 -20.36 -21.62 -15.53
N ILE B 307 -21.15 -21.25 -14.53
CA ILE B 307 -20.95 -20.01 -13.77
C ILE B 307 -20.70 -20.37 -12.32
N ARG B 308 -19.64 -19.80 -11.76
CA ARG B 308 -19.29 -19.95 -10.35
C ARG B 308 -19.58 -18.63 -9.64
N ILE B 309 -20.09 -18.70 -8.41
CA ILE B 309 -20.44 -17.51 -7.65
C ILE B 309 -19.94 -17.69 -6.23
N THR B 310 -19.39 -16.60 -5.66
CA THR B 310 -18.77 -16.64 -4.34
C THR B 310 -19.06 -15.35 -3.59
N PRO B 311 -19.52 -15.42 -2.34
CA PRO B 311 -19.72 -14.20 -1.56
C PRO B 311 -18.42 -13.73 -0.92
N LYS B 312 -18.44 -12.46 -0.51
CA LYS B 312 -17.28 -11.85 0.14
C LYS B 312 -17.77 -10.61 0.87
N LYS B 313 -17.54 -10.53 2.17
CA LYS B 313 -17.88 -9.35 2.96
C LYS B 313 -16.68 -8.43 3.09
N ILE B 314 -16.96 -7.12 3.10
CA ILE B 314 -15.95 -6.09 3.31
C ILE B 314 -16.53 -5.07 4.29
N GLY B 315 -15.70 -4.63 5.24
CA GLY B 315 -16.07 -3.48 6.04
C GLY B 315 -15.56 -3.45 7.48
N TYR B 316 -15.27 -4.60 8.09
CA TYR B 316 -14.63 -4.56 9.40
C TYR B 316 -13.16 -4.18 9.28
N GLU B 317 -12.51 -4.59 8.18
CA GLU B 317 -11.14 -4.21 7.90
C GLU B 317 -11.00 -2.75 7.46
N LEU B 318 -12.11 -2.08 7.16
CA LEU B 318 -12.04 -0.69 6.71
C LEU B 318 -12.02 0.30 7.88
N ARG B 319 -12.60 -0.07 9.01
CA ARG B 319 -12.92 0.90 10.05
C ARG B 319 -11.69 1.47 10.75
N CYS B 320 -10.56 0.77 10.72
CA CYS B 320 -9.35 1.28 11.37
C CYS B 320 -8.16 1.25 10.42
N ALA B 321 -8.45 1.39 9.14
CA ALA B 321 -7.38 1.66 8.18
C ALA B 321 -6.74 3.00 8.52
N ASP B 322 -5.43 3.09 8.25
CA ASP B 322 -4.73 4.36 8.44
C ASP B 322 -5.36 5.41 7.51
N PRO B 323 -5.67 6.60 8.01
CA PRO B 323 -6.37 7.58 7.17
C PRO B 323 -5.53 8.01 5.97
N VAL B 324 -6.21 8.23 4.84
CA VAL B 324 -5.58 8.75 3.63
C VAL B 324 -5.42 10.25 3.79
N ALA B 325 -4.66 10.88 2.90
CA ALA B 325 -4.32 12.29 3.10
C ALA B 325 -5.58 13.14 3.24
N PHE B 326 -6.60 12.86 2.43
CA PHE B 326 -7.81 13.67 2.50
C PHE B 326 -8.40 13.65 3.90
N ASP B 327 -8.40 12.48 4.55
CA ASP B 327 -8.94 12.39 5.90
C ASP B 327 -7.98 12.97 6.95
N ALA B 328 -6.67 12.83 6.76
CA ALA B 328 -5.74 13.40 7.72
C ALA B 328 -5.91 14.93 7.79
N VAL B 329 -6.03 15.57 6.64
CA VAL B 329 -6.28 17.02 6.62
C VAL B 329 -7.66 17.32 7.18
N TYR B 330 -8.67 16.55 6.76
CA TYR B 330 -10.04 16.78 7.20
C TYR B 330 -10.13 16.76 8.72
N THR B 331 -9.61 15.71 9.34
CA THR B 331 -9.80 15.53 10.77
C THR B 331 -8.95 16.49 11.58
N ARG B 332 -7.79 16.89 11.05
CA ARG B 332 -7.03 17.93 11.72
C ARG B 332 -7.79 19.25 11.74
N GLU B 333 -8.45 19.57 10.62
CA GLU B 333 -9.25 20.79 10.57
C GLU B 333 -10.47 20.70 11.48
N LEU B 334 -11.02 19.50 11.66
CA LEU B 334 -12.17 19.35 12.56
C LEU B 334 -11.74 19.50 14.01
N GLY B 335 -10.63 18.85 14.40
CA GLY B 335 -10.15 19.00 15.76
C GLY B 335 -9.85 20.44 16.09
N TYR B 336 -9.22 21.16 15.16
CA TYR B 336 -9.01 22.59 15.34
C TYR B 336 -10.35 23.31 15.49
N GLY B 337 -11.32 22.98 14.64
CA GLY B 337 -12.60 23.64 14.69
C GLY B 337 -13.32 23.45 16.02
N ALA B 338 -13.16 22.28 16.63
CA ALA B 338 -13.77 22.05 17.94
C ALA B 338 -13.20 23.01 18.98
N ILE B 339 -11.88 23.20 18.97
CA ILE B 339 -11.26 24.13 19.91
C ILE B 339 -11.67 25.56 19.59
N ASP B 340 -11.80 25.89 18.31
CA ASP B 340 -12.25 27.22 17.92
C ASP B 340 -13.66 27.48 18.43
N ALA B 341 -14.53 26.49 18.35
CA ALA B 341 -15.89 26.65 18.87
C ALA B 341 -15.87 26.85 20.38
N PHE B 342 -15.01 26.12 21.09
CA PHE B 342 -14.90 26.32 22.54
C PHE B 342 -14.51 27.77 22.86
N LEU B 343 -13.53 28.30 22.12
CA LEU B 343 -13.07 29.67 22.39
C LEU B 343 -14.16 30.69 22.10
N ASN B 344 -14.86 30.54 20.98
CA ASN B 344 -15.88 31.50 20.60
C ASN B 344 -17.14 31.40 21.44
N GLY B 345 -17.22 30.43 22.34
CA GLY B 345 -18.32 30.34 23.28
C GLY B 345 -19.47 29.45 22.87
N HIS B 346 -19.33 28.71 21.76
CA HIS B 346 -20.41 27.85 21.31
C HIS B 346 -20.58 26.66 22.23
N SER B 347 -21.79 26.10 22.24
CA SER B 347 -22.08 24.90 23.00
C SER B 347 -23.29 24.22 22.39
N ALA B 348 -23.42 22.92 22.67
CA ALA B 348 -24.45 22.09 22.06
C ALA B 348 -24.42 22.24 20.53
N ALA B 349 -23.23 22.31 19.98
CA ALA B 349 -23.02 22.48 18.54
C ALA B 349 -22.18 21.33 18.00
N LEU B 350 -22.35 21.06 16.72
CA LEU B 350 -21.64 19.99 16.02
C LEU B 350 -20.67 20.62 15.01
N ILE B 351 -19.43 20.16 15.02
CA ILE B 351 -18.40 20.69 14.14
C ILE B 351 -18.47 19.95 12.81
N VAL B 352 -18.74 20.68 11.74
CA VAL B 352 -18.83 20.12 10.39
C VAL B 352 -18.09 21.04 9.45
N ARG B 353 -17.72 20.50 8.30
CA ARG B 353 -17.04 21.24 7.24
C ARG B 353 -17.98 21.35 6.06
N GLU B 354 -18.44 22.57 5.79
CA GLU B 354 -19.28 22.87 4.63
C GLU B 354 -18.56 23.85 3.73
N ASN B 355 -18.42 23.49 2.46
CA ASN B 355 -17.78 24.34 1.45
C ASN B 355 -16.38 24.74 1.89
N GLY B 356 -15.63 23.77 2.40
CA GLY B 356 -14.26 24.02 2.80
C GLY B 356 -14.11 24.91 4.01
N GLN B 357 -15.18 25.11 4.78
CA GLN B 357 -15.15 25.93 5.99
C GLN B 357 -15.62 25.07 7.16
N VAL B 358 -14.77 24.92 8.17
CA VAL B 358 -15.16 24.26 9.41
C VAL B 358 -15.84 25.28 10.30
N LYS B 359 -17.10 25.02 10.63
CA LYS B 359 -17.91 25.93 11.42
C LYS B 359 -18.76 25.14 12.40
N PRO B 360 -19.04 25.68 13.59
CA PRO B 360 -19.97 25.01 14.50
C PRO B 360 -21.42 25.25 14.08
N VAL B 361 -22.20 24.17 14.12
CA VAL B 361 -23.59 24.19 13.69
C VAL B 361 -24.45 23.64 14.82
N GLN B 362 -25.41 24.44 15.29
CA GLN B 362 -26.20 24.05 16.46
C GLN B 362 -26.94 22.74 16.21
N PHE B 363 -26.98 21.89 17.24
CA PHE B 363 -27.56 20.57 17.11
C PHE B 363 -29.04 20.64 16.75
N LYS B 364 -29.78 21.58 17.36
CA LYS B 364 -31.20 21.71 17.05
C LYS B 364 -31.42 22.02 15.58
N ASP B 365 -30.45 22.67 14.94
CA ASP B 365 -30.60 23.04 13.53
C ASP B 365 -30.37 21.86 12.58
N LEU B 366 -29.86 20.73 13.07
CA LEU B 366 -29.65 19.56 12.24
C LEU B 366 -30.75 18.51 12.40
N LEU B 367 -31.77 18.78 13.21
CA LEU B 367 -32.83 17.82 13.43
C LEU B 367 -33.84 17.84 12.29
N ASP B 368 -34.33 16.66 11.95
CA ASP B 368 -35.47 16.55 11.04
C ASP B 368 -36.74 16.70 11.87
N PRO B 369 -37.56 17.74 11.64
CA PRO B 369 -38.67 18.01 12.57
C PRO B 369 -39.67 16.87 12.68
N ALA B 370 -39.78 16.00 11.68
CA ALA B 370 -40.72 14.90 11.76
C ALA B 370 -40.29 13.84 12.76
N THR B 371 -38.98 13.63 12.92
CA THR B 371 -38.47 12.54 13.74
C THR B 371 -37.73 13.00 15.00
N GLY B 372 -37.31 14.25 15.07
CA GLY B 372 -36.42 14.66 16.15
C GLY B 372 -35.04 14.05 16.04
N ARG B 373 -34.68 13.54 14.87
CA ARG B 373 -33.42 12.86 14.64
C ARG B 373 -32.65 13.58 13.54
N VAL B 374 -31.31 13.62 13.68
CA VAL B 374 -30.50 14.22 12.64
C VAL B 374 -30.86 13.60 11.30
N ARG B 375 -30.93 14.45 10.27
CA ARG B 375 -31.33 13.97 8.95
C ARG B 375 -30.30 12.99 8.40
N THR B 376 -30.77 12.08 7.55
CA THR B 376 -29.93 11.07 6.93
C THR B 376 -29.82 11.37 5.44
N ARG B 377 -28.59 11.53 4.96
CA ARG B 377 -28.33 11.77 3.55
C ARG B 377 -28.07 10.43 2.87
N LEU B 378 -28.95 10.05 1.96
CA LEU B 378 -28.79 8.85 1.16
C LEU B 378 -28.28 9.23 -0.23
N VAL B 379 -28.10 8.22 -1.08
CA VAL B 379 -27.66 8.47 -2.44
C VAL B 379 -28.79 9.14 -3.22
N ASP B 380 -28.47 10.24 -3.88
CA ASP B 380 -29.42 10.93 -4.76
C ASP B 380 -29.39 10.23 -6.12
N VAL B 381 -30.35 9.33 -6.35
CA VAL B 381 -30.35 8.53 -7.57
C VAL B 381 -30.78 9.33 -8.80
N THR B 382 -31.24 10.57 -8.62
CA THR B 382 -31.52 11.46 -9.73
C THR B 382 -30.34 12.36 -10.07
N SER B 383 -29.22 12.19 -9.37
CA SER B 383 -28.05 13.03 -9.62
C SER B 383 -27.37 12.64 -10.93
N GLN B 384 -26.55 13.56 -11.43
CA GLN B 384 -25.71 13.24 -12.59
C GLN B 384 -24.73 12.13 -12.24
N SER B 385 -24.18 12.15 -11.02
CA SER B 385 -23.18 11.16 -10.63
C SER B 385 -23.74 9.74 -10.71
N PHE B 386 -24.91 9.52 -10.12
CA PHE B 386 -25.48 8.18 -10.10
C PHE B 386 -25.83 7.70 -11.50
N LYS B 387 -26.34 8.60 -12.35
CA LYS B 387 -26.61 8.24 -13.73
C LYS B 387 -25.34 7.85 -14.46
N VAL B 388 -24.24 8.54 -14.20
CA VAL B 388 -22.97 8.20 -14.82
C VAL B 388 -22.51 6.83 -14.35
N ALA B 389 -22.65 6.54 -13.06
CA ALA B 389 -22.28 5.23 -12.55
C ALA B 389 -23.09 4.14 -13.24
N ARG B 390 -24.39 4.36 -13.41
CA ARG B 390 -25.25 3.37 -14.08
C ARG B 390 -24.84 3.17 -15.53
N VAL B 391 -24.34 4.21 -16.18
CA VAL B 391 -23.96 4.10 -17.60
C VAL B 391 -22.90 3.01 -17.78
N TYR B 392 -21.99 2.89 -16.82
CA TYR B 392 -20.90 1.93 -16.93
C TYR B 392 -21.21 0.59 -16.28
N MET B 393 -22.36 0.45 -15.63
CA MET B 393 -22.77 -0.84 -15.10
C MET B 393 -23.28 -1.73 -16.24
N TRP B 394 -23.13 -3.04 -16.05
CA TRP B 394 -23.69 -4.03 -16.96
C TRP B 394 -25.07 -4.43 -16.48
N ARG B 395 -26.10 -3.95 -17.17
CA ARG B 395 -27.48 -4.19 -16.74
C ARG B 395 -28.41 -4.05 -17.93
N MET B 396 -29.61 -4.61 -17.79
CA MET B 396 -30.66 -4.48 -18.78
C MET B 396 -31.47 -3.22 -18.45
N SER B 397 -31.33 -2.19 -19.27
CA SER B 397 -32.09 -0.96 -19.07
C SER B 397 -33.46 -1.07 -19.71
N LYS B 398 -34.24 0.01 -19.59
CA LYS B 398 -35.60 0.00 -20.16
C LYS B 398 -35.55 -0.16 -21.67
N LYS B 399 -34.94 0.80 -22.38
CA LYS B 399 -34.80 0.68 -23.82
C LYS B 399 -34.04 -0.59 -24.20
N ASP B 400 -33.22 -1.11 -23.29
CA ASP B 400 -32.51 -2.35 -23.55
C ASP B 400 -33.46 -3.52 -23.76
N TYR B 401 -34.50 -3.62 -22.92
CA TYR B 401 -35.45 -4.71 -23.04
C TYR B 401 -36.27 -4.64 -24.33
N GLU B 402 -36.26 -3.51 -25.02
CA GLU B 402 -37.03 -3.35 -26.25
C GLU B 402 -36.25 -3.72 -27.51
N ASN B 403 -34.96 -4.02 -27.38
CA ASN B 403 -34.14 -4.45 -28.51
C ASN B 403 -34.30 -5.96 -28.67
N LYS B 404 -34.94 -6.39 -29.76
CA LYS B 404 -35.19 -7.81 -29.98
C LYS B 404 -33.87 -8.57 -30.18
N ASP B 405 -32.93 -7.96 -30.89
CA ASP B 405 -31.65 -8.62 -31.13
C ASP B 405 -30.91 -8.86 -29.82
N LEU B 406 -30.90 -7.86 -28.93
CA LEU B 406 -30.19 -8.01 -27.67
C LEU B 406 -30.87 -9.03 -26.77
N VAL B 407 -32.20 -8.96 -26.64
CA VAL B 407 -32.90 -9.93 -25.83
C VAL B 407 -32.78 -11.32 -26.42
N ALA B 408 -32.56 -11.42 -27.73
CA ALA B 408 -32.33 -12.72 -28.35
C ALA B 408 -30.99 -13.30 -27.91
N ARG B 409 -29.95 -12.47 -27.91
CA ARG B 409 -28.63 -12.95 -27.51
C ARG B 409 -28.60 -13.29 -26.03
N VAL B 410 -29.20 -12.46 -25.19
CA VAL B 410 -29.15 -12.69 -23.75
C VAL B 410 -29.98 -13.92 -23.38
N ALA B 411 -31.19 -14.03 -23.93
CA ALA B 411 -32.02 -15.19 -23.64
C ALA B 411 -31.33 -16.47 -24.07
N ALA B 412 -30.73 -16.48 -25.26
CA ALA B 412 -30.00 -17.65 -25.73
C ALA B 412 -28.85 -17.98 -24.77
N ALA B 413 -28.22 -16.95 -24.20
CA ALA B 413 -27.16 -17.19 -23.22
C ALA B 413 -27.68 -17.95 -22.02
N GLY B 414 -28.88 -17.60 -21.55
CA GLY B 414 -29.51 -18.28 -20.44
C GLY B 414 -30.22 -19.56 -20.80
N LYS B 415 -30.07 -20.04 -22.03
CA LYS B 415 -30.68 -21.29 -22.47
C LYS B 415 -32.19 -21.25 -22.35
N MET B 416 -32.79 -20.08 -22.55
CA MET B 416 -34.24 -19.91 -22.50
C MET B 416 -34.68 -19.17 -23.75
N THR B 417 -35.99 -19.19 -24.00
CA THR B 417 -36.53 -18.54 -25.19
C THR B 417 -36.66 -17.03 -24.97
N PRO B 418 -36.69 -16.25 -26.05
CA PRO B 418 -36.85 -14.79 -25.88
C PRO B 418 -38.10 -14.41 -25.11
N GLU B 419 -39.22 -15.10 -25.37
CA GLU B 419 -40.44 -14.82 -24.63
C GLU B 419 -40.30 -15.20 -23.16
N ALA B 420 -39.57 -16.27 -22.88
CA ALA B 420 -39.33 -16.67 -21.49
C ALA B 420 -38.52 -15.61 -20.75
N PHE B 421 -37.53 -15.02 -21.43
CA PHE B 421 -36.71 -14.00 -20.79
C PHE B 421 -37.53 -12.77 -20.44
N THR B 422 -38.34 -12.29 -21.38
CA THR B 422 -39.15 -11.10 -21.11
C THR B 422 -40.14 -11.36 -19.99
N GLU B 423 -40.69 -12.58 -19.92
CA GLU B 423 -41.63 -12.89 -18.85
C GLU B 423 -40.94 -12.84 -17.48
N LYS B 424 -39.74 -13.39 -17.38
CA LYS B 424 -39.08 -13.52 -16.09
C LYS B 424 -38.46 -12.20 -15.62
N PHE B 425 -37.91 -11.41 -16.55
CA PHE B 425 -37.04 -10.30 -16.19
C PHE B 425 -37.56 -8.93 -16.58
N ALA B 426 -38.53 -8.83 -17.47
CA ALA B 426 -38.97 -7.52 -17.95
C ALA B 426 -39.60 -6.67 -16.86
N HIS B 427 -40.14 -7.29 -15.81
CA HIS B 427 -40.72 -6.51 -14.72
C HIS B 427 -39.67 -5.79 -13.88
N LEU B 428 -38.39 -6.11 -14.06
CA LEU B 428 -37.35 -5.48 -13.26
C LEU B 428 -37.19 -3.99 -13.53
N THR B 429 -37.62 -3.53 -14.71
CA THR B 429 -37.55 -2.09 -15.01
C THR B 429 -38.51 -1.28 -14.16
N ASP B 430 -39.53 -1.92 -13.58
CA ASP B 430 -40.44 -1.24 -12.67
C ASP B 430 -40.03 -1.40 -11.21
N VAL B 431 -38.97 -2.16 -10.92
CA VAL B 431 -38.54 -2.37 -9.55
C VAL B 431 -37.56 -1.28 -9.12
N VAL B 432 -36.69 -0.84 -10.03
CA VAL B 432 -35.65 0.14 -9.70
C VAL B 432 -35.76 1.32 -10.66
N VAL B 433 -35.30 2.48 -10.17
CA VAL B 433 -35.27 3.67 -11.01
C VAL B 433 -34.43 3.41 -12.25
N GLU B 434 -34.94 3.85 -13.39
CA GLU B 434 -34.28 3.60 -14.66
C GLU B 434 -33.46 4.80 -15.09
N GLU C 12 11.77 -23.24 -39.55
CA GLU C 12 11.30 -22.09 -38.79
C GLU C 12 11.98 -22.03 -37.42
N ALA C 13 11.25 -21.60 -36.40
CA ALA C 13 11.78 -21.47 -35.05
C ALA C 13 10.91 -22.24 -34.07
N PRO C 14 11.48 -22.71 -32.95
CA PRO C 14 10.69 -23.50 -32.01
C PRO C 14 9.51 -22.73 -31.45
N VAL C 15 8.42 -23.45 -31.20
CA VAL C 15 7.20 -22.89 -30.63
C VAL C 15 7.11 -23.34 -29.18
N LEU C 16 6.86 -22.39 -28.29
CA LEU C 16 6.70 -22.65 -26.86
C LEU C 16 5.29 -22.26 -26.47
N GLY C 17 4.51 -23.26 -26.02
CA GLY C 17 3.15 -23.02 -25.55
C GLY C 17 3.14 -22.98 -24.03
N ILE C 18 2.42 -22.00 -23.49
CA ILE C 18 2.29 -21.82 -22.04
C ILE C 18 0.82 -21.74 -21.70
N LEU C 19 0.43 -22.42 -20.62
CA LEU C 19 -0.92 -22.31 -20.09
C LEU C 19 -0.84 -22.34 -18.57
N CYS C 20 -1.93 -21.92 -17.93
CA CYS C 20 -2.06 -21.94 -16.48
C CYS C 20 -3.27 -22.77 -16.10
N GLY C 21 -3.14 -23.54 -15.03
CA GLY C 21 -4.23 -24.39 -14.56
C GLY C 21 -4.48 -24.19 -13.07
N GLY C 22 -5.75 -24.18 -12.70
CA GLY C 22 -6.14 -24.17 -11.31
C GLY C 22 -6.22 -22.79 -10.69
N GLY C 23 -6.09 -22.76 -9.36
CA GLY C 23 -6.18 -21.53 -8.62
C GLY C 23 -5.00 -20.62 -8.89
N PRO C 24 -5.26 -19.33 -9.16
CA PRO C 24 -4.16 -18.39 -9.36
C PRO C 24 -3.42 -18.13 -8.06
N ALA C 25 -2.15 -17.77 -8.20
CA ALA C 25 -1.31 -17.33 -7.09
C ALA C 25 -0.48 -16.15 -7.55
N PRO C 26 -0.08 -15.26 -6.63
CA PRO C 26 0.75 -14.13 -7.04
C PRO C 26 2.05 -14.62 -7.67
N GLY C 27 2.41 -14.02 -8.80
CA GLY C 27 3.62 -14.37 -9.50
C GLY C 27 3.46 -15.27 -10.71
N LEU C 28 2.24 -15.71 -11.01
CA LEU C 28 2.03 -16.45 -12.26
C LEU C 28 2.58 -15.66 -13.44
N ASN C 29 2.23 -14.37 -13.53
CA ASN C 29 2.75 -13.55 -14.61
C ASN C 29 4.27 -13.48 -14.59
N GLY C 30 4.87 -13.60 -13.40
CA GLY C 30 6.32 -13.63 -13.32
C GLY C 30 6.91 -14.84 -14.01
N VAL C 31 6.33 -16.02 -13.79
CA VAL C 31 6.83 -17.21 -14.46
C VAL C 31 6.65 -17.11 -15.96
N ILE C 32 5.49 -16.60 -16.39
CA ILE C 32 5.23 -16.45 -17.82
C ILE C 32 6.24 -15.49 -18.43
N ALA C 33 6.53 -14.39 -17.74
CA ALA C 33 7.42 -13.38 -18.31
C ALA C 33 8.87 -13.87 -18.31
N GLY C 34 9.27 -14.61 -17.28
CA GLY C 34 10.63 -15.11 -17.25
C GLY C 34 10.88 -16.11 -18.36
N ALA C 35 9.93 -17.01 -18.60
CA ALA C 35 10.08 -17.98 -19.69
C ALA C 35 10.02 -17.28 -21.04
N THR C 36 9.06 -16.37 -21.22
CA THR C 36 8.84 -15.77 -22.53
C THR C 36 10.02 -14.87 -22.92
N LEU C 37 10.46 -14.00 -22.01
CA LEU C 37 11.50 -13.04 -22.37
C LEU C 37 12.79 -13.75 -22.73
N TYR C 38 13.15 -14.79 -21.97
CA TYR C 38 14.34 -15.56 -22.31
C TYR C 38 14.15 -16.32 -23.62
N ALA C 39 12.96 -16.89 -23.83
CA ALA C 39 12.70 -17.62 -25.07
C ALA C 39 12.83 -16.71 -26.28
N LEU C 40 12.31 -15.49 -26.19
CA LEU C 40 12.44 -14.56 -27.30
C LEU C 40 13.90 -14.17 -27.53
N ARG C 41 14.70 -14.12 -26.46
CA ARG C 41 16.13 -13.90 -26.62
C ARG C 41 16.77 -15.00 -27.44
N LEU C 42 16.21 -16.21 -27.41
CA LEU C 42 16.71 -17.35 -28.16
C LEU C 42 16.07 -17.48 -29.54
N GLY C 43 15.14 -16.60 -29.90
CA GLY C 43 14.49 -16.65 -31.18
C GLY C 43 13.24 -17.49 -31.24
N TRP C 44 12.85 -18.13 -30.14
CA TRP C 44 11.66 -18.96 -30.14
C TRP C 44 10.40 -18.12 -30.32
N LYS C 45 9.41 -18.72 -30.98
CA LYS C 45 8.05 -18.20 -30.95
C LYS C 45 7.36 -18.67 -29.68
N VAL C 46 6.59 -17.79 -29.05
CA VAL C 46 5.92 -18.10 -27.79
C VAL C 46 4.43 -17.80 -27.94
N ILE C 47 3.60 -18.75 -27.51
CA ILE C 47 2.15 -18.61 -27.55
C ILE C 47 1.59 -18.99 -26.18
N GLY C 48 0.41 -18.47 -25.87
CA GLY C 48 -0.24 -18.73 -24.60
C GLY C 48 -1.70 -19.13 -24.78
N PHE C 49 -2.11 -20.19 -24.09
CA PHE C 49 -3.47 -20.70 -24.18
C PHE C 49 -4.33 -20.05 -23.11
N MET C 50 -5.41 -19.40 -23.53
CA MET C 50 -6.39 -18.88 -22.58
C MET C 50 -7.03 -20.02 -21.79
N GLU C 51 -7.13 -19.82 -20.48
CA GLU C 51 -7.93 -20.69 -19.61
C GLU C 51 -7.44 -22.13 -19.62
N GLY C 52 -6.13 -22.32 -19.55
CA GLY C 52 -5.57 -23.66 -19.37
C GLY C 52 -5.97 -24.60 -20.48
N PHE C 53 -6.41 -25.80 -20.09
CA PHE C 53 -6.78 -26.85 -21.03
C PHE C 53 -8.22 -26.75 -21.51
N LYS C 54 -8.97 -25.74 -21.05
CA LYS C 54 -10.40 -25.68 -21.35
C LYS C 54 -10.66 -25.79 -22.86
N TYR C 55 -9.85 -25.13 -23.67
CA TYR C 55 -10.06 -25.14 -25.11
C TYR C 55 -9.21 -26.15 -25.85
N LEU C 56 -8.06 -26.53 -25.28
CA LEU C 56 -7.32 -27.66 -25.85
C LEU C 56 -8.09 -28.97 -25.73
N CYS C 57 -9.07 -29.03 -24.82
CA CYS C 57 -9.86 -30.25 -24.67
C CYS C 57 -10.89 -30.40 -25.78
N THR C 58 -11.35 -29.30 -26.38
CA THR C 58 -12.43 -29.38 -27.35
C THR C 58 -12.00 -30.13 -28.62
N GLY C 59 -10.73 -30.02 -29.00
CA GLY C 59 -10.20 -30.68 -30.18
C GLY C 59 -10.28 -29.85 -31.45
N ASP C 60 -11.35 -29.09 -31.61
CA ASP C 60 -11.50 -28.21 -32.76
C ASP C 60 -10.40 -27.16 -32.76
N VAL C 61 -9.48 -27.25 -33.73
CA VAL C 61 -8.29 -26.41 -33.69
C VAL C 61 -8.64 -24.95 -33.88
N ASP C 62 -9.60 -24.65 -34.76
CA ASP C 62 -9.94 -23.25 -35.02
C ASP C 62 -10.49 -22.57 -33.77
N VAL C 63 -11.18 -23.32 -32.91
CA VAL C 63 -11.60 -22.77 -31.62
C VAL C 63 -10.37 -22.47 -30.76
N VAL C 64 -9.38 -23.35 -30.78
CA VAL C 64 -8.16 -23.11 -30.01
C VAL C 64 -7.45 -21.85 -30.51
N LYS C 65 -7.38 -21.67 -31.84
CA LYS C 65 -6.74 -20.47 -32.38
C LYS C 65 -7.48 -19.21 -31.96
N ALA C 66 -8.79 -19.31 -31.73
CA ALA C 66 -9.56 -18.15 -31.27
C ALA C 66 -9.26 -17.82 -29.81
N HIS C 67 -8.70 -18.76 -29.06
CA HIS C 67 -8.36 -18.56 -27.66
C HIS C 67 -6.88 -18.86 -27.40
N THR C 68 -6.03 -18.42 -28.31
CA THR C 68 -4.58 -18.45 -28.12
C THR C 68 -4.02 -17.12 -28.57
N ILE C 69 -3.03 -16.61 -27.84
CA ILE C 69 -2.43 -15.32 -28.14
C ILE C 69 -0.95 -15.50 -28.37
N ASP C 70 -0.39 -14.60 -29.18
CA ASP C 70 1.05 -14.55 -29.40
C ASP C 70 1.67 -13.79 -28.24
N LEU C 71 2.51 -14.46 -27.46
CA LEU C 71 3.19 -13.84 -26.32
C LEU C 71 4.43 -13.12 -26.86
N THR C 72 4.24 -11.88 -27.28
CA THR C 72 5.32 -11.07 -27.82
C THR C 72 6.06 -10.34 -26.68
N TYR C 73 7.13 -9.65 -27.04
CA TYR C 73 7.94 -8.97 -26.03
C TYR C 73 7.09 -7.96 -25.26
N ASP C 74 6.30 -7.16 -25.97
CA ASP C 74 5.55 -6.10 -25.31
C ASP C 74 4.34 -6.63 -24.53
N ILE C 75 3.92 -7.87 -24.79
CA ILE C 75 2.84 -8.46 -24.01
C ILE C 75 3.29 -8.78 -22.60
N VAL C 76 4.55 -9.23 -22.45
CA VAL C 76 5.03 -9.77 -21.18
C VAL C 76 6.06 -8.89 -20.49
N SER C 77 6.59 -7.87 -21.17
CA SER C 77 7.75 -7.15 -20.63
C SER C 77 7.44 -6.41 -19.33
N ARG C 78 6.17 -6.21 -19.00
CA ARG C 78 5.83 -5.48 -17.78
C ARG C 78 4.76 -6.18 -16.93
N ILE C 79 4.45 -7.44 -17.21
CA ILE C 79 3.45 -8.13 -16.41
C ILE C 79 4.01 -8.65 -15.08
N HIS C 80 5.32 -8.56 -14.88
CA HIS C 80 5.90 -8.98 -13.61
C HIS C 80 5.43 -8.12 -12.44
N PHE C 81 4.94 -6.91 -12.73
CA PHE C 81 4.28 -6.13 -11.69
C PHE C 81 2.88 -6.64 -11.37
N GLN C 82 2.21 -7.26 -12.35
CA GLN C 82 0.79 -7.55 -12.24
C GLN C 82 0.54 -8.90 -11.59
N GLY C 83 -0.50 -8.94 -10.73
CA GLY C 83 -0.97 -10.19 -10.18
C GLY C 83 -1.92 -10.91 -11.12
N GLY C 84 -2.26 -12.14 -10.76
CA GLY C 84 -3.10 -12.96 -11.62
C GLY C 84 -2.31 -13.54 -12.79
N THR C 85 -3.02 -13.79 -13.90
CA THR C 85 -2.39 -14.33 -15.09
C THR C 85 -3.10 -13.80 -16.33
N ILE C 86 -2.31 -13.24 -17.26
CA ILE C 86 -2.88 -12.65 -18.46
C ILE C 86 -3.50 -13.72 -19.36
N ILE C 87 -2.96 -14.93 -19.35
CA ILE C 87 -3.51 -16.01 -20.17
C ILE C 87 -4.62 -16.74 -19.40
N GLN C 88 -5.04 -16.20 -18.26
CA GLN C 88 -6.12 -16.79 -17.48
C GLN C 88 -5.78 -18.21 -17.03
N THR C 89 -6.74 -18.88 -16.41
CA THR C 89 -6.57 -20.24 -15.94
C THR C 89 -7.94 -20.90 -15.82
N SER C 90 -7.94 -22.23 -15.72
CA SER C 90 -9.17 -22.97 -15.50
C SER C 90 -8.84 -24.28 -14.81
N ARG C 91 -9.84 -24.86 -14.18
CA ARG C 91 -9.71 -26.17 -13.55
C ARG C 91 -9.96 -27.31 -14.52
N ALA C 92 -10.26 -27.01 -15.79
CA ALA C 92 -10.43 -28.06 -16.79
C ALA C 92 -9.16 -28.88 -16.91
N ASN C 93 -9.28 -30.19 -16.70
CA ASN C 93 -8.14 -31.10 -16.74
C ASN C 93 -8.50 -32.27 -17.63
N PRO C 94 -7.76 -32.50 -18.73
CA PRO C 94 -8.00 -33.68 -19.57
C PRO C 94 -7.42 -34.98 -19.02
N ARG C 95 -6.94 -34.98 -17.77
CA ARG C 95 -6.33 -36.18 -17.21
C ARG C 95 -7.32 -37.32 -17.00
N LYS C 96 -8.63 -37.06 -17.12
CA LYS C 96 -9.65 -38.08 -16.91
C LYS C 96 -10.32 -38.52 -18.20
N SER C 97 -9.79 -38.13 -19.36
CA SER C 97 -10.40 -38.52 -20.63
C SER C 97 -9.40 -38.48 -21.77
N PRO C 98 -8.84 -39.63 -22.19
CA PRO C 98 -8.04 -39.68 -23.41
C PRO C 98 -8.80 -39.29 -24.66
N GLU C 99 -10.13 -39.31 -24.63
CA GLU C 99 -10.86 -38.61 -25.69
C GLU C 99 -10.44 -37.14 -25.70
N LEU C 100 -10.31 -36.54 -24.52
CA LEU C 100 -9.82 -35.17 -24.39
C LEU C 100 -8.31 -35.09 -24.52
N GLN C 101 -7.56 -36.07 -24.02
CA GLN C 101 -6.10 -36.02 -24.15
C GLN C 101 -5.69 -36.08 -25.60
N GLU C 102 -6.34 -36.95 -26.39
CA GLU C 102 -6.07 -36.99 -27.82
C GLU C 102 -6.43 -35.66 -28.47
N ASN C 103 -7.51 -35.02 -28.00
CA ASN C 103 -7.86 -33.70 -28.52
C ASN C 103 -6.76 -32.69 -28.21
N VAL C 104 -6.16 -32.77 -27.01
CA VAL C 104 -5.09 -31.85 -26.66
C VAL C 104 -3.86 -32.13 -27.52
N ARG C 105 -3.48 -33.41 -27.64
CA ARG C 105 -2.33 -33.76 -28.48
C ARG C 105 -2.55 -33.31 -29.92
N LYS C 106 -3.79 -33.40 -30.39
CA LYS C 106 -4.08 -33.03 -31.77
C LYS C 106 -3.86 -31.54 -32.00
N CYS C 107 -4.30 -30.70 -31.07
CA CYS C 107 -4.12 -29.26 -31.23
C CYS C 107 -2.66 -28.86 -31.04
N LEU C 108 -1.94 -29.52 -30.13
CA LEU C 108 -0.53 -29.21 -29.95
C LEU C 108 0.27 -29.51 -31.21
N ARG C 109 0.00 -30.65 -31.85
CA ARG C 109 0.69 -30.99 -33.09
C ARG C 109 0.37 -30.00 -34.19
N ALA C 110 -0.89 -29.58 -34.31
CA ALA C 110 -1.25 -28.60 -35.32
C ALA C 110 -0.47 -27.30 -35.14
N LEU C 111 -0.31 -26.86 -33.90
CA LEU C 111 0.42 -25.63 -33.59
C LEU C 111 1.93 -25.86 -33.53
N LYS C 112 2.40 -27.07 -33.76
CA LYS C 112 3.84 -27.38 -33.78
C LYS C 112 4.50 -26.90 -32.50
N VAL C 113 3.86 -27.21 -31.37
CA VAL C 113 4.40 -26.87 -30.05
C VAL C 113 5.56 -27.82 -29.76
N ARG C 114 6.79 -27.31 -29.83
CA ARG C 114 7.96 -28.09 -29.45
C ARG C 114 8.10 -28.18 -27.94
N TYR C 115 7.80 -27.10 -27.22
CA TYR C 115 7.96 -27.05 -25.78
C TYR C 115 6.64 -26.63 -25.14
N PHE C 116 6.23 -27.35 -24.10
CA PHE C 116 4.93 -27.13 -23.46
C PHE C 116 5.16 -26.92 -21.98
N LEU C 117 5.04 -25.67 -21.55
CA LEU C 117 5.22 -25.29 -20.15
C LEU C 117 3.86 -24.99 -19.54
N THR C 118 3.47 -25.75 -18.53
CA THR C 118 2.25 -25.50 -17.79
C THR C 118 2.61 -25.04 -16.39
N ILE C 119 1.84 -24.10 -15.86
CA ILE C 119 2.01 -23.60 -14.49
C ILE C 119 0.70 -23.92 -13.78
N GLY C 120 0.79 -24.65 -12.67
CA GLY C 120 -0.42 -25.04 -11.96
C GLY C 120 -0.11 -26.07 -10.89
N GLY C 121 -1.18 -26.65 -10.36
CA GLY C 121 -1.11 -27.59 -9.27
C GLY C 121 -0.94 -29.02 -9.73
N ASP C 122 -1.50 -29.94 -8.93
CA ASP C 122 -1.32 -31.36 -9.22
C ASP C 122 -2.08 -31.79 -10.47
N ASP C 123 -3.34 -31.36 -10.59
CA ASP C 123 -4.12 -31.74 -11.75
C ASP C 123 -3.49 -31.23 -13.03
N THR C 124 -2.97 -30.00 -13.01
CA THR C 124 -2.32 -29.44 -14.20
C THR C 124 -1.03 -30.19 -14.51
N ALA C 125 -0.22 -30.50 -13.49
CA ALA C 125 1.06 -31.14 -13.73
C ALA C 125 0.89 -32.54 -14.27
N SER C 126 0.08 -33.36 -13.60
CA SER C 126 -0.12 -34.74 -14.06
C SER C 126 -0.82 -34.77 -15.41
N SER C 127 -1.79 -33.86 -15.62
CA SER C 127 -2.47 -33.81 -16.90
C SER C 127 -1.49 -33.52 -18.04
N ALA C 128 -0.41 -32.80 -17.76
CA ALA C 128 0.55 -32.46 -18.81
C ALA C 128 1.39 -33.67 -19.20
N VAL C 129 1.81 -34.47 -18.22
CA VAL C 129 2.66 -35.62 -18.52
C VAL C 129 1.88 -36.71 -19.24
N SER C 130 0.60 -36.91 -18.87
CA SER C 130 -0.20 -37.92 -19.54
C SER C 130 -0.37 -37.60 -21.02
N VAL C 131 -0.62 -36.32 -21.34
CA VAL C 131 -0.65 -35.89 -22.73
C VAL C 131 0.69 -36.15 -23.39
N ALA C 132 1.78 -35.89 -22.67
CA ALA C 132 3.12 -36.13 -23.22
C ALA C 132 3.37 -37.61 -23.47
N SER C 133 2.77 -38.48 -22.66
CA SER C 133 3.04 -39.91 -22.76
C SER C 133 2.56 -40.48 -24.10
N GLY C 134 1.57 -39.85 -24.71
CA GLY C 134 1.01 -40.35 -25.95
C GLY C 134 1.63 -39.72 -27.18
N MET C 135 2.78 -39.08 -27.03
CA MET C 135 3.46 -38.39 -28.12
C MET C 135 4.93 -38.84 -28.16
N ASN C 136 5.64 -38.35 -29.17
CA ASN C 136 7.05 -38.68 -29.37
C ASN C 136 7.92 -37.74 -28.56
N GLY C 137 8.94 -38.30 -27.91
CA GLY C 137 9.83 -37.52 -27.08
C GLY C 137 10.68 -36.52 -27.83
N ASN C 138 10.73 -36.60 -29.15
CA ASN C 138 11.49 -35.66 -29.96
C ASN C 138 10.63 -34.51 -30.48
N GLU C 139 9.34 -34.74 -30.72
CA GLU C 139 8.49 -33.68 -31.24
C GLU C 139 8.10 -32.68 -30.15
N ILE C 140 7.90 -33.16 -28.92
CA ILE C 140 7.44 -32.32 -27.82
C ILE C 140 8.23 -32.64 -26.56
N SER C 141 8.27 -31.66 -25.67
CA SER C 141 8.92 -31.76 -24.37
C SER C 141 8.09 -30.95 -23.38
N VAL C 142 7.87 -31.51 -22.19
CA VAL C 142 6.89 -30.97 -21.25
C VAL C 142 7.58 -30.67 -19.92
N ILE C 143 7.35 -29.46 -19.41
CA ILE C 143 7.82 -29.04 -18.09
C ILE C 143 6.66 -28.33 -17.41
N SER C 144 6.47 -28.61 -16.12
CA SER C 144 5.46 -27.95 -15.33
C SER C 144 6.12 -27.23 -14.16
N CYS C 145 5.58 -26.07 -13.80
CA CYS C 145 6.08 -25.28 -12.68
C CYS C 145 5.08 -25.39 -11.53
N PRO C 146 5.38 -26.16 -10.48
CA PRO C 146 4.39 -26.31 -9.40
C PRO C 146 4.02 -24.97 -8.78
N LYS C 147 2.74 -24.82 -8.46
CA LYS C 147 2.16 -23.58 -7.96
C LYS C 147 1.26 -23.92 -6.78
N THR C 148 1.50 -23.26 -5.65
CA THR C 148 0.60 -23.40 -4.50
C THR C 148 0.78 -22.19 -3.60
N ILE C 149 -0.32 -21.48 -3.34
CA ILE C 149 -0.29 -20.36 -2.40
C ILE C 149 -0.27 -20.84 -0.96
N ASP C 150 -0.41 -22.15 -0.73
CA ASP C 150 -0.45 -22.72 0.62
C ASP C 150 0.92 -23.11 1.14
N ASN C 151 1.98 -22.98 0.34
CA ASN C 151 3.34 -23.29 0.79
C ASN C 151 3.48 -24.76 1.15
N ASP C 152 2.66 -25.63 0.54
CA ASP C 152 2.60 -27.04 0.91
C ASP C 152 3.40 -27.96 -0.01
N LEU C 153 4.18 -27.40 -0.94
CA LEU C 153 5.09 -28.24 -1.71
C LEU C 153 6.23 -28.72 -0.81
N PRO C 154 6.77 -29.92 -1.05
CA PRO C 154 7.76 -30.48 -0.11
C PRO C 154 9.19 -29.99 -0.40
N LEU C 155 9.39 -28.70 -0.23
CA LEU C 155 10.71 -28.09 -0.33
C LEU C 155 11.43 -28.24 1.00
N PRO C 156 12.75 -27.97 1.04
CA PRO C 156 13.46 -27.98 2.31
C PRO C 156 12.85 -27.01 3.30
N ALA C 157 12.98 -27.35 4.59
CA ALA C 157 12.27 -26.64 5.64
C ALA C 157 12.57 -25.15 5.62
N ASP C 158 11.52 -24.34 5.77
CA ASP C 158 11.54 -22.89 5.81
C ASP C 158 11.63 -22.25 4.44
N GLN C 159 11.75 -23.03 3.37
CA GLN C 159 11.84 -22.49 2.01
C GLN C 159 10.45 -22.42 1.41
N SER C 160 10.11 -21.28 0.83
CA SER C 160 8.74 -20.95 0.46
C SER C 160 8.49 -21.23 -1.01
N THR C 161 7.25 -21.64 -1.30
CA THR C 161 6.76 -21.69 -2.66
C THR C 161 6.43 -20.29 -3.13
N PHE C 162 6.47 -20.07 -4.44
CA PHE C 162 6.22 -18.74 -4.96
C PHE C 162 4.77 -18.33 -4.74
N GLY C 163 4.57 -17.08 -4.34
CA GLY C 163 3.26 -16.55 -4.03
C GLY C 163 2.89 -16.58 -2.56
N PHE C 164 3.56 -17.42 -1.76
CA PHE C 164 3.24 -17.51 -0.35
C PHE C 164 3.64 -16.24 0.40
N HIS C 165 4.77 -15.65 0.03
CA HIS C 165 5.20 -14.41 0.69
C HIS C 165 4.16 -13.31 0.48
N THR C 166 3.70 -13.15 -0.76
CA THR C 166 2.72 -12.12 -1.06
C THR C 166 1.44 -12.33 -0.27
N ALA C 167 0.93 -13.57 -0.28
CA ALA C 167 -0.32 -13.86 0.41
C ALA C 167 -0.18 -13.61 1.91
N ARG C 168 0.95 -14.03 2.49
CA ARG C 168 1.16 -13.83 3.93
C ARG C 168 1.23 -12.35 4.29
N SER C 169 1.91 -11.55 3.46
CA SER C 169 2.08 -10.15 3.79
C SER C 169 0.75 -9.42 3.72
N LEU C 170 -0.06 -9.68 2.69
CA LEU C 170 -1.36 -9.04 2.59
C LEU C 170 -2.26 -9.47 3.73
N GLY C 171 -2.24 -10.75 4.09
CA GLY C 171 -3.03 -11.21 5.22
C GLY C 171 -2.61 -10.52 6.50
N MET C 172 -1.31 -10.29 6.68
CA MET C 172 -0.85 -9.57 7.85
C MET C 172 -1.47 -8.18 7.89
N GLU C 173 -1.54 -7.51 6.75
CA GLU C 173 -2.09 -6.15 6.70
C GLU C 173 -3.56 -6.14 7.09
N ILE C 174 -4.32 -7.14 6.61
CA ILE C 174 -5.74 -7.18 6.95
C ILE C 174 -5.93 -7.44 8.43
N ILE C 175 -5.17 -8.39 8.99
CA ILE C 175 -5.26 -8.66 10.42
C ILE C 175 -4.78 -7.44 11.20
N ARG C 176 -3.83 -6.69 10.66
CA ARG C 176 -3.36 -5.49 11.35
C ARG C 176 -4.50 -4.51 11.56
N ASN C 177 -5.30 -4.28 10.52
CA ASN C 177 -6.49 -3.46 10.67
C ASN C 177 -7.46 -4.08 11.67
N LEU C 178 -7.57 -5.42 11.68
CA LEU C 178 -8.47 -6.07 12.62
C LEU C 178 -7.95 -5.98 14.06
N MET C 179 -6.63 -5.93 14.24
CA MET C 179 -6.08 -5.82 15.59
C MET C 179 -6.36 -4.44 16.17
N VAL C 180 -6.14 -3.39 15.38
CA VAL C 180 -6.44 -2.03 15.84
C VAL C 180 -7.92 -1.90 16.13
N ASP C 181 -8.77 -2.44 15.23
CA ASP C 181 -10.22 -2.35 15.44
C ASP C 181 -10.64 -3.11 16.69
N SER C 182 -10.08 -4.31 16.91
CA SER C 182 -10.49 -5.10 18.06
C SER C 182 -10.14 -4.39 19.37
N LYS C 183 -9.05 -3.63 19.39
CA LYS C 183 -8.66 -2.90 20.60
C LYS C 183 -9.41 -1.58 20.74
N SER C 184 -9.59 -0.85 19.63
CA SER C 184 -10.29 0.43 19.69
C SER C 184 -11.74 0.24 20.13
N ALA C 185 -12.38 -0.84 19.68
CA ALA C 185 -13.76 -1.16 20.01
C ALA C 185 -13.79 -2.59 20.53
N PRO C 186 -13.51 -2.80 21.84
CA PRO C 186 -13.20 -4.14 22.34
C PRO C 186 -14.03 -5.27 21.76
N ARG C 187 -13.35 -6.26 21.20
CA ARG C 187 -13.98 -7.33 20.46
C ARG C 187 -12.94 -8.42 20.21
N TRP C 188 -13.42 -9.62 19.93
CA TRP C 188 -12.60 -10.72 19.46
C TRP C 188 -12.98 -11.03 18.02
N PHE C 189 -11.98 -11.07 17.14
CA PHE C 189 -12.17 -11.50 15.76
C PHE C 189 -11.66 -12.92 15.61
N LEU C 190 -12.51 -13.80 15.06
CA LEU C 190 -12.09 -15.12 14.62
C LEU C 190 -11.79 -15.03 13.12
N VAL C 191 -10.51 -14.90 12.79
CA VAL C 191 -10.06 -14.81 11.41
C VAL C 191 -9.87 -16.23 10.88
N GLU C 192 -10.71 -16.63 9.93
CA GLU C 192 -10.55 -17.89 9.22
C GLU C 192 -9.69 -17.66 7.99
N ALA C 193 -8.52 -18.28 7.95
CA ALA C 193 -7.64 -18.23 6.78
C ALA C 193 -8.01 -19.40 5.86
N MET C 194 -8.58 -19.09 4.70
CA MET C 194 -9.07 -20.13 3.82
C MET C 194 -7.91 -20.96 3.26
N GLY C 195 -8.21 -22.20 2.91
CA GLY C 195 -7.21 -23.17 2.54
C GLY C 195 -7.19 -24.33 3.53
N ARG C 196 -7.45 -25.54 3.04
CA ARG C 196 -7.45 -26.72 3.89
C ARG C 196 -6.23 -27.61 3.68
N SER C 197 -5.33 -27.24 2.77
CA SER C 197 -4.18 -28.09 2.49
C SER C 197 -3.27 -28.21 3.70
N ALA C 198 -3.03 -27.10 4.39
CA ALA C 198 -2.09 -27.08 5.52
C ALA C 198 -2.36 -25.82 6.33
N GLY C 199 -1.46 -25.53 7.28
CA GLY C 199 -1.62 -24.40 8.16
C GLY C 199 -0.54 -23.34 8.00
N HIS C 200 0.22 -23.41 6.91
CA HIS C 200 1.30 -22.46 6.70
C HIS C 200 0.77 -21.02 6.61
N LEU C 201 -0.34 -20.83 5.89
CA LEU C 201 -0.90 -19.50 5.73
C LEU C 201 -1.43 -18.95 7.04
N ALA C 202 -2.20 -19.76 7.78
CA ALA C 202 -2.78 -19.26 9.02
C ALA C 202 -1.70 -18.88 10.02
N LEU C 203 -0.70 -19.76 10.19
CA LEU C 203 0.35 -19.49 11.16
C LEU C 203 1.21 -18.30 10.73
N GLY C 204 1.47 -18.17 9.44
CA GLY C 204 2.26 -17.05 8.98
C GLY C 204 1.59 -15.72 9.23
N MET C 205 0.30 -15.63 8.88
CA MET C 205 -0.45 -14.41 9.11
C MET C 205 -0.53 -14.07 10.59
N ALA C 206 -0.82 -15.07 11.42
CA ALA C 206 -0.99 -14.84 12.85
C ALA C 206 0.33 -14.40 13.50
N GLU C 207 1.42 -15.11 13.20
CA GLU C 207 2.71 -14.77 13.79
C GLU C 207 3.13 -13.35 13.41
N ALA C 208 3.04 -13.03 12.12
CA ALA C 208 3.48 -11.71 11.65
C ALA C 208 2.64 -10.59 12.27
N SER C 209 1.33 -10.82 12.39
CA SER C 209 0.40 -9.81 12.86
C SER C 209 0.28 -9.73 14.37
N GLY C 210 1.00 -10.57 15.10
CA GLY C 210 0.85 -10.57 16.54
C GLY C 210 -0.49 -11.07 17.03
N ALA C 211 -1.18 -11.88 16.23
CA ALA C 211 -2.45 -12.44 16.66
C ALA C 211 -2.25 -13.29 17.91
N HIS C 212 -3.24 -13.27 18.78
CA HIS C 212 -3.06 -13.84 20.10
C HIS C 212 -3.12 -15.36 20.07
N LEU C 213 -3.89 -15.94 19.17
CA LEU C 213 -3.99 -17.38 19.06
C LEU C 213 -3.99 -17.79 17.60
N CYS C 214 -3.47 -18.99 17.34
CA CYS C 214 -3.55 -19.60 16.03
C CYS C 214 -3.79 -21.09 16.22
N LEU C 215 -4.75 -21.65 15.49
CA LEU C 215 -5.09 -23.07 15.57
C LEU C 215 -4.96 -23.68 14.18
N ILE C 216 -3.98 -24.56 14.01
CA ILE C 216 -3.80 -25.28 12.75
C ILE C 216 -4.04 -26.76 13.02
N PRO C 217 -4.54 -27.52 12.05
CA PRO C 217 -4.79 -28.95 12.31
C PRO C 217 -3.53 -29.74 12.63
N GLU C 218 -2.35 -29.22 12.27
CA GLU C 218 -1.10 -29.94 12.50
C GLU C 218 -0.78 -30.09 13.99
N GLU C 219 -1.31 -29.23 14.86
CA GLU C 219 -0.98 -29.25 16.27
C GLU C 219 -1.85 -30.20 17.08
N PHE C 220 -2.86 -30.82 16.48
CA PHE C 220 -3.77 -31.70 17.21
C PHE C 220 -3.17 -33.11 17.26
N LYS C 221 -2.97 -33.63 18.47
CA LYS C 221 -2.34 -34.93 18.65
C LYS C 221 -3.19 -36.06 18.07
N GLN C 222 -4.49 -36.01 18.28
CA GLN C 222 -5.35 -37.10 17.85
C GLN C 222 -5.57 -37.05 16.33
N ASP C 223 -6.18 -38.11 15.80
CA ASP C 223 -6.42 -38.19 14.36
C ASP C 223 -7.67 -37.42 13.94
N GLU C 224 -8.67 -37.34 14.81
CA GLU C 224 -9.90 -36.63 14.53
C GLU C 224 -10.09 -35.54 15.58
N ILE C 225 -10.65 -34.41 15.14
CA ILE C 225 -10.82 -33.22 15.98
C ILE C 225 -12.27 -33.17 16.43
N GLU C 226 -12.48 -32.73 17.66
CA GLU C 226 -13.81 -32.57 18.20
C GLU C 226 -14.19 -31.09 18.21
N PHE C 227 -15.44 -30.82 17.87
CA PHE C 227 -15.92 -29.44 17.85
C PHE C 227 -15.80 -28.82 19.24
N GLU C 228 -16.10 -29.59 20.29
CA GLU C 228 -16.03 -29.08 21.65
C GLU C 228 -14.63 -28.58 21.98
N ASP C 229 -13.60 -29.34 21.60
CA ASP C 229 -12.23 -28.99 21.96
C ASP C 229 -11.80 -27.69 21.29
N VAL C 230 -12.14 -27.52 20.01
CA VAL C 230 -11.78 -26.28 19.32
C VAL C 230 -12.43 -25.09 20.01
N VAL C 231 -13.71 -25.23 20.36
CA VAL C 231 -14.39 -24.16 21.10
C VAL C 231 -13.63 -23.85 22.38
N GLU C 232 -13.18 -24.89 23.08
CA GLU C 232 -12.58 -24.68 24.40
C GLU C 232 -11.18 -24.09 24.29
N LEU C 233 -10.46 -24.36 23.19
CA LEU C 233 -9.13 -23.77 23.04
C LEU C 233 -9.21 -22.27 22.83
N VAL C 234 -10.21 -21.82 22.06
CA VAL C 234 -10.46 -20.39 21.94
C VAL C 234 -10.98 -19.83 23.25
N GLU C 235 -11.85 -20.60 23.92
CA GLU C 235 -12.45 -20.13 25.16
C GLU C 235 -11.40 -19.87 26.23
N ALA C 236 -10.45 -20.79 26.38
CA ALA C 236 -9.42 -20.64 27.40
C ALA C 236 -8.53 -19.43 27.12
N THR C 237 -8.21 -19.20 25.85
CA THR C 237 -7.42 -18.02 25.51
C THR C 237 -8.16 -16.74 25.86
N ILE C 238 -9.46 -16.68 25.55
CA ILE C 238 -10.23 -15.47 25.85
C ILE C 238 -10.29 -15.23 27.35
N LEU C 239 -10.47 -16.30 28.13
CA LEU C 239 -10.53 -16.14 29.59
C LEU C 239 -9.19 -15.67 30.15
N LYS C 240 -8.09 -16.23 29.65
CA LYS C 240 -6.78 -15.81 30.14
C LYS C 240 -6.53 -14.34 29.81
N ARG C 241 -6.93 -13.89 28.62
CA ARG C 241 -6.85 -12.48 28.30
C ARG C 241 -7.73 -11.66 29.24
N LEU C 242 -8.94 -12.15 29.54
CA LEU C 242 -9.82 -11.45 30.47
C LEU C 242 -9.18 -11.32 31.85
N ALA C 243 -8.44 -12.34 32.27
CA ALA C 243 -7.78 -12.30 33.57
C ALA C 243 -6.67 -11.26 33.63
N TYR C 244 -6.24 -10.73 32.50
CA TYR C 244 -5.24 -9.66 32.46
C TYR C 244 -5.84 -8.33 32.02
N GLY C 245 -7.15 -8.17 32.12
CA GLY C 245 -7.80 -6.91 31.78
C GLY C 245 -8.02 -6.69 30.31
N LYS C 246 -7.64 -7.63 29.46
CA LYS C 246 -7.81 -7.52 28.01
C LYS C 246 -9.05 -8.32 27.62
N ASN C 247 -10.10 -7.62 27.21
CA ASN C 247 -11.32 -8.26 26.72
C ASN C 247 -11.42 -8.22 25.21
N TYR C 248 -10.29 -8.40 24.52
CA TYR C 248 -10.25 -8.33 23.07
C TYR C 248 -9.06 -9.13 22.56
N GLY C 249 -9.07 -9.43 21.27
CA GLY C 249 -7.96 -10.11 20.65
C GLY C 249 -8.33 -10.58 19.26
N VAL C 250 -7.36 -11.24 18.63
CA VAL C 250 -7.56 -11.88 17.33
C VAL C 250 -7.08 -13.32 17.45
N CYS C 251 -7.92 -14.24 16.99
CA CYS C 251 -7.58 -15.66 16.90
C CYS C 251 -7.71 -16.09 15.44
N VAL C 252 -6.69 -16.75 14.92
CA VAL C 252 -6.63 -17.15 13.52
C VAL C 252 -6.81 -18.66 13.44
N LEU C 253 -7.77 -19.09 12.63
CA LEU C 253 -8.08 -20.50 12.44
C LEU C 253 -7.74 -20.89 11.00
N ALA C 254 -6.93 -21.93 10.85
CA ALA C 254 -6.74 -22.53 9.54
C ALA C 254 -8.01 -23.28 9.14
N GLU C 255 -8.47 -23.07 7.91
CA GLU C 255 -9.67 -23.75 7.47
C GLU C 255 -9.51 -25.26 7.49
N GLY C 256 -8.27 -25.75 7.50
CA GLY C 256 -8.03 -27.19 7.52
C GLY C 256 -8.56 -27.88 8.76
N LEU C 257 -8.88 -27.12 9.81
CA LEU C 257 -9.49 -27.72 10.99
C LEU C 257 -10.78 -28.44 10.63
N VAL C 258 -11.52 -27.93 9.65
CA VAL C 258 -12.75 -28.60 9.21
C VAL C 258 -12.42 -29.97 8.63
N SER C 259 -11.35 -30.06 7.84
CA SER C 259 -11.02 -31.30 7.15
C SER C 259 -10.50 -32.38 8.08
N LYS C 260 -10.16 -32.05 9.33
CA LYS C 260 -9.63 -33.01 10.28
C LYS C 260 -10.63 -33.35 11.38
N MET C 261 -11.89 -32.97 11.22
CA MET C 261 -12.89 -33.14 12.26
C MET C 261 -13.53 -34.53 12.17
N SER C 262 -14.04 -34.99 13.32
CA SER C 262 -14.70 -36.28 13.42
C SER C 262 -16.15 -36.17 12.95
N LYS C 263 -16.73 -37.33 12.59
CA LYS C 263 -18.08 -37.34 12.06
C LYS C 263 -19.05 -36.63 13.00
N LYS C 264 -18.91 -36.84 14.31
CA LYS C 264 -19.74 -36.12 15.27
C LYS C 264 -19.46 -34.62 15.21
N ALA C 265 -18.18 -34.24 15.09
CA ALA C 265 -17.83 -32.83 15.05
C ALA C 265 -18.46 -32.14 13.84
N LEU C 266 -18.43 -32.79 12.68
CA LEU C 266 -19.03 -32.18 11.49
C LEU C 266 -20.52 -31.93 11.72
N TYR C 267 -21.20 -32.89 12.38
CA TYR C 267 -22.63 -32.75 12.60
C TYR C 267 -22.96 -31.52 13.43
N LYS C 268 -22.16 -31.24 14.47
CA LYS C 268 -22.35 -30.03 15.25
C LYS C 268 -21.93 -28.79 14.47
N LEU C 269 -20.92 -28.92 13.61
CA LEU C 269 -20.40 -27.75 12.89
C LEU C 269 -21.44 -27.17 11.95
N PHE C 270 -22.25 -28.02 11.33
CA PHE C 270 -23.26 -27.56 10.38
C PHE C 270 -24.59 -27.23 11.04
N GLY C 271 -24.66 -27.29 12.36
CA GLY C 271 -25.86 -26.88 13.08
C GLY C 271 -26.71 -28.05 13.54
N ASN C 272 -26.08 -29.13 13.97
CA ASN C 272 -26.79 -30.35 14.37
C ASN C 272 -27.71 -30.82 13.24
N ARG C 273 -27.20 -30.76 12.02
CA ARG C 273 -27.90 -31.21 10.83
C ARG C 273 -26.96 -32.10 10.02
N GLU C 274 -27.54 -32.87 9.11
CA GLU C 274 -26.74 -33.76 8.28
C GLU C 274 -25.77 -32.93 7.45
N PRO C 275 -24.48 -33.27 7.41
CA PRO C 275 -23.52 -32.47 6.65
C PRO C 275 -23.93 -32.38 5.19
N PRO C 276 -23.74 -31.23 4.55
CA PRO C 276 -24.03 -31.12 3.11
C PRO C 276 -23.25 -32.14 2.31
N THR C 277 -23.66 -32.31 1.06
CA THR C 277 -23.09 -33.34 0.20
C THR C 277 -23.41 -33.00 -1.25
N ASP C 278 -22.49 -33.35 -2.13
CA ASP C 278 -22.70 -33.16 -3.56
C ASP C 278 -23.59 -34.28 -4.10
N PRO C 279 -23.99 -34.19 -5.37
CA PRO C 279 -24.86 -35.25 -5.92
C PRO C 279 -24.25 -36.64 -5.85
N HIS C 280 -22.92 -36.76 -5.85
CA HIS C 280 -22.27 -38.06 -5.82
C HIS C 280 -22.02 -38.60 -4.42
N GLY C 281 -22.44 -37.87 -3.38
CA GLY C 281 -22.39 -38.37 -2.02
C GLY C 281 -21.21 -37.89 -1.20
N HIS C 282 -20.27 -37.15 -1.81
CA HIS C 282 -19.08 -36.69 -1.11
C HIS C 282 -19.39 -35.43 -0.30
N ILE C 283 -18.79 -35.33 0.88
CA ILE C 283 -19.07 -34.21 1.78
C ILE C 283 -18.57 -32.91 1.15
N LEU C 284 -19.26 -31.81 1.45
CA LEU C 284 -18.97 -30.50 0.90
C LEU C 284 -18.52 -29.55 2.02
N LEU C 285 -17.21 -29.54 2.29
CA LEU C 285 -16.67 -28.70 3.36
C LEU C 285 -16.68 -27.22 3.01
N ASP C 286 -16.91 -26.87 1.73
CA ASP C 286 -16.94 -25.46 1.34
C ASP C 286 -18.08 -24.70 1.99
N ASP C 287 -19.16 -25.39 2.38
CA ASP C 287 -20.29 -24.76 3.05
C ASP C 287 -20.06 -24.58 4.55
N ALA C 288 -18.95 -25.09 5.08
CA ALA C 288 -18.69 -25.03 6.51
C ALA C 288 -18.18 -23.64 6.88
N GLU C 289 -18.96 -22.92 7.68
CA GLU C 289 -18.55 -21.62 8.22
C GLU C 289 -17.93 -21.86 9.60
N LEU C 290 -16.66 -22.26 9.60
CA LEU C 290 -16.01 -22.61 10.86
C LEU C 290 -15.96 -21.44 11.82
N ALA C 291 -15.48 -20.28 11.36
CA ALA C 291 -15.39 -19.11 12.24
C ALA C 291 -16.78 -18.65 12.69
N ARG C 292 -17.76 -18.74 11.80
CA ARG C 292 -19.12 -18.30 12.15
C ARG C 292 -19.71 -19.17 13.26
N SER C 293 -19.56 -20.49 13.14
CA SER C 293 -20.11 -21.39 14.16
C SER C 293 -19.43 -21.20 15.50
N LEU C 294 -18.10 -21.09 15.50
CA LEU C 294 -17.38 -20.91 16.76
C LEU C 294 -17.74 -19.59 17.42
N SER C 295 -18.04 -18.56 16.63
CA SER C 295 -18.43 -17.27 17.21
C SER C 295 -19.78 -17.36 17.91
N GLU C 296 -20.76 -18.01 17.27
CA GLU C 296 -22.07 -18.13 17.89
C GLU C 296 -21.98 -18.95 19.17
N GLU C 297 -21.21 -20.04 19.14
CA GLU C 297 -21.09 -20.89 20.32
C GLU C 297 -20.38 -20.16 21.45
N LEU C 298 -19.24 -19.54 21.15
CA LEU C 298 -18.50 -18.80 22.17
C LEU C 298 -19.27 -17.59 22.66
N LEU C 299 -20.28 -17.12 21.92
CA LEU C 299 -21.12 -16.04 22.41
C LEU C 299 -22.11 -16.52 23.46
N LYS C 300 -22.62 -17.75 23.33
CA LYS C 300 -23.47 -18.29 24.39
C LYS C 300 -22.71 -18.44 25.69
N ARG C 301 -21.46 -18.90 25.63
CA ARG C 301 -20.69 -19.18 26.84
C ARG C 301 -20.11 -17.91 27.45
N LEU C 302 -19.59 -17.01 26.64
CA LEU C 302 -18.84 -15.87 27.11
C LEU C 302 -19.58 -14.55 26.97
N GLY C 303 -20.77 -14.55 26.37
CA GLY C 303 -21.49 -13.30 26.16
C GLY C 303 -21.82 -12.60 27.47
N ASN C 304 -22.14 -13.37 28.51
CA ASN C 304 -22.46 -12.78 29.80
C ASN C 304 -21.25 -12.12 30.45
N LEU C 305 -20.04 -12.36 29.95
CA LEU C 305 -18.83 -11.74 30.47
C LEU C 305 -18.49 -10.41 29.80
N GLY C 306 -19.26 -10.01 28.79
CA GLY C 306 -18.96 -8.78 28.07
C GLY C 306 -18.11 -8.96 26.83
N ILE C 307 -18.00 -10.19 26.34
CA ILE C 307 -17.16 -10.50 25.19
C ILE C 307 -18.02 -10.49 23.93
N ARG C 308 -17.55 -9.77 22.91
CA ARG C 308 -18.13 -9.80 21.58
C ARG C 308 -17.22 -10.62 20.68
N ILE C 309 -17.81 -11.39 19.77
CA ILE C 309 -17.06 -12.25 18.86
C ILE C 309 -17.64 -12.15 17.47
N THR C 310 -16.79 -11.85 16.48
CA THR C 310 -17.20 -11.70 15.09
C THR C 310 -16.26 -12.48 14.19
N PRO C 311 -16.79 -13.18 13.18
CA PRO C 311 -15.93 -13.91 12.25
C PRO C 311 -15.50 -13.03 11.09
N LYS C 312 -14.39 -13.44 10.48
CA LYS C 312 -13.82 -12.72 9.34
C LYS C 312 -13.06 -13.72 8.48
N LYS C 313 -13.31 -13.69 7.17
CA LYS C 313 -12.67 -14.61 6.23
C LYS C 313 -11.63 -13.86 5.42
N ILE C 314 -10.45 -14.45 5.29
CA ILE C 314 -9.36 -13.90 4.49
C ILE C 314 -9.01 -14.97 3.46
N GLY C 315 -9.68 -14.91 2.31
CA GLY C 315 -9.52 -15.89 1.25
C GLY C 315 -9.05 -15.35 -0.10
N TYR C 316 -10.04 -15.16 -0.97
CA TYR C 316 -9.80 -14.88 -2.38
C TYR C 316 -9.08 -13.57 -2.63
N GLU C 317 -9.12 -12.63 -1.69
CA GLU C 317 -8.44 -11.35 -1.90
C GLU C 317 -6.92 -11.49 -1.89
N LEU C 318 -6.38 -12.64 -1.51
CA LEU C 318 -4.95 -12.88 -1.54
C LEU C 318 -4.46 -13.39 -2.88
N ARG C 319 -5.32 -14.08 -3.64
CA ARG C 319 -4.84 -14.90 -4.74
C ARG C 319 -4.18 -14.07 -5.84
N CYS C 320 -4.71 -12.88 -6.13
CA CYS C 320 -4.23 -12.09 -7.25
C CYS C 320 -3.68 -10.74 -6.81
N ALA C 321 -3.22 -10.63 -5.57
CA ALA C 321 -2.48 -9.46 -5.17
C ALA C 321 -1.19 -9.35 -5.99
N ASP C 322 -0.75 -8.12 -6.21
CA ASP C 322 0.49 -7.91 -6.96
C ASP C 322 1.64 -8.58 -6.22
N PRO C 323 2.58 -9.20 -6.93
CA PRO C 323 3.67 -9.91 -6.24
C PRO C 323 4.61 -8.95 -5.54
N VAL C 324 5.08 -9.38 -4.36
CA VAL C 324 6.08 -8.64 -3.60
C VAL C 324 7.45 -8.96 -4.17
N ALA C 325 8.47 -8.17 -3.79
CA ALA C 325 9.76 -8.30 -4.45
C ALA C 325 10.30 -9.72 -4.37
N PHE C 326 10.12 -10.38 -3.22
CA PHE C 326 10.64 -11.74 -3.09
C PHE C 326 10.04 -12.64 -4.15
N ASP C 327 8.73 -12.54 -4.38
CA ASP C 327 8.09 -13.38 -5.38
C ASP C 327 8.36 -12.92 -6.81
N ALA C 328 8.66 -11.65 -7.02
CA ALA C 328 9.02 -11.18 -8.36
C ALA C 328 10.35 -11.80 -8.80
N VAL C 329 11.35 -11.76 -7.92
CA VAL C 329 12.63 -12.40 -8.20
C VAL C 329 12.44 -13.91 -8.30
N TYR C 330 11.66 -14.48 -7.39
CA TYR C 330 11.42 -15.92 -7.38
C TYR C 330 10.90 -16.40 -8.74
N THR C 331 9.75 -15.86 -9.17
CA THR C 331 9.11 -16.36 -10.37
C THR C 331 9.89 -16.04 -11.63
N ARG C 332 10.72 -15.01 -11.61
CA ARG C 332 11.59 -14.76 -12.75
C ARG C 332 12.67 -15.82 -12.85
N GLU C 333 13.22 -16.25 -11.71
CA GLU C 333 14.20 -17.33 -11.73
C GLU C 333 13.54 -18.64 -12.14
N LEU C 334 12.30 -18.86 -11.72
CA LEU C 334 11.58 -20.05 -12.14
C LEU C 334 11.38 -20.07 -13.64
N GLY C 335 10.90 -18.95 -14.20
CA GLY C 335 10.67 -18.90 -15.64
C GLY C 335 11.94 -19.12 -16.44
N TYR C 336 13.05 -18.53 -15.97
CA TYR C 336 14.34 -18.79 -16.62
C TYR C 336 14.70 -20.27 -16.54
N GLY C 337 14.51 -20.87 -15.37
CA GLY C 337 14.90 -22.26 -15.19
C GLY C 337 14.12 -23.21 -16.06
N ALA C 338 12.85 -22.90 -16.34
CA ALA C 338 12.06 -23.73 -17.24
C ALA C 338 12.66 -23.76 -18.64
N ILE C 339 13.07 -22.60 -19.15
CA ILE C 339 13.69 -22.55 -20.47
C ILE C 339 14.99 -23.35 -20.46
N ASP C 340 15.79 -23.19 -19.40
CA ASP C 340 17.05 -23.92 -19.31
C ASP C 340 16.81 -25.42 -19.26
N ALA C 341 15.73 -25.85 -18.60
CA ALA C 341 15.39 -27.27 -18.60
C ALA C 341 15.04 -27.76 -20.00
N PHE C 342 14.28 -26.96 -20.75
CA PHE C 342 13.98 -27.32 -22.14
C PHE C 342 15.26 -27.42 -22.96
N LEU C 343 16.19 -26.49 -22.76
CA LEU C 343 17.41 -26.46 -23.55
C LEU C 343 18.28 -27.69 -23.25
N ASN C 344 18.30 -28.13 -22.00
CA ASN C 344 19.12 -29.28 -21.61
C ASN C 344 18.43 -30.61 -21.83
N GLY C 345 17.26 -30.62 -22.48
CA GLY C 345 16.62 -31.86 -22.86
C GLY C 345 15.78 -32.53 -21.79
N HIS C 346 15.41 -31.80 -20.75
CA HIS C 346 14.56 -32.36 -19.70
C HIS C 346 13.10 -32.36 -20.15
N SER C 347 12.35 -33.35 -19.66
CA SER C 347 10.94 -33.48 -19.97
C SER C 347 10.24 -34.23 -18.85
N ALA C 348 8.92 -34.03 -18.75
CA ALA C 348 8.11 -34.56 -17.66
C ALA C 348 8.74 -34.27 -16.31
N ALA C 349 9.12 -33.01 -16.11
CA ALA C 349 9.82 -32.58 -14.90
C ALA C 349 9.16 -31.34 -14.32
N LEU C 350 9.35 -31.15 -13.01
CA LEU C 350 8.84 -29.99 -12.30
C LEU C 350 9.98 -29.03 -12.01
N ILE C 351 9.75 -27.74 -12.26
CA ILE C 351 10.75 -26.70 -12.01
C ILE C 351 10.52 -26.12 -10.62
N VAL C 352 11.50 -26.31 -9.74
CA VAL C 352 11.43 -25.86 -8.35
C VAL C 352 12.75 -25.19 -7.99
N ARG C 353 12.77 -24.53 -6.84
CA ARG C 353 13.96 -23.87 -6.33
C ARG C 353 14.26 -24.39 -4.93
N GLU C 354 15.48 -24.88 -4.72
CA GLU C 354 15.92 -25.37 -3.42
C GLU C 354 17.33 -24.88 -3.15
N ASN C 355 17.57 -24.37 -1.95
CA ASN C 355 18.90 -23.88 -1.56
C ASN C 355 19.44 -22.88 -2.57
N GLY C 356 18.55 -22.00 -3.05
CA GLY C 356 18.95 -20.90 -3.91
C GLY C 356 19.13 -21.24 -5.36
N GLN C 357 18.81 -22.47 -5.78
CA GLN C 357 19.05 -22.92 -7.15
C GLN C 357 17.76 -23.45 -7.75
N VAL C 358 17.36 -22.89 -8.89
CA VAL C 358 16.26 -23.42 -9.68
C VAL C 358 16.77 -24.60 -10.48
N LYS C 359 16.01 -25.69 -10.49
CA LYS C 359 16.46 -26.92 -11.13
C LYS C 359 15.26 -27.78 -11.46
N PRO C 360 15.34 -28.60 -12.50
CA PRO C 360 14.28 -29.58 -12.77
C PRO C 360 14.34 -30.74 -11.79
N VAL C 361 13.17 -31.29 -11.49
CA VAL C 361 13.03 -32.37 -10.52
C VAL C 361 11.96 -33.32 -11.06
N GLN C 362 12.34 -34.55 -11.35
CA GLN C 362 11.41 -35.48 -11.97
C GLN C 362 10.20 -35.73 -11.08
N PHE C 363 9.08 -36.07 -11.72
CA PHE C 363 7.83 -36.33 -11.00
C PHE C 363 8.03 -37.35 -9.88
N LYS C 364 8.78 -38.42 -10.16
CA LYS C 364 8.94 -39.49 -9.18
C LYS C 364 9.57 -38.97 -7.88
N ASP C 365 10.40 -37.93 -7.96
CA ASP C 365 11.10 -37.45 -6.79
C ASP C 365 10.11 -36.99 -5.71
N LEU C 366 9.05 -36.30 -6.12
CA LEU C 366 8.04 -35.77 -5.19
C LEU C 366 6.66 -36.25 -5.63
N LEU C 367 6.22 -37.39 -5.09
CA LEU C 367 4.86 -37.86 -5.32
C LEU C 367 4.53 -39.02 -4.38
N ASP C 368 3.35 -38.98 -3.76
CA ASP C 368 2.94 -40.08 -2.87
C ASP C 368 1.43 -40.02 -2.63
N PRO C 369 0.60 -40.34 -3.63
CA PRO C 369 -0.85 -40.37 -3.42
C PRO C 369 -1.28 -41.39 -2.37
N ARG C 373 -1.37 -37.51 -5.55
CA ARG C 373 -0.90 -36.14 -5.61
C ARG C 373 0.40 -35.98 -4.84
N VAL C 374 1.09 -34.85 -5.06
CA VAL C 374 2.41 -34.66 -4.46
C VAL C 374 2.31 -34.71 -2.94
N ARG C 375 3.40 -35.15 -2.31
CA ARG C 375 3.48 -35.19 -0.86
C ARG C 375 3.18 -33.83 -0.28
N THR C 376 2.14 -33.75 0.54
CA THR C 376 1.71 -32.49 1.15
C THR C 376 2.61 -32.18 2.34
N ARG C 377 3.43 -31.14 2.21
CA ARG C 377 4.24 -30.67 3.33
C ARG C 377 3.36 -29.86 4.27
N LEU C 378 3.27 -30.29 5.51
CA LEU C 378 2.50 -29.61 6.54
C LEU C 378 3.44 -28.84 7.48
N VAL C 379 2.85 -27.98 8.30
CA VAL C 379 3.63 -27.27 9.30
C VAL C 379 4.26 -28.29 10.25
N ASP C 380 5.55 -28.12 10.55
CA ASP C 380 6.25 -29.01 11.46
C ASP C 380 6.05 -28.46 12.87
N VAL C 381 5.08 -29.02 13.59
CA VAL C 381 4.78 -28.52 14.92
C VAL C 381 5.80 -28.93 15.98
N THR C 382 6.85 -29.65 15.59
CA THR C 382 7.97 -29.97 16.47
C THR C 382 9.18 -29.08 16.22
N SER C 383 9.15 -28.27 15.16
CA SER C 383 10.27 -27.40 14.84
C SER C 383 10.35 -26.25 15.84
N GLN C 384 11.57 -25.70 15.97
CA GLN C 384 11.76 -24.53 16.81
C GLN C 384 10.94 -23.34 16.32
N SER C 385 10.66 -23.29 15.01
CA SER C 385 9.88 -22.17 14.48
C SER C 385 8.48 -22.15 15.06
N PHE C 386 7.84 -23.31 15.17
CA PHE C 386 6.50 -23.37 15.75
C PHE C 386 6.51 -23.11 17.25
N LYS C 387 7.58 -23.53 17.94
CA LYS C 387 7.67 -23.26 19.38
C LYS C 387 7.72 -21.77 19.67
N VAL C 388 8.52 -21.02 18.90
CA VAL C 388 8.63 -19.59 19.12
C VAL C 388 7.28 -18.91 18.90
N ALA C 389 6.56 -19.32 17.85
CA ALA C 389 5.22 -18.78 17.61
C ALA C 389 4.33 -19.02 18.81
N ARG C 390 4.46 -20.18 19.47
CA ARG C 390 3.62 -20.48 20.62
C ARG C 390 3.92 -19.59 21.81
N VAL C 391 5.18 -19.22 22.00
CA VAL C 391 5.53 -18.39 23.15
C VAL C 391 4.72 -17.10 23.15
N TYR C 392 4.58 -16.47 21.98
CA TYR C 392 3.91 -15.18 21.89
C TYR C 392 2.40 -15.31 21.77
N MET C 393 1.86 -16.52 21.81
CA MET C 393 0.42 -16.69 21.90
C MET C 393 -0.04 -16.61 23.36
N TRP C 394 -1.31 -16.26 23.52
CA TRP C 394 -1.97 -16.35 24.82
C TRP C 394 -2.67 -17.70 24.91
N ARG C 395 -2.26 -18.51 25.88
CA ARG C 395 -2.73 -19.88 25.95
C ARG C 395 -2.35 -20.48 27.30
N MET C 396 -3.17 -21.43 27.75
CA MET C 396 -2.92 -22.11 29.02
C MET C 396 -2.09 -23.36 28.74
N SER C 397 -0.78 -23.26 29.01
CA SER C 397 0.11 -24.39 28.89
C SER C 397 -0.14 -25.39 30.02
N LYS C 398 0.55 -26.53 29.96
CA LYS C 398 0.44 -27.51 31.03
C LYS C 398 0.89 -26.92 32.36
N LYS C 399 1.99 -26.14 32.34
CA LYS C 399 2.45 -25.50 33.56
C LYS C 399 1.46 -24.45 34.05
N ASP C 400 0.81 -23.73 33.12
CA ASP C 400 -0.18 -22.74 33.52
C ASP C 400 -1.33 -23.39 34.27
N TYR C 401 -1.78 -24.56 33.81
CA TYR C 401 -2.87 -25.24 34.49
C TYR C 401 -2.49 -25.66 35.91
N GLU C 402 -1.21 -25.91 36.15
CA GLU C 402 -0.71 -26.33 37.45
C GLU C 402 -0.36 -25.16 38.36
N ASN C 403 -0.42 -23.94 37.86
CA ASN C 403 -0.15 -22.74 38.67
C ASN C 403 -1.43 -22.37 39.40
N LYS C 404 -1.49 -22.67 40.70
CA LYS C 404 -2.71 -22.46 41.45
C LYS C 404 -3.15 -21.01 41.41
N ASP C 405 -2.21 -20.08 41.56
CA ASP C 405 -2.55 -18.66 41.57
C ASP C 405 -3.13 -18.23 40.23
N LEU C 406 -2.52 -18.66 39.13
CA LEU C 406 -3.01 -18.27 37.81
C LEU C 406 -4.40 -18.84 37.56
N VAL C 407 -4.60 -20.12 37.87
CA VAL C 407 -5.89 -20.77 37.60
C VAL C 407 -7.00 -20.06 38.37
N ALA C 408 -6.69 -19.52 39.54
CA ALA C 408 -7.70 -18.76 40.28
C ALA C 408 -8.12 -17.52 39.52
N ARG C 409 -7.15 -16.80 38.93
CA ARG C 409 -7.47 -15.58 38.21
C ARG C 409 -8.31 -15.86 36.97
N VAL C 410 -7.89 -16.84 36.17
CA VAL C 410 -8.62 -17.17 34.95
C VAL C 410 -10.00 -17.69 35.28
N ALA C 411 -10.10 -18.57 36.28
CA ALA C 411 -11.39 -19.13 36.65
C ALA C 411 -12.37 -18.04 37.05
N ALA C 412 -11.90 -17.07 37.84
CA ALA C 412 -12.76 -15.97 38.24
C ALA C 412 -13.21 -15.16 37.04
N ALA C 413 -12.31 -14.95 36.08
CA ALA C 413 -12.67 -14.20 34.88
C ALA C 413 -13.82 -14.87 34.13
N GLY C 414 -13.86 -16.20 34.14
CA GLY C 414 -14.94 -16.97 33.55
C GLY C 414 -16.13 -17.21 34.45
N LYS C 415 -16.11 -16.66 35.67
CA LYS C 415 -17.21 -16.77 36.62
C LYS C 415 -17.49 -18.23 36.99
N MET C 416 -16.43 -18.94 37.40
CA MET C 416 -16.55 -20.34 37.78
C MET C 416 -15.49 -20.64 38.84
N THR C 417 -15.73 -21.73 39.58
CA THR C 417 -14.77 -22.15 40.58
C THR C 417 -13.51 -22.69 39.90
N PRO C 418 -12.36 -22.64 40.58
CA PRO C 418 -11.17 -23.29 40.02
C PRO C 418 -11.37 -24.77 39.76
N GLU C 419 -12.20 -25.45 40.55
CA GLU C 419 -12.49 -26.85 40.29
C GLU C 419 -13.19 -27.01 38.94
N ALA C 420 -14.19 -26.17 38.66
CA ALA C 420 -14.90 -26.27 37.39
C ALA C 420 -13.97 -25.97 36.21
N PHE C 421 -13.11 -24.96 36.36
CA PHE C 421 -12.21 -24.61 35.26
C PHE C 421 -11.22 -25.72 34.98
N THR C 422 -10.63 -26.31 36.02
CA THR C 422 -9.63 -27.36 35.81
C THR C 422 -10.26 -28.60 35.20
N GLU C 423 -11.45 -28.99 35.67
CA GLU C 423 -12.08 -30.21 35.16
C GLU C 423 -12.53 -30.06 33.72
N LYS C 424 -12.91 -28.84 33.31
CA LYS C 424 -13.35 -28.65 31.93
C LYS C 424 -12.18 -28.49 30.97
N PHE C 425 -11.22 -27.64 31.30
CA PHE C 425 -10.22 -27.19 30.35
C PHE C 425 -8.89 -27.95 30.42
N ALA C 426 -8.56 -28.55 31.57
CA ALA C 426 -7.22 -29.11 31.75
C ALA C 426 -6.93 -30.28 30.83
N HIS C 427 -7.96 -30.94 30.30
CA HIS C 427 -7.73 -32.06 29.38
C HIS C 427 -7.15 -31.59 28.06
N LEU C 428 -7.21 -30.30 27.76
CA LEU C 428 -6.68 -29.79 26.50
C LEU C 428 -5.17 -29.98 26.39
N THR C 429 -4.48 -30.18 27.52
CA THR C 429 -3.04 -30.42 27.46
C THR C 429 -2.70 -31.67 26.67
N ASP C 430 -3.65 -32.60 26.53
CA ASP C 430 -3.45 -33.83 25.77
C ASP C 430 -4.16 -33.81 24.42
N VAL C 431 -4.75 -32.68 24.03
CA VAL C 431 -5.45 -32.56 22.76
C VAL C 431 -4.53 -31.93 21.72
N VAL C 432 -3.67 -31.00 22.17
CA VAL C 432 -2.76 -30.28 21.29
C VAL C 432 -1.35 -30.43 21.84
N VAL C 433 -0.38 -30.29 20.93
CA VAL C 433 1.03 -30.48 21.29
C VAL C 433 1.41 -29.49 22.38
N GLU C 434 2.24 -29.95 23.32
CA GLU C 434 2.76 -29.10 24.38
C GLU C 434 4.14 -28.57 24.00
N ALA D 13 -20.59 5.18 -38.86
CA ALA D 13 -20.02 5.23 -37.52
C ALA D 13 -18.90 6.26 -37.45
N PRO D 14 -19.06 7.30 -36.63
CA PRO D 14 -18.04 8.34 -36.55
C PRO D 14 -16.80 7.88 -35.79
N VAL D 15 -15.72 8.64 -35.97
CA VAL D 15 -14.43 8.31 -35.38
C VAL D 15 -14.11 9.32 -34.27
N LEU D 16 -13.63 8.81 -33.15
CA LEU D 16 -13.11 9.62 -32.06
C LEU D 16 -11.62 9.39 -31.94
N GLY D 17 -10.88 10.48 -31.78
CA GLY D 17 -9.43 10.40 -31.65
C GLY D 17 -8.95 11.03 -30.35
N ILE D 18 -8.23 10.26 -29.54
CA ILE D 18 -7.79 10.70 -28.22
C ILE D 18 -6.27 10.75 -28.21
N LEU D 19 -5.73 11.70 -27.43
CA LEU D 19 -4.29 11.76 -27.24
C LEU D 19 -4.02 12.48 -25.92
N CYS D 20 -2.80 12.32 -25.43
CA CYS D 20 -2.36 12.92 -24.17
C CYS D 20 -1.12 13.79 -24.40
N GLY D 21 -1.11 14.97 -23.78
CA GLY D 21 0.02 15.85 -23.85
C GLY D 21 0.41 16.34 -22.47
N GLY D 22 1.68 16.73 -22.35
CA GLY D 22 2.20 17.19 -21.09
C GLY D 22 2.59 16.04 -20.17
N GLY D 23 2.93 16.41 -18.94
CA GLY D 23 3.30 15.43 -17.95
C GLY D 23 2.13 14.54 -17.57
N PRO D 24 2.39 13.27 -17.27
CA PRO D 24 1.31 12.39 -16.83
C PRO D 24 0.80 12.75 -15.45
N ALA D 25 -0.47 12.45 -15.21
CA ALA D 25 -1.10 12.65 -13.91
C ALA D 25 -1.92 11.41 -13.56
N PRO D 26 -1.91 10.98 -12.30
CA PRO D 26 -2.67 9.78 -11.95
C PRO D 26 -4.13 9.92 -12.37
N GLY D 27 -4.65 8.87 -12.97
CA GLY D 27 -6.00 8.90 -13.51
C GLY D 27 -6.09 9.31 -14.95
N LEU D 28 -4.97 9.48 -15.64
CA LEU D 28 -5.01 9.76 -17.08
C LEU D 28 -5.72 8.64 -17.83
N ASN D 29 -5.40 7.38 -17.50
CA ASN D 29 -6.11 6.26 -18.10
C ASN D 29 -7.59 6.31 -17.78
N GLY D 30 -7.97 6.86 -16.63
CA GLY D 30 -9.37 6.94 -16.28
C GLY D 30 -10.19 7.75 -17.28
N VAL D 31 -9.62 8.86 -17.76
CA VAL D 31 -10.30 9.67 -18.75
C VAL D 31 -10.41 8.92 -20.07
N ILE D 32 -9.33 8.25 -20.49
CA ILE D 32 -9.36 7.53 -21.76
C ILE D 32 -10.41 6.42 -21.72
N ALA D 33 -10.48 5.67 -20.63
CA ALA D 33 -11.45 4.59 -20.53
C ALA D 33 -12.87 5.13 -20.34
N GLY D 34 -13.02 6.26 -19.66
CA GLY D 34 -14.35 6.84 -19.50
C GLY D 34 -14.92 7.31 -20.82
N ALA D 35 -14.11 7.98 -21.63
CA ALA D 35 -14.58 8.43 -22.95
C ALA D 35 -14.73 7.27 -23.90
N THR D 36 -13.76 6.34 -23.91
CA THR D 36 -13.80 5.25 -24.87
C THR D 36 -14.95 4.29 -24.59
N LEU D 37 -15.13 3.90 -23.33
CA LEU D 37 -16.18 2.93 -23.01
C LEU D 37 -17.56 3.47 -23.35
N TYR D 38 -17.84 4.73 -23.00
CA TYR D 38 -19.13 5.32 -23.34
C TYR D 38 -19.30 5.44 -24.84
N ALA D 39 -18.24 5.86 -25.54
CA ALA D 39 -18.33 6.04 -26.99
C ALA D 39 -18.58 4.70 -27.70
N LEU D 40 -17.92 3.64 -27.23
CA LEU D 40 -18.16 2.33 -27.82
C LEU D 40 -19.59 1.87 -27.59
N ARG D 41 -20.19 2.26 -26.46
CA ARG D 41 -21.58 1.93 -26.21
C ARG D 41 -22.50 2.62 -27.21
N LEU D 42 -22.07 3.76 -27.75
CA LEU D 42 -22.84 4.46 -28.77
C LEU D 42 -22.58 3.93 -30.18
N GLY D 43 -21.59 3.05 -30.35
CA GLY D 43 -21.25 2.53 -31.65
C GLY D 43 -20.12 3.25 -32.36
N TRP D 44 -19.50 4.24 -31.71
CA TRP D 44 -18.39 4.96 -32.31
C TRP D 44 -17.17 4.04 -32.45
N LYS D 45 -16.25 4.46 -33.30
CA LYS D 45 -14.93 3.83 -33.42
C LYS D 45 -13.91 4.78 -32.80
N VAL D 46 -13.07 4.26 -31.91
CA VAL D 46 -12.15 5.06 -31.12
C VAL D 46 -10.72 4.69 -31.50
N ILE D 47 -9.89 5.71 -31.70
CA ILE D 47 -8.47 5.53 -31.97
C ILE D 47 -7.69 6.40 -30.99
N GLY D 48 -6.43 6.04 -30.78
CA GLY D 48 -5.58 6.79 -29.88
C GLY D 48 -4.23 7.10 -30.51
N PHE D 49 -3.83 8.37 -30.48
CA PHE D 49 -2.55 8.80 -31.03
C PHE D 49 -1.49 8.64 -29.95
N MET D 50 -0.43 7.90 -30.28
CA MET D 50 0.66 7.69 -29.33
C MET D 50 1.50 8.96 -29.19
N GLU D 51 1.96 9.21 -27.97
CA GLU D 51 2.85 10.34 -27.69
C GLU D 51 2.26 11.66 -28.18
N GLY D 52 0.97 11.84 -27.93
CA GLY D 52 0.36 13.14 -28.18
C GLY D 52 0.43 13.57 -29.62
N PHE D 53 0.95 14.78 -29.84
CA PHE D 53 1.04 15.37 -31.17
C PHE D 53 2.35 15.06 -31.89
N LYS D 54 3.18 14.18 -31.32
CA LYS D 54 4.53 14.01 -31.84
C LYS D 54 4.52 13.58 -33.30
N TYR D 55 3.60 12.70 -33.68
CA TYR D 55 3.59 12.14 -35.03
C TYR D 55 2.56 12.77 -35.95
N LEU D 56 1.48 13.35 -35.41
CA LEU D 56 0.62 14.19 -36.23
C LEU D 56 1.36 15.41 -36.75
N CYS D 57 2.45 15.80 -36.07
CA CYS D 57 3.21 16.96 -36.50
C CYS D 57 3.96 16.71 -37.81
N THR D 58 4.37 15.47 -38.06
CA THR D 58 5.13 15.18 -39.28
C THR D 58 4.26 15.21 -40.52
N GLY D 59 2.93 15.10 -40.37
CA GLY D 59 2.04 15.16 -41.51
C GLY D 59 2.10 13.99 -42.46
N ASP D 60 2.85 12.94 -42.11
CA ASP D 60 2.96 11.76 -42.95
C ASP D 60 1.86 10.79 -42.54
N VAL D 61 0.92 10.55 -43.45
CA VAL D 61 -0.26 9.76 -43.12
C VAL D 61 0.11 8.35 -42.68
N ASP D 62 1.27 7.84 -43.08
CA ASP D 62 1.68 6.49 -42.71
C ASP D 62 2.62 6.46 -41.51
N VAL D 63 3.41 7.51 -41.28
CA VAL D 63 4.12 7.61 -40.01
C VAL D 63 3.12 7.75 -38.86
N VAL D 64 2.01 8.44 -39.11
CA VAL D 64 0.96 8.53 -38.10
C VAL D 64 0.29 7.18 -37.92
N LYS D 65 -0.01 6.49 -39.02
CA LYS D 65 -0.71 5.21 -38.92
C LYS D 65 0.08 4.20 -38.10
N ALA D 66 1.41 4.26 -38.18
CA ALA D 66 2.26 3.36 -37.40
C ALA D 66 2.29 3.73 -35.93
N HIS D 67 1.70 4.86 -35.54
CA HIS D 67 1.72 5.34 -34.17
C HIS D 67 0.33 5.73 -33.68
N THR D 68 -0.71 5.08 -34.20
CA THR D 68 -2.05 5.15 -33.61
C THR D 68 -2.59 3.73 -33.47
N ILE D 69 -3.48 3.54 -32.51
CA ILE D 69 -3.98 2.21 -32.18
C ILE D 69 -5.49 2.25 -32.05
N ASP D 70 -6.10 1.08 -32.19
CA ASP D 70 -7.53 0.93 -31.93
C ASP D 70 -7.75 0.91 -30.42
N LEU D 71 -8.55 1.85 -29.93
CA LEU D 71 -8.95 1.86 -28.53
C LEU D 71 -10.23 1.05 -28.40
N THR D 72 -10.06 -0.26 -28.21
CA THR D 72 -11.16 -1.20 -28.16
C THR D 72 -11.60 -1.43 -26.71
N TYR D 73 -12.76 -2.09 -26.57
CA TYR D 73 -13.27 -2.38 -25.23
C TYR D 73 -12.26 -3.19 -24.42
N ASP D 74 -11.60 -4.16 -25.06
CA ASP D 74 -10.63 -4.97 -24.35
C ASP D 74 -9.45 -4.13 -23.85
N ILE D 75 -9.04 -3.14 -24.64
CA ILE D 75 -7.84 -2.38 -24.31
C ILE D 75 -8.07 -1.50 -23.09
N VAL D 76 -9.27 -0.93 -22.95
CA VAL D 76 -9.53 0.11 -21.95
C VAL D 76 -10.38 -0.36 -20.78
N SER D 77 -10.95 -1.56 -20.84
CA SER D 77 -11.94 -1.96 -19.83
C SER D 77 -11.36 -2.10 -18.43
N ARG D 78 -10.04 -2.12 -18.27
CA ARG D 78 -9.45 -2.29 -16.94
C ARG D 78 -8.27 -1.35 -16.68
N ILE D 79 -8.09 -0.31 -17.50
CA ILE D 79 -6.98 0.62 -17.25
C ILE D 79 -7.32 1.65 -16.18
N HIS D 80 -8.54 1.64 -15.65
CA HIS D 80 -8.89 2.58 -14.60
C HIS D 80 -8.13 2.31 -13.32
N PHE D 81 -7.53 1.13 -13.19
CA PHE D 81 -6.71 0.78 -12.04
C PHE D 81 -5.27 1.27 -12.16
N GLN D 82 -4.86 1.75 -13.33
CA GLN D 82 -3.45 1.87 -13.66
C GLN D 82 -3.06 3.32 -13.92
N GLY D 83 -1.87 3.69 -13.45
CA GLY D 83 -1.33 5.00 -13.71
C GLY D 83 -0.71 5.11 -15.09
N GLY D 84 -0.14 6.29 -15.34
CA GLY D 84 0.43 6.55 -16.65
C GLY D 84 -0.65 6.67 -17.70
N THR D 85 -0.28 6.30 -18.93
CA THR D 85 -1.20 6.37 -20.06
C THR D 85 -0.80 5.32 -21.10
N ILE D 86 -1.76 4.50 -21.51
CA ILE D 86 -1.47 3.44 -22.46
C ILE D 86 -1.11 4.03 -23.84
N ILE D 87 -1.62 5.22 -24.16
CA ILE D 87 -1.29 5.87 -25.42
C ILE D 87 -0.15 6.87 -25.26
N GLN D 88 0.53 6.87 -24.12
CA GLN D 88 1.71 7.69 -23.90
C GLN D 88 1.40 9.17 -24.02
N THR D 89 2.43 10.01 -23.97
CA THR D 89 2.26 11.45 -23.97
C THR D 89 3.56 12.10 -24.43
N SER D 90 3.47 13.37 -24.77
CA SER D 90 4.66 14.13 -25.15
C SER D 90 4.33 15.62 -25.09
N ARG D 91 5.38 16.43 -25.01
CA ARG D 91 5.26 17.87 -25.02
C ARG D 91 5.27 18.44 -26.43
N ALA D 92 5.29 17.59 -27.46
CA ALA D 92 5.28 18.07 -28.83
C ALA D 92 4.09 19.00 -29.07
N ASN D 93 4.37 20.14 -29.69
CA ASN D 93 3.43 21.26 -29.73
C ASN D 93 3.31 21.79 -31.15
N PRO D 94 2.18 21.61 -31.82
CA PRO D 94 2.03 22.13 -33.18
C PRO D 94 1.62 23.60 -33.26
N ARG D 95 1.46 24.29 -32.14
CA ARG D 95 0.95 25.66 -32.18
C ARG D 95 2.02 26.70 -32.52
N LYS D 96 3.29 26.31 -32.61
CA LYS D 96 4.37 27.27 -32.71
C LYS D 96 4.81 27.57 -34.14
N SER D 97 4.13 27.01 -35.15
CA SER D 97 4.55 27.26 -36.53
C SER D 97 3.40 26.97 -37.48
N PRO D 98 3.18 27.80 -38.50
CA PRO D 98 2.03 27.59 -39.40
C PRO D 98 2.07 26.26 -40.13
N GLU D 99 3.23 25.65 -40.32
CA GLU D 99 3.30 24.40 -41.07
C GLU D 99 2.75 23.24 -40.26
N LEU D 100 3.04 23.20 -38.96
CA LEU D 100 2.71 22.03 -38.16
C LEU D 100 1.22 21.82 -38.06
N GLN D 101 0.45 22.87 -37.75
CA GLN D 101 -0.99 22.70 -37.61
C GLN D 101 -1.58 22.07 -38.87
N GLU D 102 -1.20 22.59 -40.04
CA GLU D 102 -1.71 22.04 -41.29
C GLU D 102 -1.38 20.56 -41.42
N ASN D 103 -0.22 20.14 -40.92
CA ASN D 103 0.11 18.72 -40.91
C ASN D 103 -0.84 17.95 -40.01
N VAL D 104 -1.25 18.56 -38.89
CA VAL D 104 -2.24 17.94 -38.01
C VAL D 104 -3.58 17.82 -38.73
N ARG D 105 -4.05 18.91 -39.35
CA ARG D 105 -5.32 18.85 -40.06
C ARG D 105 -5.27 17.80 -41.17
N LYS D 106 -4.14 17.70 -41.86
CA LYS D 106 -4.03 16.75 -42.97
C LYS D 106 -4.20 15.32 -42.49
N CYS D 107 -3.67 15.02 -41.29
CA CYS D 107 -3.75 13.65 -40.77
C CYS D 107 -5.10 13.36 -40.12
N LEU D 108 -5.71 14.35 -39.47
CA LEU D 108 -7.06 14.13 -38.94
C LEU D 108 -8.05 13.88 -40.06
N ARG D 109 -7.98 14.68 -41.13
CA ARG D 109 -8.87 14.48 -42.27
C ARG D 109 -8.60 13.13 -42.94
N ALA D 110 -7.33 12.78 -43.11
CA ALA D 110 -6.98 11.49 -43.72
C ALA D 110 -7.41 10.33 -42.85
N LEU D 111 -7.48 10.53 -41.53
CA LEU D 111 -7.97 9.52 -40.60
C LEU D 111 -9.47 9.60 -40.38
N LYS D 112 -10.15 10.53 -41.06
CA LYS D 112 -11.61 10.66 -40.99
C LYS D 112 -12.08 10.87 -39.55
N VAL D 113 -11.28 11.60 -38.77
CA VAL D 113 -11.64 11.88 -37.39
C VAL D 113 -12.84 12.83 -37.39
N ARG D 114 -13.85 12.49 -36.58
CA ARG D 114 -15.02 13.34 -36.39
C ARG D 114 -14.97 14.09 -35.07
N TYR D 115 -14.69 13.39 -33.98
CA TYR D 115 -14.53 14.00 -32.66
C TYR D 115 -13.09 13.83 -32.21
N PHE D 116 -12.55 14.88 -31.58
CA PHE D 116 -11.14 14.94 -31.22
C PHE D 116 -11.03 15.36 -29.76
N LEU D 117 -10.53 14.46 -28.93
CA LEU D 117 -10.38 14.69 -27.50
C LEU D 117 -8.90 14.68 -27.12
N THR D 118 -8.46 15.72 -26.42
CA THR D 118 -7.11 15.79 -25.91
C THR D 118 -7.16 15.84 -24.38
N ILE D 119 -6.14 15.26 -23.75
CA ILE D 119 -6.01 15.23 -22.30
C ILE D 119 -4.64 15.78 -21.98
N GLY D 120 -4.58 16.96 -21.39
CA GLY D 120 -3.29 17.60 -21.15
C GLY D 120 -3.46 18.94 -20.49
N GLY D 121 -2.33 19.63 -20.33
CA GLY D 121 -2.27 20.87 -19.58
C GLY D 121 -2.61 22.09 -20.42
N ASP D 122 -2.16 23.25 -19.93
CA ASP D 122 -2.50 24.51 -20.59
C ASP D 122 -1.92 24.57 -21.99
N ASP D 123 -0.68 24.09 -22.17
CA ASP D 123 -0.07 24.11 -23.49
C ASP D 123 -0.66 23.07 -24.44
N THR D 124 -1.35 22.06 -23.90
CA THR D 124 -1.91 20.99 -24.71
C THR D 124 -3.29 21.34 -25.27
N ALA D 125 -4.11 22.04 -24.47
CA ALA D 125 -5.44 22.42 -24.93
C ALA D 125 -5.36 23.49 -26.02
N SER D 126 -4.41 24.42 -25.89
CA SER D 126 -4.29 25.48 -26.89
C SER D 126 -3.98 24.91 -28.26
N SER D 127 -3.17 23.86 -28.33
CA SER D 127 -2.93 23.19 -29.59
C SER D 127 -4.22 22.64 -30.18
N ALA D 128 -5.09 22.10 -29.33
CA ALA D 128 -6.35 21.53 -29.81
C ALA D 128 -7.22 22.59 -30.46
N VAL D 129 -7.35 23.75 -29.83
CA VAL D 129 -8.24 24.77 -30.35
C VAL D 129 -7.66 25.42 -31.60
N SER D 130 -6.34 25.59 -31.66
CA SER D 130 -5.73 26.22 -32.81
C SER D 130 -5.88 25.36 -34.06
N VAL D 131 -5.65 24.05 -33.94
CA VAL D 131 -5.86 23.15 -35.07
C VAL D 131 -7.33 23.14 -35.46
N ALA D 132 -8.22 23.22 -34.48
CA ALA D 132 -9.65 23.20 -34.75
C ALA D 132 -10.09 24.47 -35.48
N SER D 133 -9.53 25.61 -35.10
CA SER D 133 -10.00 26.90 -35.64
C SER D 133 -9.77 27.00 -37.15
N GLY D 134 -8.82 26.25 -37.69
CA GLY D 134 -8.56 26.28 -39.12
C GLY D 134 -9.21 25.11 -39.84
N MET D 135 -10.28 24.58 -39.26
CA MET D 135 -10.97 23.43 -39.81
C MET D 135 -12.48 23.67 -39.77
N ASN D 136 -13.18 23.11 -40.74
CA ASN D 136 -14.63 23.28 -40.81
C ASN D 136 -15.28 22.64 -39.59
N GLY D 137 -16.31 23.29 -39.07
CA GLY D 137 -16.98 22.81 -37.87
C GLY D 137 -17.84 21.58 -38.10
N ASN D 138 -18.26 21.34 -39.34
CA ASN D 138 -19.12 20.20 -39.64
C ASN D 138 -18.36 18.88 -39.74
N GLU D 139 -17.03 18.93 -39.85
CA GLU D 139 -16.22 17.73 -40.02
C GLU D 139 -15.48 17.31 -38.76
N ILE D 140 -15.04 18.26 -37.94
CA ILE D 140 -14.28 17.97 -36.74
C ILE D 140 -14.79 18.83 -35.60
N SER D 141 -14.90 18.23 -34.42
CA SER D 141 -15.26 18.94 -33.19
C SER D 141 -14.24 18.57 -32.13
N VAL D 142 -13.73 19.57 -31.41
CA VAL D 142 -12.60 19.39 -30.50
C VAL D 142 -13.05 19.61 -29.06
N ILE D 143 -12.55 18.77 -28.17
CA ILE D 143 -12.78 18.86 -26.74
C ILE D 143 -11.48 18.53 -26.04
N SER D 144 -11.24 19.16 -24.90
CA SER D 144 -10.05 18.88 -24.11
C SER D 144 -10.43 18.73 -22.65
N CYS D 145 -9.69 17.87 -21.95
CA CYS D 145 -9.89 17.60 -20.53
C CYS D 145 -8.65 18.06 -19.79
N PRO D 146 -8.62 19.30 -19.29
CA PRO D 146 -7.39 19.81 -18.68
C PRO D 146 -6.94 18.95 -17.50
N LYS D 147 -5.63 18.76 -17.41
CA LYS D 147 -5.02 17.93 -16.39
C LYS D 147 -3.89 18.70 -15.71
N THR D 148 -3.79 18.53 -14.39
CA THR D 148 -2.68 19.11 -13.65
C THR D 148 -2.57 18.48 -12.26
N ILE D 149 -1.36 18.04 -11.89
CA ILE D 149 -1.14 17.47 -10.57
C ILE D 149 -0.92 18.53 -9.51
N ASP D 150 -0.78 19.80 -9.91
CA ASP D 150 -0.51 20.89 -8.99
C ASP D 150 -1.77 21.60 -8.52
N ASN D 151 -2.95 21.12 -8.93
CA ASN D 151 -4.23 21.61 -8.43
C ASN D 151 -4.33 23.14 -8.57
N ASP D 152 -4.00 23.64 -9.76
CA ASP D 152 -3.90 25.07 -10.02
C ASP D 152 -4.86 25.52 -11.11
N LEU D 153 -6.03 24.88 -11.22
CA LEU D 153 -7.07 25.40 -12.11
C LEU D 153 -8.08 26.20 -11.30
N PRO D 154 -8.77 27.16 -11.93
CA PRO D 154 -9.65 28.09 -11.20
C PRO D 154 -11.04 27.52 -10.87
N LEU D 155 -11.07 26.29 -10.37
CA LEU D 155 -12.31 25.72 -9.87
C LEU D 155 -12.66 26.39 -8.54
N PRO D 156 -13.91 26.23 -8.09
CA PRO D 156 -14.27 26.78 -6.77
C PRO D 156 -13.36 26.25 -5.68
N ALA D 157 -13.02 27.11 -4.74
CA ALA D 157 -12.04 26.76 -3.72
C ALA D 157 -12.39 25.43 -3.07
N ASP D 158 -11.35 24.72 -2.64
CA ASP D 158 -11.37 23.42 -1.97
C ASP D 158 -11.66 22.29 -2.95
N GLN D 159 -11.92 22.60 -4.22
CA GLN D 159 -12.18 21.57 -5.22
C GLN D 159 -10.88 21.24 -5.94
N SER D 160 -10.57 19.95 -6.03
CA SER D 160 -9.29 19.49 -6.52
C SER D 160 -9.38 19.03 -7.97
N THR D 161 -8.26 19.16 -8.68
CA THR D 161 -8.13 18.56 -10.00
C THR D 161 -7.80 17.08 -9.88
N PHE D 162 -8.10 16.34 -10.94
CA PHE D 162 -7.84 14.91 -10.92
C PHE D 162 -6.34 14.65 -10.92
N GLY D 163 -5.95 13.59 -10.21
CA GLY D 163 -4.56 13.27 -9.98
C GLY D 163 -3.97 13.91 -8.74
N PHE D 164 -4.54 15.04 -8.30
CA PHE D 164 -3.99 15.73 -7.14
C PHE D 164 -4.19 14.92 -5.86
N HIS D 165 -5.32 14.26 -5.71
CA HIS D 165 -5.55 13.44 -4.53
C HIS D 165 -4.55 12.29 -4.46
N THR D 166 -4.30 11.62 -5.58
CA THR D 166 -3.35 10.52 -5.59
C THR D 166 -1.95 11.02 -5.26
N ALA D 167 -1.53 12.13 -5.86
CA ALA D 167 -0.20 12.66 -5.62
C ALA D 167 -0.02 13.07 -4.15
N ARG D 168 -1.02 13.74 -3.58
CA ARG D 168 -0.90 14.19 -2.20
C ARG D 168 -0.84 13.01 -1.23
N SER D 169 -1.61 11.96 -1.50
CA SER D 169 -1.68 10.84 -0.56
C SER D 169 -0.40 10.03 -0.58
N LEU D 170 0.14 9.77 -1.77
CA LEU D 170 1.43 9.06 -1.85
C LEU D 170 2.55 9.90 -1.24
N GLY D 171 2.51 11.22 -1.46
CA GLY D 171 3.49 12.08 -0.84
C GLY D 171 3.40 12.06 0.68
N MET D 172 2.17 12.01 1.20
CA MET D 172 2.00 11.88 2.64
C MET D 172 2.68 10.62 3.15
N GLU D 173 2.52 9.51 2.42
CA GLU D 173 3.10 8.25 2.86
C GLU D 173 4.62 8.30 2.82
N ILE D 174 5.20 8.95 1.81
CA ILE D 174 6.65 9.06 1.74
C ILE D 174 7.18 9.91 2.88
N ILE D 175 6.50 11.02 3.17
CA ILE D 175 6.92 11.88 4.28
C ILE D 175 6.69 11.17 5.61
N ARG D 176 5.69 10.28 5.68
CA ARG D 176 5.49 9.51 6.91
C ARG D 176 6.76 8.76 7.28
N ASN D 177 7.34 8.05 6.31
CA ASN D 177 8.56 7.29 6.59
C ASN D 177 9.71 8.22 6.96
N LEU D 178 9.82 9.37 6.29
CA LEU D 178 10.85 10.34 6.66
C LEU D 178 10.59 10.93 8.04
N MET D 179 9.33 11.02 8.45
CA MET D 179 9.00 11.51 9.79
C MET D 179 9.46 10.50 10.84
N VAL D 180 9.18 9.22 10.62
CA VAL D 180 9.61 8.19 11.56
C VAL D 180 11.13 8.09 11.57
N ASP D 181 11.77 8.24 10.41
CA ASP D 181 13.22 8.12 10.33
C ASP D 181 13.92 9.33 10.96
N SER D 182 13.35 10.53 10.79
CA SER D 182 13.97 11.71 11.37
C SER D 182 13.92 11.66 12.88
N LYS D 183 12.90 11.01 13.45
CA LYS D 183 12.84 10.87 14.91
C LYS D 183 13.71 9.71 15.39
N SER D 184 13.72 8.61 14.64
CA SER D 184 14.45 7.42 15.09
C SER D 184 15.96 7.64 15.04
N ALA D 185 16.44 8.34 14.02
CA ALA D 185 17.84 8.74 13.89
C ALA D 185 17.82 10.27 13.76
N PRO D 186 17.85 11.00 14.88
CA PRO D 186 17.58 12.44 14.84
C PRO D 186 18.29 13.18 13.71
N ARG D 187 17.50 13.74 12.79
CA ARG D 187 17.99 14.64 11.76
C ARG D 187 16.82 15.48 11.28
N TRP D 188 17.11 16.39 10.35
CA TRP D 188 16.10 17.21 9.68
C TRP D 188 16.10 16.88 8.20
N PHE D 189 14.91 16.66 7.64
CA PHE D 189 14.74 16.47 6.21
C PHE D 189 14.17 17.73 5.59
N LEU D 190 14.81 18.21 4.52
CA LEU D 190 14.27 19.28 3.69
C LEU D 190 13.69 18.60 2.45
N VAL D 191 12.37 18.45 2.43
CA VAL D 191 11.67 17.77 1.34
C VAL D 191 11.21 18.81 0.34
N GLU D 192 11.67 18.69 -0.90
CA GLU D 192 11.30 19.60 -1.97
C GLU D 192 10.20 18.94 -2.81
N ALA D 193 9.01 19.52 -2.76
CA ALA D 193 7.91 19.05 -3.60
C ALA D 193 8.10 19.62 -5.01
N MET D 194 8.11 18.74 -6.01
CA MET D 194 8.25 19.17 -7.39
C MET D 194 7.04 19.99 -7.82
N GLY D 195 7.28 20.93 -8.73
CA GLY D 195 6.21 21.78 -9.24
C GLY D 195 6.37 23.23 -8.82
N ARG D 196 6.78 24.07 -9.76
CA ARG D 196 6.98 25.49 -9.48
C ARG D 196 5.72 26.33 -9.66
N SER D 197 4.63 25.72 -10.15
CA SER D 197 3.46 26.52 -10.49
C SER D 197 2.78 27.11 -9.27
N ALA D 198 2.54 26.28 -8.25
CA ALA D 198 1.75 26.71 -7.10
C ALA D 198 2.27 25.99 -5.86
N GLY D 199 1.55 26.15 -4.75
CA GLY D 199 1.96 25.56 -3.49
C GLY D 199 0.96 24.56 -2.94
N HIS D 200 -0.03 24.19 -3.76
CA HIS D 200 -1.07 23.28 -3.29
C HIS D 200 -0.49 21.92 -2.89
N LEU D 201 0.41 21.38 -3.71
CA LEU D 201 0.88 20.02 -3.49
C LEU D 201 1.83 19.95 -2.30
N ALA D 202 2.72 20.94 -2.16
CA ALA D 202 3.62 20.95 -1.01
C ALA D 202 2.84 21.10 0.28
N LEU D 203 1.84 21.99 0.30
CA LEU D 203 1.08 22.21 1.53
C LEU D 203 0.19 21.02 1.85
N GLY D 204 -0.34 20.36 0.82
CA GLY D 204 -1.17 19.19 1.08
C GLY D 204 -0.39 18.06 1.69
N MET D 205 0.80 17.78 1.14
CA MET D 205 1.66 16.75 1.71
C MET D 205 2.06 17.09 3.14
N ALA D 206 2.48 18.35 3.37
CA ALA D 206 2.98 18.74 4.67
C ALA D 206 1.89 18.66 5.74
N GLU D 207 0.70 19.16 5.43
CA GLU D 207 -0.37 19.19 6.43
C GLU D 207 -0.84 17.78 6.76
N ALA D 208 -0.97 16.92 5.75
CA ALA D 208 -1.44 15.56 6.00
C ALA D 208 -0.45 14.76 6.82
N SER D 209 0.84 14.96 6.57
CA SER D 209 1.88 14.19 7.25
C SER D 209 2.33 14.84 8.56
N GLY D 210 1.77 15.99 8.91
CA GLY D 210 2.23 16.70 10.09
C GLY D 210 3.64 17.20 10.00
N ALA D 211 4.12 17.54 8.79
CA ALA D 211 5.43 18.15 8.64
C ALA D 211 5.52 19.43 9.47
N HIS D 212 6.66 19.62 10.13
CA HIS D 212 6.81 20.72 11.07
C HIS D 212 6.82 22.09 10.40
N LEU D 213 7.10 22.16 9.10
CA LEU D 213 7.12 23.45 8.43
C LEU D 213 6.80 23.26 6.96
N CYS D 214 6.16 24.27 6.37
CA CYS D 214 5.96 24.31 4.93
C CYS D 214 6.16 25.74 4.43
N LEU D 215 6.98 25.88 3.39
CA LEU D 215 7.22 27.16 2.73
C LEU D 215 6.66 27.08 1.31
N ILE D 216 5.83 28.05 0.95
CA ILE D 216 5.27 28.11 -0.41
C ILE D 216 5.47 29.54 -0.92
N PRO D 217 5.58 29.74 -2.22
CA PRO D 217 5.75 31.12 -2.72
C PRO D 217 4.59 32.04 -2.36
N GLU D 218 3.40 31.49 -2.13
CA GLU D 218 2.22 32.33 -1.90
C GLU D 218 2.23 33.01 -0.54
N GLU D 219 3.05 32.53 0.40
CA GLU D 219 3.06 33.09 1.75
C GLU D 219 4.04 34.24 1.89
N PHE D 220 4.69 34.67 0.81
CA PHE D 220 5.69 35.72 0.86
C PHE D 220 5.10 37.04 0.39
N LYS D 221 5.24 38.08 1.22
CA LYS D 221 4.68 39.39 0.91
C LYS D 221 5.41 40.03 -0.27
N GLN D 222 6.72 40.22 -0.14
CA GLN D 222 7.49 40.86 -1.19
C GLN D 222 7.42 40.04 -2.47
N ASP D 223 7.52 40.72 -3.60
CA ASP D 223 7.34 40.08 -4.90
C ASP D 223 8.54 39.21 -5.31
N GLU D 224 9.67 39.33 -4.61
CA GLU D 224 10.82 38.47 -4.84
C GLU D 224 11.35 37.97 -3.51
N ILE D 225 11.98 36.81 -3.54
CA ILE D 225 12.52 36.19 -2.36
C ILE D 225 14.03 36.41 -2.34
N GLU D 226 14.61 36.38 -1.15
CA GLU D 226 16.05 36.36 -0.96
C GLU D 226 16.46 35.02 -0.37
N PHE D 227 17.54 34.45 -0.93
CA PHE D 227 18.02 33.16 -0.46
C PHE D 227 18.21 33.16 1.05
N GLU D 228 18.74 34.26 1.59
CA GLU D 228 19.03 34.33 3.02
C GLU D 228 17.75 34.30 3.85
N ASP D 229 16.66 34.87 3.34
CA ASP D 229 15.40 34.82 4.08
C ASP D 229 14.90 33.40 4.24
N VAL D 230 14.95 32.60 3.16
CA VAL D 230 14.49 31.22 3.24
C VAL D 230 15.35 30.44 4.23
N VAL D 231 16.65 30.74 4.27
CA VAL D 231 17.53 30.06 5.22
C VAL D 231 17.07 30.34 6.65
N GLU D 232 16.71 31.60 6.94
CA GLU D 232 16.35 31.97 8.30
C GLU D 232 14.97 31.47 8.69
N LEU D 233 14.05 31.35 7.74
CA LEU D 233 12.74 30.79 8.06
C LEU D 233 12.87 29.34 8.50
N VAL D 234 13.71 28.55 7.83
CA VAL D 234 13.98 27.20 8.27
C VAL D 234 14.80 27.19 9.54
N GLU D 235 15.77 28.10 9.64
CA GLU D 235 16.66 28.13 10.79
C GLU D 235 15.90 28.46 12.07
N ALA D 236 14.89 29.31 11.97
CA ALA D 236 14.08 29.63 13.13
C ALA D 236 13.29 28.42 13.62
N THR D 237 12.74 27.64 12.69
CA THR D 237 11.99 26.45 13.08
C THR D 237 12.89 25.42 13.75
N ILE D 238 14.09 25.21 13.20
CA ILE D 238 15.01 24.25 13.81
C ILE D 238 15.40 24.71 15.20
N LEU D 239 15.61 26.01 15.38
CA LEU D 239 15.97 26.54 16.69
C LEU D 239 14.85 26.36 17.71
N LYS D 240 13.59 26.64 17.30
CA LYS D 240 12.49 26.55 18.24
C LYS D 240 12.26 25.11 18.70
N ARG D 241 12.30 24.15 17.77
CA ARG D 241 12.13 22.76 18.15
C ARG D 241 13.32 22.28 18.99
N LEU D 242 14.53 22.73 18.66
CA LEU D 242 15.68 22.42 19.50
C LEU D 242 15.53 23.02 20.89
N ALA D 243 14.84 24.16 21.00
CA ALA D 243 14.60 24.74 22.31
C ALA D 243 13.64 23.92 23.14
N TYR D 244 12.87 23.02 22.51
CA TYR D 244 11.98 22.11 23.21
C TYR D 244 12.54 20.69 23.27
N GLY D 245 13.85 20.54 23.18
CA GLY D 245 14.48 19.24 23.33
C GLY D 245 14.39 18.33 22.13
N LYS D 246 14.09 18.86 20.95
CA LYS D 246 13.90 18.06 19.75
C LYS D 246 14.83 18.56 18.66
N ASN D 247 15.83 17.73 18.31
CA ASN D 247 16.83 18.07 17.30
C ASN D 247 16.51 17.40 15.97
N TYR D 248 15.23 17.23 15.65
CA TYR D 248 14.83 16.53 14.44
C TYR D 248 13.52 17.13 13.93
N GLY D 249 13.21 16.83 12.68
CA GLY D 249 11.96 17.29 12.11
C GLY D 249 11.98 17.15 10.60
N VAL D 250 10.91 17.65 9.98
CA VAL D 250 10.76 17.64 8.53
C VAL D 250 10.20 18.98 8.09
N CYS D 251 10.79 19.55 7.05
CA CYS D 251 10.34 20.81 6.47
C CYS D 251 10.11 20.58 4.98
N VAL D 252 8.97 21.04 4.48
CA VAL D 252 8.58 20.82 3.09
C VAL D 252 8.63 22.17 2.38
N LEU D 253 9.17 22.15 1.16
CA LEU D 253 9.38 23.36 0.36
C LEU D 253 8.77 23.15 -1.00
N ALA D 254 7.84 24.01 -1.39
CA ALA D 254 7.38 24.03 -2.78
C ALA D 254 8.52 24.50 -3.68
N GLU D 255 8.67 23.87 -4.84
CA GLU D 255 9.69 24.30 -5.78
C GLU D 255 9.40 25.70 -6.30
N GLY D 256 8.16 26.19 -6.13
CA GLY D 256 7.81 27.51 -6.62
C GLY D 256 8.60 28.63 -5.97
N LEU D 257 9.28 28.35 -4.85
CA LEU D 257 10.20 29.32 -4.29
C LEU D 257 11.26 29.72 -5.31
N VAL D 258 11.73 28.76 -6.11
CA VAL D 258 12.75 29.04 -7.12
C VAL D 258 12.26 30.10 -8.08
N SER D 259 11.05 29.92 -8.63
CA SER D 259 10.56 30.82 -9.66
C SER D 259 10.14 32.18 -9.11
N LYS D 260 10.37 32.43 -7.82
CA LYS D 260 10.06 33.71 -7.21
C LYS D 260 11.30 34.40 -6.65
N MET D 261 12.44 33.72 -6.58
CA MET D 261 13.64 34.33 -6.04
C MET D 261 14.15 35.44 -6.95
N SER D 262 14.93 36.35 -6.36
CA SER D 262 15.47 37.49 -7.09
C SER D 262 16.67 37.04 -7.92
N LYS D 263 17.27 38.00 -8.64
CA LYS D 263 18.49 37.69 -9.40
C LYS D 263 19.64 37.35 -8.47
N LYS D 264 19.82 38.14 -7.40
CA LYS D 264 20.86 37.84 -6.43
C LYS D 264 20.58 36.53 -5.70
N ALA D 265 19.30 36.29 -5.37
CA ALA D 265 18.95 35.06 -4.67
C ALA D 265 19.25 33.84 -5.54
N LEU D 266 18.95 33.92 -6.84
CA LEU D 266 19.29 32.83 -7.74
C LEU D 266 20.79 32.65 -7.85
N TYR D 267 21.55 33.75 -7.85
CA TYR D 267 23.00 33.63 -7.93
C TYR D 267 23.54 32.87 -6.73
N LYS D 268 23.07 33.19 -5.52
CA LYS D 268 23.44 32.43 -4.34
C LYS D 268 22.89 31.01 -4.41
N LEU D 269 21.76 30.82 -5.09
CA LEU D 269 21.15 29.50 -5.17
C LEU D 269 22.11 28.50 -5.79
N PHE D 270 22.75 28.88 -6.89
CA PHE D 270 23.69 28.02 -7.60
C PHE D 270 25.09 28.07 -7.02
N GLY D 271 25.25 28.56 -5.80
CA GLY D 271 26.55 28.62 -5.17
C GLY D 271 27.33 29.87 -5.50
N ASN D 272 26.66 31.03 -5.40
CA ASN D 272 27.29 32.32 -5.72
C ASN D 272 27.86 32.32 -7.14
N ARG D 273 27.13 31.69 -8.06
CA ARG D 273 27.56 31.56 -9.45
C ARG D 273 26.42 31.99 -10.37
N GLU D 274 26.79 32.50 -11.54
CA GLU D 274 25.80 32.90 -12.53
C GLU D 274 25.02 31.66 -12.98
N PRO D 275 23.70 31.76 -13.14
CA PRO D 275 22.91 30.58 -13.52
C PRO D 275 22.94 30.34 -15.00
N PRO D 276 22.78 29.09 -15.44
CA PRO D 276 22.70 28.82 -16.89
C PRO D 276 21.43 29.42 -17.49
N THR D 277 21.44 29.52 -18.83
CA THR D 277 20.34 30.09 -19.58
C THR D 277 20.12 29.27 -20.84
N ASP D 278 19.10 29.65 -21.61
CA ASP D 278 18.80 28.98 -22.88
C ASP D 278 19.47 29.70 -24.04
N LEU D 284 16.93 28.98 -16.54
CA LEU D 284 16.92 27.52 -16.41
C LEU D 284 16.76 27.10 -14.95
N LEU D 285 15.54 27.18 -14.45
CA LEU D 285 15.27 26.88 -13.05
C LEU D 285 15.20 25.38 -12.77
N ASP D 286 15.16 24.53 -13.80
CA ASP D 286 15.13 23.09 -13.56
C ASP D 286 16.42 22.62 -12.90
N ASP D 287 17.57 23.13 -13.35
CA ASP D 287 18.85 22.73 -12.79
C ASP D 287 19.04 23.21 -11.36
N ALA D 288 18.17 24.11 -10.88
CA ALA D 288 18.28 24.60 -9.51
C ALA D 288 18.10 23.47 -8.51
N GLU D 289 18.89 23.51 -7.44
CA GLU D 289 18.81 22.54 -6.35
C GLU D 289 18.55 23.31 -5.06
N LEU D 290 17.27 23.60 -4.78
CA LEU D 290 16.97 24.51 -3.69
C LEU D 290 17.12 23.82 -2.33
N ALA D 291 16.53 22.63 -2.18
CA ALA D 291 16.63 21.94 -0.90
C ALA D 291 18.09 21.64 -0.55
N ARG D 292 18.88 21.22 -1.55
CA ARG D 292 20.28 20.94 -1.32
C ARG D 292 21.04 22.20 -0.91
N SER D 293 20.76 23.32 -1.57
CA SER D 293 21.46 24.56 -1.25
C SER D 293 21.15 25.01 0.18
N LEU D 294 19.89 24.88 0.60
CA LEU D 294 19.54 25.24 1.97
C LEU D 294 20.23 24.32 2.97
N SER D 295 20.38 23.05 2.63
CA SER D 295 21.00 22.10 3.56
C SER D 295 22.45 22.48 3.86
N GLU D 296 23.21 22.87 2.83
CA GLU D 296 24.60 23.26 3.03
C GLU D 296 24.71 24.51 3.91
N GLU D 297 23.93 25.55 3.59
CA GLU D 297 23.99 26.78 4.36
C GLU D 297 23.55 26.54 5.80
N LEU D 298 22.49 25.76 6.00
CA LEU D 298 22.00 25.50 7.34
C LEU D 298 22.98 24.66 8.15
N LEU D 299 23.79 23.84 7.48
CA LEU D 299 24.75 23.01 8.19
C LEU D 299 25.94 23.82 8.70
N LYS D 300 26.36 24.84 7.97
CA LYS D 300 27.42 25.71 8.47
C LYS D 300 26.96 26.44 9.72
N ARG D 301 25.73 26.93 9.73
CA ARG D 301 25.22 27.69 10.86
C ARG D 301 24.82 26.81 12.03
N LEU D 302 24.35 25.59 11.77
CA LEU D 302 23.70 24.78 12.79
C LEU D 302 24.40 23.47 13.11
N GLY D 303 25.41 23.08 12.33
CA GLY D 303 26.03 21.79 12.55
C GLY D 303 26.64 21.67 13.94
N ASN D 304 27.21 22.77 14.45
CA ASN D 304 27.83 22.75 15.77
C ASN D 304 26.84 22.38 16.86
N LEU D 305 25.54 22.58 16.61
CA LEU D 305 24.51 22.24 17.58
C LEU D 305 24.11 20.77 17.52
N GLY D 306 24.90 19.91 16.89
CA GLY D 306 24.52 18.52 16.73
C GLY D 306 23.30 18.34 15.85
N ILE D 307 23.23 19.07 14.74
CA ILE D 307 22.11 19.02 13.82
C ILE D 307 22.61 18.50 12.48
N ARG D 308 22.02 17.40 12.02
CA ARG D 308 22.24 16.90 10.67
C ARG D 308 21.05 17.32 9.82
N ILE D 309 21.32 17.66 8.56
CA ILE D 309 20.29 18.08 7.62
C ILE D 309 20.53 17.37 6.30
N THR D 310 19.45 16.83 5.72
CA THR D 310 19.53 16.05 4.49
C THR D 310 18.42 16.49 3.53
N PRO D 311 18.74 16.82 2.30
CA PRO D 311 17.69 17.12 1.32
C PRO D 311 17.07 15.84 0.77
N LYS D 312 15.85 15.98 0.26
CA LYS D 312 15.11 14.86 -0.30
C LYS D 312 14.04 15.42 -1.21
N LYS D 313 13.92 14.89 -2.42
CA LYS D 313 13.04 15.42 -3.43
C LYS D 313 11.91 14.43 -3.70
N ILE D 314 10.67 14.85 -3.46
CA ILE D 314 9.48 14.12 -3.88
C ILE D 314 8.96 14.79 -5.14
N GLY D 315 8.47 13.98 -6.07
CA GLY D 315 8.43 14.40 -7.46
C GLY D 315 7.99 13.32 -8.43
N TYR D 316 8.83 13.04 -9.42
CA TYR D 316 8.52 12.13 -10.50
C TYR D 316 7.79 10.84 -10.08
N GLU D 317 8.08 10.31 -8.90
CA GLU D 317 7.49 9.03 -8.49
C GLU D 317 5.98 9.14 -8.22
N LEU D 318 5.44 10.35 -8.13
CA LEU D 318 4.01 10.53 -7.93
C LEU D 318 3.21 10.53 -9.23
N ARG D 319 3.82 10.87 -10.36
CA ARG D 319 3.07 11.19 -11.57
C ARG D 319 2.27 10.00 -12.09
N CYS D 320 2.77 8.78 -11.88
CA CYS D 320 2.13 7.57 -12.41
C CYS D 320 1.77 6.58 -11.32
N ALA D 321 1.53 7.07 -10.11
CA ALA D 321 0.94 6.23 -9.08
C ALA D 321 -0.45 5.79 -9.52
N ASP D 322 -0.85 4.59 -9.10
CA ASP D 322 -2.19 4.13 -9.38
C ASP D 322 -3.21 5.07 -8.72
N PRO D 323 -4.24 5.48 -9.44
CA PRO D 323 -5.19 6.46 -8.86
C PRO D 323 -5.89 5.93 -7.62
N VAL D 324 -6.07 6.82 -6.64
CA VAL D 324 -6.88 6.53 -5.46
C VAL D 324 -8.35 6.61 -5.86
N ALA D 325 -9.24 6.15 -4.97
CA ALA D 325 -10.64 6.00 -5.35
C ALA D 325 -11.26 7.34 -5.76
N PHE D 326 -10.83 8.44 -5.15
CA PHE D 326 -11.40 9.73 -5.52
C PHE D 326 -11.09 10.07 -6.97
N ASP D 327 -9.86 9.81 -7.41
CA ASP D 327 -9.47 10.11 -8.79
C ASP D 327 -10.00 9.08 -9.78
N ALA D 328 -10.35 7.87 -9.32
CA ALA D 328 -10.98 6.92 -10.23
C ALA D 328 -12.37 7.39 -10.62
N VAL D 329 -13.18 7.77 -9.62
CA VAL D 329 -14.51 8.30 -9.90
C VAL D 329 -14.40 9.60 -10.68
N TYR D 330 -13.48 10.47 -10.28
CA TYR D 330 -13.33 11.77 -10.92
C TYR D 330 -13.08 11.63 -12.42
N THR D 331 -12.08 10.82 -12.78
CA THR D 331 -11.67 10.73 -14.18
C THR D 331 -12.73 10.03 -15.03
N ARG D 332 -13.42 9.04 -14.47
CA ARG D 332 -14.48 8.39 -15.22
C ARG D 332 -15.59 9.39 -15.55
N GLU D 333 -15.96 10.22 -14.58
CA GLU D 333 -17.01 11.23 -14.83
C GLU D 333 -16.55 12.28 -15.82
N LEU D 334 -15.24 12.54 -15.91
CA LEU D 334 -14.74 13.44 -16.95
C LEU D 334 -14.78 12.76 -18.33
N GLY D 335 -14.54 11.45 -18.38
CA GLY D 335 -14.64 10.75 -19.65
C GLY D 335 -16.06 10.76 -20.20
N TYR D 336 -17.04 10.45 -19.35
CA TYR D 336 -18.43 10.54 -19.77
C TYR D 336 -18.77 11.96 -20.20
N GLY D 337 -18.34 12.96 -19.41
CA GLY D 337 -18.65 14.33 -19.74
C GLY D 337 -18.12 14.75 -21.10
N ALA D 338 -16.92 14.27 -21.46
CA ALA D 338 -16.35 14.64 -22.75
C ALA D 338 -17.22 14.12 -23.89
N ILE D 339 -17.69 12.88 -23.78
CA ILE D 339 -18.58 12.33 -24.81
C ILE D 339 -19.91 13.07 -24.79
N ASP D 340 -20.38 13.46 -23.61
CA ASP D 340 -21.65 14.16 -23.50
C ASP D 340 -21.58 15.53 -24.16
N ALA D 341 -20.45 16.23 -23.99
CA ALA D 341 -20.29 17.52 -24.65
C ALA D 341 -20.26 17.36 -26.17
N PHE D 342 -19.65 16.27 -26.66
CA PHE D 342 -19.69 15.98 -28.08
C PHE D 342 -21.13 15.83 -28.56
N LEU D 343 -21.94 15.08 -27.82
CA LEU D 343 -23.32 14.85 -28.22
C LEU D 343 -24.13 16.14 -28.22
N ASN D 344 -23.93 16.98 -27.20
CA ASN D 344 -24.68 18.22 -27.08
C ASN D 344 -24.16 19.32 -27.99
N GLY D 345 -23.19 19.03 -28.86
CA GLY D 345 -22.74 19.97 -29.86
C GLY D 345 -21.63 20.90 -29.44
N HIS D 346 -21.17 20.82 -28.20
CA HIS D 346 -20.12 21.72 -27.72
C HIS D 346 -18.82 21.45 -28.46
N SER D 347 -18.00 22.49 -28.54
CA SER D 347 -16.66 22.37 -29.11
C SER D 347 -15.80 23.51 -28.57
N ALA D 348 -14.48 23.33 -28.67
CA ALA D 348 -13.50 24.26 -28.14
C ALA D 348 -13.65 24.46 -26.64
N ALA D 349 -14.25 23.50 -25.94
CA ALA D 349 -14.53 23.61 -24.53
C ALA D 349 -13.69 22.63 -23.72
N LEU D 350 -13.47 22.98 -22.46
CA LEU D 350 -12.74 22.15 -21.52
C LEU D 350 -13.70 21.47 -20.57
N ILE D 351 -13.53 20.17 -20.38
CA ILE D 351 -14.33 19.41 -19.41
C ILE D 351 -13.79 19.69 -18.02
N VAL D 352 -14.67 20.17 -17.14
CA VAL D 352 -14.32 20.46 -15.76
C VAL D 352 -15.48 20.01 -14.88
N ARG D 353 -15.20 19.82 -13.60
CA ARG D 353 -16.21 19.49 -12.61
C ARG D 353 -16.20 20.55 -11.53
N GLU D 354 -17.21 21.42 -11.56
CA GLU D 354 -17.40 22.45 -10.55
C GLU D 354 -18.70 22.14 -9.81
N ASN D 355 -18.61 22.02 -8.49
CA ASN D 355 -19.78 21.74 -7.65
C ASN D 355 -20.42 20.41 -8.02
N GLY D 356 -19.59 19.42 -8.34
CA GLY D 356 -20.09 18.08 -8.58
C GLY D 356 -20.80 17.88 -9.90
N GLN D 357 -20.53 18.73 -10.90
CA GLN D 357 -21.15 18.62 -12.21
C GLN D 357 -20.07 18.68 -13.28
N VAL D 358 -19.98 17.63 -14.10
CA VAL D 358 -19.00 17.60 -15.19
C VAL D 358 -19.60 18.35 -16.37
N LYS D 359 -19.38 19.67 -16.42
CA LYS D 359 -20.00 20.52 -17.41
C LYS D 359 -18.97 21.11 -18.37
N PRO D 360 -19.27 21.19 -19.67
CA PRO D 360 -18.36 21.86 -20.59
C PRO D 360 -18.24 23.34 -20.25
N VAL D 361 -17.02 23.85 -20.31
CA VAL D 361 -16.69 25.24 -19.96
C VAL D 361 -15.84 25.81 -21.08
N GLN D 362 -16.29 26.91 -21.69
CA GLN D 362 -15.58 27.47 -22.83
C GLN D 362 -14.23 28.05 -22.41
N PHE D 363 -13.20 27.74 -23.20
CA PHE D 363 -11.84 28.16 -22.87
C PHE D 363 -11.74 29.68 -22.75
N LYS D 364 -12.54 30.42 -23.52
CA LYS D 364 -12.53 31.87 -23.40
C LYS D 364 -12.98 32.31 -22.01
N ASP D 365 -14.00 31.66 -21.47
CA ASP D 365 -14.53 32.02 -20.17
C ASP D 365 -13.57 31.68 -19.03
N LEU D 366 -12.54 30.88 -19.27
CA LEU D 366 -11.60 30.49 -18.23
C LEU D 366 -10.17 30.98 -18.50
N LEU D 367 -9.87 31.48 -19.69
CA LEU D 367 -8.52 31.91 -20.02
C LEU D 367 -8.28 33.31 -19.47
N ASP D 368 -7.47 33.42 -18.42
CA ASP D 368 -7.17 34.72 -17.84
C ASP D 368 -6.38 35.56 -18.85
N PRO D 369 -6.82 36.79 -19.13
CA PRO D 369 -6.14 37.58 -20.18
C PRO D 369 -4.72 37.97 -19.84
N ALA D 370 -4.31 37.87 -18.56
CA ALA D 370 -2.99 38.34 -18.16
C ALA D 370 -1.89 37.62 -18.93
N THR D 371 -1.76 36.32 -18.72
CA THR D 371 -0.69 35.54 -19.32
C THR D 371 -1.07 34.91 -20.66
N GLY D 372 -2.33 35.01 -21.07
CA GLY D 372 -2.77 34.38 -22.29
C GLY D 372 -3.15 32.93 -22.08
N ARG D 373 -2.42 32.24 -21.20
CA ARG D 373 -2.68 30.85 -20.88
C ARG D 373 -3.90 30.78 -19.95
N VAL D 374 -4.19 29.59 -19.45
CA VAL D 374 -5.34 29.41 -18.56
C VAL D 374 -5.03 29.97 -17.19
N ARG D 375 -6.03 30.58 -16.56
CA ARG D 375 -5.84 31.17 -15.24
C ARG D 375 -5.36 30.10 -14.26
N THR D 376 -4.34 30.45 -13.48
CA THR D 376 -3.73 29.53 -12.52
C THR D 376 -4.17 29.92 -11.11
N ARG D 377 -4.91 29.02 -10.47
CA ARG D 377 -5.33 29.23 -9.09
C ARG D 377 -4.19 28.85 -8.16
N LEU D 378 -3.80 29.78 -7.29
CA LEU D 378 -2.75 29.53 -6.32
C LEU D 378 -3.38 29.26 -4.95
N VAL D 379 -2.53 29.04 -3.96
CA VAL D 379 -2.99 28.83 -2.59
C VAL D 379 -3.46 30.15 -2.00
N ASP D 380 -4.66 30.15 -1.44
CA ASP D 380 -5.19 31.32 -0.73
C ASP D 380 -4.64 31.28 0.70
N VAL D 381 -3.61 32.09 0.97
CA VAL D 381 -3.01 32.09 2.30
C VAL D 381 -3.78 32.93 3.30
N THR D 382 -4.87 33.57 2.87
CA THR D 382 -5.77 34.23 3.80
C THR D 382 -6.92 33.32 4.24
N SER D 383 -7.22 32.27 3.48
CA SER D 383 -8.28 31.36 3.84
C SER D 383 -8.00 30.75 5.21
N GLN D 384 -9.07 30.32 5.89
CA GLN D 384 -8.89 29.70 7.19
C GLN D 384 -8.09 28.40 7.06
N SER D 385 -8.34 27.64 5.98
CA SER D 385 -7.65 26.36 5.80
C SER D 385 -6.14 26.54 5.89
N PHE D 386 -5.59 27.59 5.28
CA PHE D 386 -4.16 27.85 5.39
C PHE D 386 -3.79 28.27 6.81
N LYS D 387 -4.68 28.99 7.50
CA LYS D 387 -4.40 29.37 8.87
C LYS D 387 -4.33 28.15 9.78
N VAL D 388 -5.19 27.15 9.55
CA VAL D 388 -5.19 25.95 10.39
C VAL D 388 -3.86 25.22 10.24
N ALA D 389 -3.39 25.09 8.99
CA ALA D 389 -2.10 24.44 8.76
C ALA D 389 -0.99 25.16 9.51
N ARG D 390 -1.06 26.49 9.59
CA ARG D 390 -0.01 27.25 10.25
C ARG D 390 -0.02 27.03 11.76
N VAL D 391 -1.17 26.78 12.36
CA VAL D 391 -1.23 26.60 13.81
C VAL D 391 -0.45 25.36 14.22
N TYR D 392 -0.47 24.31 13.40
CA TYR D 392 0.22 23.06 13.70
C TYR D 392 1.63 23.00 13.14
N MET D 393 2.24 24.14 12.85
CA MET D 393 3.64 24.20 12.45
C MET D 393 4.50 24.69 13.61
N TRP D 394 5.80 24.64 13.41
CA TRP D 394 6.77 25.15 14.38
C TRP D 394 7.42 26.38 13.75
N ARG D 395 7.09 27.55 14.25
CA ARG D 395 7.58 28.80 13.69
C ARG D 395 7.40 29.90 14.71
N MET D 396 8.26 30.93 14.61
CA MET D 396 8.17 32.10 15.47
C MET D 396 7.22 33.10 14.81
N SER D 397 6.05 33.29 15.42
CA SER D 397 5.04 34.19 14.90
C SER D 397 5.34 35.62 15.36
N LYS D 398 4.43 36.54 15.04
CA LYS D 398 4.57 37.91 15.53
C LYS D 398 4.51 37.96 17.05
N LYS D 399 3.58 37.20 17.65
CA LYS D 399 3.49 37.17 19.10
C LYS D 399 4.68 36.44 19.73
N ASP D 400 5.21 35.42 19.04
CA ASP D 400 6.29 34.62 19.62
C ASP D 400 7.53 35.46 19.87
N TYR D 401 7.89 36.34 18.92
CA TYR D 401 9.04 37.20 19.11
C TYR D 401 8.86 38.19 20.25
N GLU D 402 7.60 38.48 20.62
CA GLU D 402 7.31 39.41 21.70
C GLU D 402 7.22 38.73 23.06
N ASN D 403 7.47 37.43 23.14
CA ASN D 403 7.48 36.69 24.39
C ASN D 403 8.93 36.56 24.84
N LYS D 404 9.30 37.32 25.88
CA LYS D 404 10.70 37.34 26.30
C LYS D 404 11.15 35.98 26.81
N ASP D 405 10.29 35.28 27.54
CA ASP D 405 10.65 33.96 28.04
C ASP D 405 10.88 32.98 26.88
N LEU D 406 10.02 33.03 25.87
CA LEU D 406 10.21 32.15 24.71
C LEU D 406 11.49 32.50 23.96
N VAL D 407 11.65 33.77 23.61
CA VAL D 407 12.84 34.21 22.88
C VAL D 407 14.10 33.84 23.66
N ALA D 408 14.02 33.83 24.99
CA ALA D 408 15.18 33.50 25.80
C ALA D 408 15.59 32.05 25.60
N ARG D 409 14.62 31.13 25.64
CA ARG D 409 14.95 29.72 25.48
C ARG D 409 15.41 29.42 24.05
N VAL D 410 14.74 30.02 23.06
CA VAL D 410 15.08 29.74 21.67
C VAL D 410 16.49 30.24 21.36
N ALA D 411 16.79 31.47 21.76
CA ALA D 411 18.14 32.00 21.54
C ALA D 411 19.19 31.20 22.30
N ALA D 412 18.84 30.72 23.50
CA ALA D 412 19.75 29.88 24.25
C ALA D 412 20.03 28.58 23.51
N ALA D 413 19.01 28.00 22.88
CA ALA D 413 19.21 26.78 22.11
C ALA D 413 20.21 26.99 20.97
N GLY D 414 20.26 28.21 20.42
CA GLY D 414 21.20 28.55 19.37
C GLY D 414 22.55 29.00 19.85
N LYS D 415 22.78 29.01 21.17
CA LYS D 415 24.03 29.48 21.75
C LYS D 415 24.31 30.93 21.35
N MET D 416 23.24 31.70 21.18
CA MET D 416 23.29 33.15 20.99
C MET D 416 22.44 33.80 22.08
N THR D 417 22.61 35.11 22.23
CA THR D 417 21.89 35.84 23.26
C THR D 417 20.48 36.18 22.77
N PRO D 418 19.55 36.42 23.69
CA PRO D 418 18.22 36.88 23.27
C PRO D 418 18.27 38.09 22.36
N GLU D 419 19.38 38.84 22.41
CA GLU D 419 19.50 40.08 21.64
C GLU D 419 19.91 39.78 20.20
N ALA D 420 21.00 39.03 20.02
CA ALA D 420 21.43 38.67 18.67
C ALA D 420 20.34 37.88 17.93
N PHE D 421 19.59 37.06 18.66
CA PHE D 421 18.50 36.32 18.03
C PHE D 421 17.44 37.26 17.48
N THR D 422 17.09 38.30 18.24
CA THR D 422 16.08 39.24 17.76
C THR D 422 16.61 40.07 16.59
N GLU D 423 17.90 40.41 16.61
CA GLU D 423 18.48 41.13 15.47
C GLU D 423 18.34 40.30 14.21
N LYS D 424 18.66 39.01 14.30
CA LYS D 424 18.78 38.16 13.11
C LYS D 424 17.42 37.81 12.53
N PHE D 425 16.46 37.41 13.38
CA PHE D 425 15.28 36.69 12.92
C PHE D 425 13.97 37.47 13.03
N ALA D 426 13.91 38.51 13.87
CA ALA D 426 12.64 39.18 14.10
C ALA D 426 12.10 39.86 12.84
N HIS D 427 12.97 40.15 11.87
CA HIS D 427 12.53 40.80 10.64
C HIS D 427 11.66 39.88 9.79
N LEU D 428 11.68 38.57 10.05
CA LEU D 428 10.99 37.62 9.19
C LEU D 428 9.48 37.82 9.20
N THR D 429 8.94 38.53 10.20
CA THR D 429 7.51 38.80 10.23
C THR D 429 7.08 39.73 9.10
N ASP D 430 8.01 40.37 8.42
CA ASP D 430 7.72 41.23 7.28
C ASP D 430 7.98 40.55 5.94
N VAL D 431 8.44 39.30 5.94
CA VAL D 431 8.75 38.60 4.69
C VAL D 431 7.62 37.64 4.35
N VAL D 432 7.00 37.06 5.39
CA VAL D 432 5.92 36.09 5.21
C VAL D 432 4.70 36.58 5.95
N VAL D 433 3.52 36.35 5.36
CA VAL D 433 2.28 36.65 6.06
C VAL D 433 2.20 35.80 7.31
N GLU D 434 1.91 36.42 8.44
CA GLU D 434 1.81 35.69 9.70
C GLU D 434 0.57 34.78 9.69
#